data_7MFQ
#
_entry.id   7MFQ
#
_cell.length_a   91.210
_cell.length_b   108.515
_cell.length_c   146.058
_cell.angle_alpha   90.000
_cell.angle_beta   90.000
_cell.angle_gamma   90.000
#
_symmetry.space_group_name_H-M   'P 21 21 21'
#
loop_
_entity.id
_entity.type
_entity.pdbx_description
1 polymer 'L136 aminotransferase'
2 non-polymer '(2R,3R,4S,5S,6R)-3,4-DIHYDROXY-5-[({3-HYDROXY-2-METHYL-5-[(PHOSPHONOOXY)METHYL]PYRIDIN-4-YL}METHYL)IMINO]-6-METHYLTETRAHYDRO-2H-PYRAN-2-YL [(2R,3S,5R)-3-HYDROXY-5-(5-METHYL-2,4-DIOXO-3,4-DIHYDROPYRIMIDIN-1(2H)-YL)TETRAHYDROFURAN-2-YL]METHYL DIHYDROGEN DIPHOSPHATE'
3 non-polymer 'CHLORIDE ION'
4 non-polymer 1,2-ETHANEDIOL
5 non-polymer 'SODIUM ION'
6 water water
#
_entity_poly.entity_id   1
_entity_poly.type   'polypeptide(L)'
_entity_poly.pdbx_seq_one_letter_code
;GGGHMGLEKLTWVSEKKPDWSNVQKLIAACEATNQYTNIGPIISQLESFIRDSFLIEESKAVIVTSNGTSALHALVGGIN
RQLGRELKFVTQSFTFPSSNQGPLKDSIIVDIDEDGGLDLNAVKNIEYDGIIVTNIHGNVVDINKYVDFCMNHNKLLIFD
NAATGYTFYLGKNSCNYGHASIISFHHTAPFGFGEGGCIIVDRLYENNIRIGLNFGLDNSLGEKSQYSNQASNYRMCDLN
AAFILSYLQNNYKKIINRHSEIYEIYKNNLPKRFKLFPNHSKKNPVCSSICLLFDKPFRLDKIPFLSRKYYKPLDLSSPV
SLDFYQRILCIPCNIDLTDRQIYEIIGVLNEFADKN
;
_entity_poly.pdbx_strand_id   A,B,C,D
#
# COMPACT_ATOMS: atom_id res chain seq x y z
N GLY A 6 -17.76 -44.35 18.06
CA GLY A 6 -17.71 -43.42 16.87
C GLY A 6 -16.49 -42.52 16.90
N LEU A 7 -15.83 -42.46 18.08
CA LEU A 7 -14.74 -41.47 18.32
C LEU A 7 -13.39 -42.06 17.92
N GLU A 8 -13.33 -43.36 17.61
CA GLU A 8 -12.13 -44.03 17.06
C GLU A 8 -11.66 -43.29 15.81
N LYS A 9 -12.54 -42.79 14.95
CA LYS A 9 -12.07 -42.29 13.63
C LYS A 9 -11.87 -40.76 13.67
N LEU A 10 -11.97 -40.10 14.82
CA LEU A 10 -11.55 -38.68 14.96
C LEU A 10 -10.12 -38.50 14.42
N THR A 11 -9.89 -37.47 13.62
CA THR A 11 -8.57 -37.00 13.13
C THR A 11 -8.43 -35.52 13.53
N TRP A 12 -7.20 -35.07 13.78
CA TRP A 12 -6.94 -33.66 14.12
C TRP A 12 -7.34 -32.77 12.93
N VAL A 13 -7.00 -33.26 11.74
CA VAL A 13 -7.02 -32.50 10.46
C VAL A 13 -8.00 -33.25 9.55
N SER A 14 -8.79 -32.57 8.72
CA SER A 14 -9.57 -33.28 7.68
C SER A 14 -8.58 -33.98 6.73
N GLU A 15 -9.06 -35.01 6.07
CA GLU A 15 -8.35 -35.66 4.95
C GLU A 15 -8.15 -34.58 3.88
N LYS A 16 -6.91 -34.35 3.50
CA LYS A 16 -6.54 -33.35 2.47
C LYS A 16 -5.80 -34.12 1.38
N LYS A 17 -6.22 -33.86 0.17
CA LYS A 17 -5.82 -34.61 -1.02
C LYS A 17 -5.68 -33.56 -2.10
N PRO A 18 -4.56 -33.56 -2.84
CA PRO A 18 -4.37 -32.61 -3.92
C PRO A 18 -5.46 -32.76 -5.00
N ASP A 19 -6.00 -31.66 -5.48
CA ASP A 19 -6.84 -31.72 -6.71
C ASP A 19 -5.85 -31.69 -7.87
N TRP A 20 -5.43 -32.86 -8.31
CA TRP A 20 -4.20 -32.96 -9.15
C TRP A 20 -4.41 -32.24 -10.47
N SER A 21 -5.60 -32.30 -11.08
CA SER A 21 -5.79 -31.68 -12.41
C SER A 21 -5.64 -30.18 -12.23
N ASN A 22 -6.15 -29.64 -11.10
CA ASN A 22 -6.08 -28.18 -10.78
C ASN A 22 -4.64 -27.77 -10.46
N VAL A 23 -3.93 -28.57 -9.68
CA VAL A 23 -2.51 -28.29 -9.29
C VAL A 23 -1.64 -28.32 -10.54
N GLN A 24 -1.83 -29.31 -11.40
CA GLN A 24 -1.10 -29.48 -12.69
C GLN A 24 -1.34 -28.25 -13.56
N LYS A 25 -2.59 -27.77 -13.61
CA LYS A 25 -3.00 -26.59 -14.41
C LYS A 25 -2.27 -25.35 -13.88
N LEU A 26 -2.19 -25.21 -12.55
CA LEU A 26 -1.50 -24.02 -11.94
C LEU A 26 0.01 -24.10 -12.21
N ILE A 27 0.62 -25.27 -12.03
CA ILE A 27 2.09 -25.44 -12.17
C ILE A 27 2.51 -25.46 -13.65
N ALA A 28 1.58 -25.62 -14.61
CA ALA A 28 1.83 -25.44 -16.06
C ALA A 28 2.47 -24.05 -16.34
N ALA A 29 2.05 -23.02 -15.63
CA ALA A 29 2.67 -21.68 -15.72
C ALA A 29 4.16 -21.78 -15.36
N CYS A 30 4.51 -22.55 -14.33
CA CYS A 30 5.93 -22.79 -13.93
C CYS A 30 6.64 -23.57 -15.04
N GLU A 31 6.03 -24.64 -15.55
CA GLU A 31 6.65 -25.50 -16.61
C GLU A 31 6.99 -24.66 -17.86
N ALA A 32 6.14 -23.72 -18.23
CA ALA A 32 6.23 -22.91 -19.46
C ALA A 32 7.46 -22.02 -19.39
N THR A 33 7.87 -21.56 -18.19
CA THR A 33 8.95 -20.54 -18.03
C THR A 33 10.13 -21.11 -17.23
N ASN A 34 10.03 -22.34 -16.72
CA ASN A 34 11.03 -22.95 -15.81
C ASN A 34 11.19 -22.13 -14.51
N GLN A 35 10.22 -21.30 -14.12
CA GLN A 35 10.28 -20.48 -12.87
C GLN A 35 9.37 -21.13 -11.82
N TYR A 36 9.98 -21.77 -10.83
CA TYR A 36 9.27 -22.51 -9.76
C TYR A 36 9.53 -21.87 -8.39
N THR A 37 10.38 -20.87 -8.32
CA THR A 37 10.63 -20.13 -7.07
C THR A 37 11.25 -18.79 -7.43
N ASN A 38 11.77 -18.08 -6.42
CA ASN A 38 12.20 -16.66 -6.52
C ASN A 38 11.06 -15.84 -7.11
N ILE A 39 9.82 -16.10 -6.65
CA ILE A 39 8.55 -15.42 -7.06
C ILE A 39 8.22 -15.79 -8.51
N GLY A 40 7.74 -17.00 -8.72
CA GLY A 40 7.24 -17.46 -10.02
C GLY A 40 5.83 -16.94 -10.28
N PRO A 41 5.11 -17.53 -11.24
CA PRO A 41 3.80 -17.02 -11.67
C PRO A 41 2.65 -17.37 -10.71
N ILE A 42 2.87 -18.24 -9.71
CA ILE A 42 1.80 -18.66 -8.75
C ILE A 42 1.75 -17.70 -7.55
N ILE A 43 2.87 -17.10 -7.13
CA ILE A 43 2.92 -16.30 -5.87
C ILE A 43 1.83 -15.23 -5.88
N SER A 44 1.78 -14.38 -6.92
CA SER A 44 0.78 -13.28 -7.08
C SER A 44 -0.64 -13.86 -7.02
N GLN A 45 -0.84 -15.03 -7.63
CA GLN A 45 -2.17 -15.70 -7.68
C GLN A 45 -2.65 -16.02 -6.26
N LEU A 46 -1.79 -16.62 -5.40
CA LEU A 46 -2.16 -17.03 -4.03
C LEU A 46 -2.33 -15.78 -3.17
N GLU A 47 -1.41 -14.83 -3.32
CA GLU A 47 -1.48 -13.54 -2.57
C GLU A 47 -2.81 -12.82 -2.86
N SER A 48 -3.24 -12.79 -4.12
CA SER A 48 -4.52 -12.17 -4.57
C SER A 48 -5.70 -12.88 -3.92
N PHE A 49 -5.74 -14.21 -4.05
CA PHE A 49 -6.80 -15.07 -3.48
C PHE A 49 -6.92 -14.81 -1.98
N ILE A 50 -5.81 -14.79 -1.26
CA ILE A 50 -5.81 -14.53 0.21
C ILE A 50 -6.36 -13.11 0.42
N ARG A 51 -5.92 -12.13 -0.36
CA ARG A 51 -6.47 -10.74 -0.24
C ARG A 51 -7.98 -10.75 -0.48
N ASP A 52 -8.46 -11.39 -1.55
CA ASP A 52 -9.88 -11.27 -1.96
C ASP A 52 -10.75 -12.16 -1.08
N SER A 53 -10.28 -13.34 -0.66
CA SER A 53 -11.12 -14.33 0.04
C SER A 53 -11.16 -14.06 1.54
N PHE A 54 -10.03 -13.67 2.12
CA PHE A 54 -9.90 -13.42 3.57
C PHE A 54 -10.24 -11.96 3.89
N LEU A 55 -10.42 -11.11 2.86
CA LEU A 55 -10.92 -9.72 3.03
C LEU A 55 -9.90 -8.91 3.81
N ILE A 56 -8.69 -8.85 3.26
CA ILE A 56 -7.57 -8.00 3.71
C ILE A 56 -7.75 -6.63 3.06
N GLU A 57 -7.52 -5.55 3.81
CA GLU A 57 -7.64 -4.15 3.33
C GLU A 57 -6.44 -3.77 2.45
N GLU A 58 -6.60 -2.75 1.59
CA GLU A 58 -5.58 -2.32 0.60
C GLU A 58 -4.41 -1.64 1.30
N SER A 59 -4.57 -1.14 2.53
CA SER A 59 -3.45 -0.52 3.29
C SER A 59 -2.54 -1.60 3.88
N LYS A 60 -2.78 -2.87 3.53
CA LYS A 60 -1.98 -4.05 3.94
C LYS A 60 -1.46 -4.81 2.73
N ALA A 61 -0.15 -5.07 2.74
CA ALA A 61 0.52 -6.09 1.87
C ALA A 61 0.07 -7.51 2.28
N VAL A 62 -0.15 -8.39 1.32
CA VAL A 62 -0.23 -9.87 1.56
C VAL A 62 1.05 -10.50 1.01
N ILE A 63 1.90 -11.07 1.89
CA ILE A 63 3.28 -11.56 1.54
C ILE A 63 3.38 -13.02 1.98
N VAL A 64 3.33 -13.96 1.05
CA VAL A 64 3.49 -15.38 1.44
C VAL A 64 4.97 -15.68 1.71
N THR A 65 5.19 -16.67 2.55
CA THR A 65 6.50 -17.15 3.02
C THR A 65 6.47 -18.68 3.09
N SER A 66 7.61 -19.29 3.43
CA SER A 66 7.82 -20.76 3.46
C SER A 66 6.96 -21.43 4.56
N ASN A 67 6.70 -20.74 5.68
CA ASN A 67 5.87 -21.31 6.78
C ASN A 67 5.42 -20.17 7.70
N GLY A 68 4.58 -20.47 8.69
CA GLY A 68 4.10 -19.47 9.66
C GLY A 68 5.26 -18.87 10.42
N THR A 69 6.22 -19.69 10.79
CA THR A 69 7.42 -19.24 11.51
C THR A 69 8.18 -18.20 10.67
N SER A 70 8.46 -18.51 9.40
CA SER A 70 9.21 -17.59 8.47
C SER A 70 8.38 -16.35 8.15
N ALA A 71 7.04 -16.41 8.25
CA ALA A 71 6.21 -15.19 8.08
C ALA A 71 6.55 -14.24 9.24
N LEU A 72 6.50 -14.75 10.47
CA LEU A 72 6.85 -13.95 11.66
C LEU A 72 8.30 -13.44 11.55
N HIS A 73 9.24 -14.30 11.15
CA HIS A 73 10.69 -13.98 11.19
C HIS A 73 11.01 -12.97 10.08
N ALA A 74 10.42 -13.14 8.90
CA ALA A 74 10.54 -12.23 7.71
C ALA A 74 9.95 -10.86 8.06
N LEU A 75 8.83 -10.87 8.79
CA LEU A 75 8.17 -9.63 9.24
C LEU A 75 9.12 -8.85 10.14
N VAL A 76 9.71 -9.51 11.13
CA VAL A 76 10.63 -8.85 12.10
C VAL A 76 11.93 -8.45 11.38
N GLY A 77 12.47 -9.29 10.50
CA GLY A 77 13.71 -8.99 9.76
C GLY A 77 13.57 -7.79 8.85
N GLY A 78 12.48 -7.73 8.09
CA GLY A 78 12.14 -6.58 7.24
C GLY A 78 12.10 -5.29 8.06
N ILE A 79 11.40 -5.32 9.20
CA ILE A 79 11.24 -4.11 10.05
C ILE A 79 12.58 -3.77 10.67
N ASN A 80 13.32 -4.73 11.21
CA ASN A 80 14.68 -4.48 11.73
C ASN A 80 15.53 -3.76 10.68
N ARG A 81 15.53 -4.24 9.45
CA ARG A 81 16.37 -3.64 8.39
C ARG A 81 15.84 -2.25 8.09
N GLN A 82 14.52 -2.06 8.00
CA GLN A 82 13.94 -0.73 7.67
C GLN A 82 14.35 0.29 8.74
N LEU A 83 14.33 -0.08 10.02
CA LEU A 83 14.60 0.87 11.13
C LEU A 83 16.09 0.92 11.50
N GLY A 84 16.92 0.05 10.94
CA GLY A 84 18.38 0.09 11.13
C GLY A 84 18.81 -0.39 12.52
N ARG A 85 18.01 -1.26 13.13
CA ARG A 85 18.21 -1.71 14.53
C ARG A 85 17.52 -3.08 14.73
N GLU A 86 18.06 -3.93 15.57
CA GLU A 86 17.37 -5.20 15.95
C GLU A 86 16.35 -4.89 17.05
N LEU A 87 15.07 -4.87 16.70
CA LEU A 87 13.95 -4.45 17.59
C LEU A 87 13.71 -5.53 18.65
N LYS A 88 13.38 -5.08 19.85
CA LYS A 88 13.09 -5.93 21.03
C LYS A 88 11.58 -6.13 21.11
N PHE A 89 11.09 -7.36 20.94
CA PHE A 89 9.65 -7.69 21.04
C PHE A 89 9.37 -8.39 22.36
N VAL A 90 8.17 -8.19 22.91
CA VAL A 90 7.63 -9.03 24.02
C VAL A 90 6.63 -10.02 23.39
N THR A 91 6.67 -11.28 23.83
CA THR A 91 5.69 -12.28 23.40
C THR A 91 5.05 -12.85 24.66
N GLN A 92 3.93 -13.54 24.51
CA GLN A 92 3.19 -14.12 25.66
C GLN A 92 3.78 -15.51 25.88
N SER A 93 3.74 -15.99 27.12
CA SER A 93 4.27 -17.33 27.46
C SER A 93 3.38 -18.40 26.81
N PHE A 94 2.10 -18.12 26.70
CA PHE A 94 1.07 -19.07 26.22
C PHE A 94 1.02 -18.92 24.70
N THR A 95 2.02 -19.45 24.00
CA THR A 95 2.10 -19.37 22.53
C THR A 95 3.05 -20.45 22.06
N PHE A 96 3.22 -20.54 20.73
CA PHE A 96 4.11 -21.50 20.06
C PHE A 96 5.52 -20.92 20.07
N PRO A 97 6.55 -21.77 19.98
CA PRO A 97 7.94 -21.32 20.02
C PRO A 97 8.45 -20.29 18.99
N SER A 98 7.76 -20.15 17.87
CA SER A 98 8.13 -19.22 16.78
C SER A 98 8.49 -17.82 17.31
N SER A 99 7.78 -17.28 18.30
CA SER A 99 7.96 -15.86 18.71
C SER A 99 9.11 -15.71 19.73
N ASN A 100 9.86 -16.78 19.97
CA ASN A 100 11.15 -16.74 20.72
C ASN A 100 12.24 -17.43 19.88
N GLN A 101 12.25 -17.24 18.56
CA GLN A 101 13.24 -17.88 17.67
C GLN A 101 13.66 -16.91 16.57
N GLY A 102 14.75 -17.24 15.86
CA GLY A 102 15.25 -16.42 14.75
C GLY A 102 15.51 -15.01 15.27
N PRO A 103 15.04 -13.94 14.58
CA PRO A 103 15.30 -12.56 15.03
C PRO A 103 14.55 -12.26 16.35
N LEU A 104 13.67 -13.16 16.79
CA LEU A 104 12.96 -13.05 18.09
C LEU A 104 13.59 -14.00 19.12
N LYS A 105 14.78 -14.52 18.90
CA LYS A 105 15.34 -15.57 19.82
C LYS A 105 15.58 -14.97 21.21
N ASP A 106 15.72 -13.64 21.29
CA ASP A 106 16.00 -12.96 22.57
C ASP A 106 14.79 -12.09 22.96
N SER A 107 13.61 -12.41 22.44
CA SER A 107 12.33 -11.76 22.82
C SER A 107 12.11 -11.93 24.32
N ILE A 108 11.43 -10.97 24.93
CA ILE A 108 11.04 -11.07 26.36
C ILE A 108 9.73 -11.83 26.41
N ILE A 109 9.66 -12.83 27.30
CA ILE A 109 8.43 -13.62 27.54
C ILE A 109 7.71 -13.09 28.80
N VAL A 110 6.46 -12.67 28.67
CA VAL A 110 5.57 -12.29 29.82
C VAL A 110 4.34 -13.18 29.79
N ASP A 111 3.58 -13.16 30.88
CA ASP A 111 2.35 -13.96 31.04
C ASP A 111 1.21 -13.36 30.19
N ILE A 112 0.22 -14.18 29.88
CA ILE A 112 -1.12 -13.74 29.42
C ILE A 112 -1.89 -13.25 30.66
N ASP A 113 -2.96 -12.51 30.42
CA ASP A 113 -4.05 -12.25 31.38
C ASP A 113 -5.16 -13.27 31.10
N GLU A 114 -6.25 -13.24 31.86
CA GLU A 114 -7.24 -14.34 31.86
C GLU A 114 -8.07 -14.30 30.58
N ASP A 115 -7.89 -13.25 29.75
CA ASP A 115 -8.59 -13.11 28.44
C ASP A 115 -7.77 -13.77 27.30
N GLY A 116 -6.62 -14.38 27.60
CA GLY A 116 -5.89 -15.27 26.68
C GLY A 116 -4.76 -14.61 25.91
N GLY A 117 -4.52 -13.31 26.11
CA GLY A 117 -3.49 -12.51 25.41
C GLY A 117 -2.47 -11.92 26.36
N LEU A 118 -1.28 -11.62 25.83
CA LEU A 118 -0.18 -10.87 26.50
C LEU A 118 -0.77 -9.89 27.52
N ASP A 119 -0.32 -9.98 28.77
CA ASP A 119 -0.76 -9.14 29.91
C ASP A 119 -0.07 -7.76 29.81
N LEU A 120 -0.79 -6.74 29.38
CA LEU A 120 -0.22 -5.39 29.21
C LEU A 120 0.42 -4.86 30.51
N ASN A 121 -0.04 -5.30 31.69
CA ASN A 121 0.49 -4.83 33.01
C ASN A 121 1.93 -5.28 33.15
N ALA A 122 2.32 -6.34 32.43
CA ALA A 122 3.66 -6.94 32.52
C ALA A 122 4.69 -6.14 31.69
N VAL A 123 4.28 -5.22 30.84
CA VAL A 123 5.21 -4.38 30.02
C VAL A 123 5.06 -2.89 30.36
N LYS A 124 4.42 -2.54 31.48
CA LYS A 124 4.28 -1.11 31.91
C LYS A 124 5.67 -0.50 32.12
N ASN A 125 6.58 -1.23 32.75
CA ASN A 125 7.86 -0.69 33.25
C ASN A 125 9.07 -1.49 32.73
N ILE A 126 9.13 -1.74 31.42
CA ILE A 126 10.29 -2.46 30.80
C ILE A 126 10.51 -1.86 29.40
N GLU A 127 11.71 -2.07 28.83
CA GLU A 127 12.14 -1.51 27.52
C GLU A 127 11.81 -2.52 26.43
N TYR A 128 11.14 -2.06 25.39
CA TYR A 128 10.70 -2.91 24.27
C TYR A 128 10.24 -1.99 23.16
N ASP A 129 10.25 -2.50 21.93
CA ASP A 129 9.88 -1.77 20.70
C ASP A 129 8.49 -2.19 20.28
N GLY A 130 8.07 -3.40 20.64
CA GLY A 130 6.79 -3.94 20.16
C GLY A 130 6.37 -5.18 20.90
N ILE A 131 5.13 -5.58 20.67
CA ILE A 131 4.55 -6.78 21.32
C ILE A 131 3.99 -7.71 20.25
N ILE A 132 4.08 -9.01 20.56
CA ILE A 132 3.43 -10.08 19.77
C ILE A 132 2.36 -10.72 20.67
N VAL A 133 1.13 -10.62 20.20
CA VAL A 133 -0.08 -11.11 20.90
C VAL A 133 -0.63 -12.25 20.08
N THR A 134 -0.82 -13.43 20.70
CA THR A 134 -1.34 -14.64 20.02
C THR A 134 -2.85 -14.71 20.19
N ASN A 135 -3.58 -14.73 19.08
CA ASN A 135 -5.02 -15.07 18.98
C ASN A 135 -5.14 -16.61 18.93
N ILE A 136 -5.38 -17.23 20.08
CA ILE A 136 -5.29 -18.70 20.30
C ILE A 136 -6.35 -19.49 19.49
N HIS A 137 -5.89 -20.32 18.55
CA HIS A 137 -6.66 -21.37 17.83
C HIS A 137 -7.93 -20.82 17.19
N GLY A 138 -7.89 -19.58 16.71
CA GLY A 138 -9.03 -18.98 16.00
C GLY A 138 -9.79 -17.99 16.87
N ASN A 139 -9.64 -18.12 18.18
CA ASN A 139 -10.16 -17.13 19.17
C ASN A 139 -9.37 -15.84 19.02
N VAL A 140 -9.99 -14.69 19.31
CA VAL A 140 -9.30 -13.36 19.29
C VAL A 140 -9.40 -12.72 20.67
N VAL A 141 -8.33 -12.08 21.06
CA VAL A 141 -8.28 -11.21 22.26
C VAL A 141 -9.17 -9.98 22.05
N ASP A 142 -9.31 -9.16 23.08
CA ASP A 142 -9.85 -7.79 22.96
C ASP A 142 -8.83 -6.97 22.16
N ILE A 143 -8.92 -7.02 20.83
CA ILE A 143 -7.87 -6.49 19.92
C ILE A 143 -7.71 -4.97 20.17
N ASN A 144 -8.80 -4.23 20.31
CA ASN A 144 -8.70 -2.75 20.48
C ASN A 144 -7.95 -2.38 21.76
N LYS A 145 -7.99 -3.18 22.82
CA LYS A 145 -7.19 -2.78 24.01
C LYS A 145 -5.69 -2.82 23.63
N TYR A 146 -5.28 -3.70 22.71
CA TYR A 146 -3.84 -3.81 22.31
C TYR A 146 -3.51 -2.68 21.32
N VAL A 147 -4.36 -2.44 20.33
CA VAL A 147 -4.22 -1.31 19.36
C VAL A 147 -4.07 0.01 20.17
N ASP A 148 -4.98 0.26 21.11
CA ASP A 148 -4.99 1.50 21.92
C ASP A 148 -3.68 1.61 22.71
N PHE A 149 -3.30 0.56 23.42
CA PHE A 149 -2.11 0.59 24.29
C PHE A 149 -0.85 0.91 23.47
N CYS A 150 -0.69 0.26 22.31
CA CYS A 150 0.53 0.38 21.47
C CYS A 150 0.55 1.76 20.79
N MET A 151 -0.60 2.25 20.35
CA MET A 151 -0.74 3.65 19.84
C MET A 151 -0.36 4.62 20.95
N ASN A 152 -0.87 4.47 22.17
CA ASN A 152 -0.53 5.36 23.33
C ASN A 152 0.97 5.31 23.67
N HIS A 153 1.63 4.16 23.57
CA HIS A 153 3.02 4.01 24.08
C HIS A 153 4.01 4.01 22.92
N ASN A 154 3.56 4.29 21.70
CA ASN A 154 4.43 4.28 20.49
C ASN A 154 5.19 2.93 20.41
N LYS A 155 4.46 1.82 20.32
CA LYS A 155 5.02 0.44 20.25
C LYS A 155 4.46 -0.25 19.02
N LEU A 156 5.25 -1.11 18.37
CA LEU A 156 4.74 -1.95 17.26
C LEU A 156 3.86 -3.06 17.83
N LEU A 157 2.83 -3.48 17.09
CA LEU A 157 1.86 -4.53 17.50
C LEU A 157 1.77 -5.57 16.38
N ILE A 158 2.20 -6.79 16.66
CA ILE A 158 2.03 -7.94 15.73
C ILE A 158 1.04 -8.91 16.36
N PHE A 159 0.07 -9.39 15.59
CA PHE A 159 -0.83 -10.51 16.00
C PHE A 159 -0.31 -11.81 15.39
N ASP A 160 0.03 -12.77 16.24
CA ASP A 160 0.33 -14.16 15.81
C ASP A 160 -1.01 -14.84 15.56
N ASN A 161 -1.47 -14.72 14.33
CA ASN A 161 -2.73 -15.31 13.80
C ASN A 161 -2.43 -16.62 13.05
N ALA A 162 -1.41 -17.36 13.46
CA ALA A 162 -1.00 -18.62 12.78
C ALA A 162 -2.24 -19.49 12.60
N ALA A 163 -3.04 -19.62 13.68
CA ALA A 163 -4.20 -20.52 13.73
C ALA A 163 -5.51 -19.74 13.50
N THR A 164 -5.44 -18.51 13.00
CA THR A 164 -6.57 -17.53 13.06
C THR A 164 -6.66 -16.72 11.76
N GLY A 165 -7.11 -17.33 10.68
CA GLY A 165 -7.15 -16.71 9.35
C GLY A 165 -8.45 -16.02 9.05
N TYR A 166 -9.54 -16.33 9.77
CA TYR A 166 -10.88 -15.84 9.38
C TYR A 166 -11.75 -15.71 10.63
N THR A 167 -11.25 -15.00 11.63
CA THR A 167 -12.05 -14.53 12.79
C THR A 167 -12.18 -13.00 12.65
N PHE A 168 -13.41 -12.50 12.66
CA PHE A 168 -13.71 -11.07 12.39
C PHE A 168 -13.88 -10.34 13.72
N TYR A 169 -13.34 -9.12 13.77
CA TYR A 169 -13.37 -8.22 14.95
C TYR A 169 -13.88 -6.86 14.47
N LEU A 170 -15.05 -6.45 14.99
CA LEU A 170 -15.72 -5.17 14.64
C LEU A 170 -15.70 -5.01 13.11
N GLY A 171 -16.15 -6.03 12.40
CA GLY A 171 -16.49 -5.94 10.96
C GLY A 171 -15.31 -6.19 10.02
N LYS A 172 -14.14 -6.60 10.50
CA LYS A 172 -13.02 -6.92 9.58
C LYS A 172 -12.15 -8.06 10.13
N ASN A 173 -11.52 -8.77 9.20
CA ASN A 173 -10.66 -9.93 9.52
C ASN A 173 -9.65 -9.44 10.54
N SER A 174 -9.49 -10.17 11.64
CA SER A 174 -8.56 -9.80 12.73
C SER A 174 -7.16 -9.56 12.16
N CYS A 175 -6.82 -10.15 11.01
CA CYS A 175 -5.47 -9.98 10.38
C CYS A 175 -5.18 -8.51 10.02
N ASN A 176 -6.22 -7.66 9.93
CA ASN A 176 -6.08 -6.26 9.46
C ASN A 176 -5.70 -5.35 10.63
N TYR A 177 -5.64 -5.87 11.85
CA TYR A 177 -5.32 -5.06 13.05
C TYR A 177 -3.84 -5.20 13.45
N GLY A 178 -3.38 -4.25 14.27
CA GLY A 178 -1.97 -4.05 14.60
C GLY A 178 -1.22 -3.54 13.39
N HIS A 179 0.09 -3.37 13.47
CA HIS A 179 0.92 -3.03 12.28
C HIS A 179 0.98 -4.21 11.30
N ALA A 180 0.83 -5.46 11.81
CA ALA A 180 0.91 -6.69 10.99
C ALA A 180 0.27 -7.86 11.72
N SER A 181 -0.05 -8.90 10.96
CA SER A 181 -0.34 -10.26 11.48
C SER A 181 0.33 -11.30 10.59
N ILE A 182 0.49 -12.50 11.11
CA ILE A 182 0.92 -13.68 10.32
C ILE A 182 -0.11 -14.80 10.48
N ILE A 183 -0.29 -15.61 9.44
CA ILE A 183 -1.12 -16.84 9.41
C ILE A 183 -0.24 -18.00 8.93
N SER A 184 -0.61 -19.21 9.31
CA SER A 184 0.08 -20.46 8.91
C SER A 184 -0.79 -21.25 7.93
N PHE A 185 -0.17 -21.81 6.89
CA PHE A 185 -0.74 -22.80 5.96
C PHE A 185 -0.09 -24.16 6.21
N HIS A 186 0.43 -24.38 7.42
CA HIS A 186 0.85 -25.73 7.87
C HIS A 186 -0.33 -26.70 7.70
N HIS A 187 -0.01 -27.96 7.43
CA HIS A 187 -1.01 -29.01 7.15
C HIS A 187 -2.02 -29.09 8.31
N THR A 188 -1.59 -28.74 9.52
CA THR A 188 -2.43 -28.85 10.75
C THR A 188 -3.40 -27.68 10.87
N ALA A 189 -3.17 -26.57 10.16
CA ALA A 189 -4.09 -25.43 10.15
C ALA A 189 -5.30 -25.74 9.26
N PRO A 190 -6.50 -25.20 9.58
CA PRO A 190 -7.69 -25.41 8.75
C PRO A 190 -7.50 -25.01 7.27
N PHE A 191 -6.79 -23.91 7.04
CA PHE A 191 -6.54 -23.38 5.67
C PHE A 191 -5.26 -23.96 5.07
N GLY A 192 -4.54 -24.84 5.77
CA GLY A 192 -3.17 -25.23 5.39
C GLY A 192 -3.12 -26.44 4.49
N PHE A 193 -1.99 -26.61 3.83
CA PHE A 193 -1.69 -27.78 2.97
C PHE A 193 -0.17 -27.88 2.86
N GLY A 194 0.42 -28.84 3.57
CA GLY A 194 1.86 -29.03 3.60
C GLY A 194 2.50 -28.02 4.52
N GLU A 195 3.24 -27.05 3.97
CA GLU A 195 3.90 -25.96 4.75
C GLU A 195 3.65 -24.63 4.04
N GLY A 196 3.42 -23.58 4.81
CA GLY A 196 3.31 -22.22 4.24
C GLY A 196 2.97 -21.19 5.30
N GLY A 197 3.25 -19.92 5.00
CA GLY A 197 2.81 -18.80 5.83
C GLY A 197 2.42 -17.61 4.98
N CYS A 198 1.88 -16.58 5.62
CA CYS A 198 1.54 -15.29 5.01
C CYS A 198 1.68 -14.19 6.04
N ILE A 199 2.21 -13.05 5.58
CA ILE A 199 2.28 -11.79 6.36
C ILE A 199 1.21 -10.88 5.80
N ILE A 200 0.41 -10.32 6.70
CA ILE A 200 -0.48 -9.15 6.49
C ILE A 200 0.16 -7.97 7.21
N VAL A 201 0.66 -6.95 6.51
CA VAL A 201 1.47 -5.88 7.15
C VAL A 201 1.20 -4.52 6.50
N ASP A 202 1.31 -3.46 7.31
CA ASP A 202 1.32 -2.05 6.84
C ASP A 202 2.25 -1.89 5.63
N ARG A 203 1.82 -1.14 4.61
CA ARG A 203 2.53 -0.96 3.32
C ARG A 203 3.92 -0.35 3.53
N LEU A 204 4.09 0.48 4.57
CA LEU A 204 5.38 1.11 4.94
C LEU A 204 6.51 0.07 4.94
N TYR A 205 6.25 -1.18 5.33
CA TYR A 205 7.31 -2.19 5.54
C TYR A 205 7.36 -3.18 4.37
N GLU A 206 6.40 -3.14 3.43
CA GLU A 206 6.24 -4.20 2.40
C GLU A 206 7.58 -4.48 1.70
N ASN A 207 8.21 -3.46 1.12
CA ASN A 207 9.35 -3.67 0.19
C ASN A 207 10.53 -4.28 0.97
N ASN A 208 10.84 -3.80 2.16
CA ASN A 208 11.96 -4.38 2.96
C ASN A 208 11.66 -5.84 3.33
N ILE A 209 10.41 -6.16 3.68
CA ILE A 209 9.99 -7.55 4.03
C ILE A 209 10.11 -8.43 2.79
N ARG A 210 9.58 -8.00 1.64
CA ARG A 210 9.58 -8.84 0.39
C ARG A 210 11.00 -9.11 -0.09
N ILE A 211 11.90 -8.12 -0.08
CA ILE A 211 13.31 -8.34 -0.51
C ILE A 211 14.03 -9.13 0.56
N GLY A 212 13.53 -9.02 1.80
CA GLY A 212 14.03 -9.75 2.97
C GLY A 212 13.74 -11.24 2.89
N LEU A 213 12.83 -11.68 2.02
CA LEU A 213 12.60 -13.13 1.73
C LEU A 213 13.74 -13.67 0.83
N ASN A 214 14.45 -12.75 0.17
CA ASN A 214 15.45 -13.03 -0.88
C ASN A 214 16.78 -12.45 -0.41
N PHE A 215 17.13 -12.68 0.86
CA PHE A 215 18.45 -12.35 1.45
C PHE A 215 18.64 -10.83 1.66
N GLY A 216 17.60 -10.04 1.41
CA GLY A 216 17.64 -8.57 1.39
C GLY A 216 17.88 -8.01 -0.03
N LEU A 217 18.06 -8.88 -1.03
CA LEU A 217 18.45 -8.53 -2.41
C LEU A 217 17.24 -8.00 -3.18
N ASP A 218 17.47 -6.96 -3.96
CA ASP A 218 16.49 -6.31 -4.87
C ASP A 218 17.10 -6.25 -6.27
N ASN A 219 16.64 -7.10 -7.18
CA ASN A 219 17.23 -7.26 -8.54
C ASN A 219 17.05 -5.94 -9.31
N SER A 220 15.97 -5.22 -9.03
CA SER A 220 15.60 -3.94 -9.69
C SER A 220 16.68 -2.87 -9.47
N LEU A 221 17.60 -3.05 -8.51
CA LEU A 221 18.67 -2.07 -8.18
C LEU A 221 20.01 -2.48 -8.79
N GLY A 222 20.04 -3.55 -9.59
CA GLY A 222 21.29 -4.08 -10.19
C GLY A 222 22.40 -4.17 -9.17
N GLU A 223 23.44 -3.35 -9.31
CA GLU A 223 24.73 -3.52 -8.61
C GLU A 223 24.64 -2.93 -7.19
N LYS A 224 23.68 -2.04 -6.95
CA LYS A 224 23.42 -1.44 -5.60
C LYS A 224 22.52 -2.38 -4.77
N SER A 225 22.04 -3.48 -5.34
CA SER A 225 21.41 -4.60 -4.61
C SER A 225 22.32 -4.98 -3.45
N GLN A 226 21.77 -5.02 -2.25
CA GLN A 226 22.54 -5.14 -1.00
C GLN A 226 21.86 -6.20 -0.11
N TYR A 227 22.59 -7.25 0.27
CA TYR A 227 22.06 -8.27 1.22
C TYR A 227 21.98 -7.61 2.62
N SER A 228 21.12 -8.15 3.48
CA SER A 228 21.03 -7.73 4.90
C SER A 228 21.31 -8.94 5.80
N ASN A 229 22.07 -8.72 6.87
CA ASN A 229 22.29 -9.76 7.90
C ASN A 229 20.98 -10.01 8.69
N GLN A 230 19.90 -9.27 8.40
CA GLN A 230 18.58 -9.43 9.06
C GLN A 230 17.63 -10.27 8.21
N ALA A 231 18.05 -10.62 6.99
CA ALA A 231 17.23 -11.39 6.02
C ALA A 231 17.69 -12.86 5.97
N SER A 232 17.04 -13.63 5.09
CA SER A 232 17.24 -15.07 4.90
C SER A 232 16.56 -15.53 3.61
N ASN A 233 16.52 -16.83 3.40
CA ASN A 233 15.63 -17.46 2.41
C ASN A 233 14.31 -17.74 3.14
N TYR A 234 13.31 -16.87 2.93
CA TYR A 234 12.02 -16.93 3.65
C TYR A 234 10.86 -17.06 2.65
N ARG A 235 11.16 -17.13 1.35
CA ARG A 235 10.09 -17.08 0.32
C ARG A 235 9.29 -18.40 0.32
N MET A 236 8.06 -18.34 -0.20
CA MET A 236 7.27 -19.53 -0.54
C MET A 236 7.63 -19.94 -1.96
N CYS A 237 7.93 -21.23 -2.12
CA CYS A 237 8.14 -21.89 -3.42
C CYS A 237 6.79 -21.93 -4.15
N ASP A 238 6.79 -21.74 -5.47
CA ASP A 238 5.56 -21.71 -6.29
C ASP A 238 4.87 -23.09 -6.28
N LEU A 239 5.62 -24.18 -6.14
CA LEU A 239 5.02 -25.53 -5.98
C LEU A 239 4.08 -25.50 -4.78
N ASN A 240 4.58 -25.10 -3.61
CA ASN A 240 3.80 -25.05 -2.36
C ASN A 240 2.60 -24.13 -2.59
N ALA A 241 2.82 -22.96 -3.21
CA ALA A 241 1.76 -21.96 -3.44
C ALA A 241 0.64 -22.62 -4.22
N ALA A 242 0.97 -23.48 -5.18
CA ALA A 242 -0.05 -24.12 -6.05
C ALA A 242 -0.93 -25.08 -5.22
N PHE A 243 -0.32 -25.93 -4.39
CA PHE A 243 -1.06 -26.88 -3.52
C PHE A 243 -1.96 -26.09 -2.57
N ILE A 244 -1.46 -25.00 -2.04
CA ILE A 244 -2.23 -24.23 -1.03
C ILE A 244 -3.35 -23.49 -1.76
N LEU A 245 -3.04 -22.82 -2.86
CA LEU A 245 -4.07 -22.06 -3.60
C LEU A 245 -5.17 -23.01 -4.06
N SER A 246 -4.82 -24.15 -4.61
CA SER A 246 -5.82 -25.20 -4.99
C SER A 246 -6.69 -25.60 -3.77
N TYR A 247 -6.08 -25.93 -2.63
CA TYR A 247 -6.82 -26.40 -1.43
C TYR A 247 -7.82 -25.30 -1.03
N LEU A 248 -7.39 -24.03 -1.06
CA LEU A 248 -8.22 -22.87 -0.65
C LEU A 248 -9.36 -22.66 -1.66
N GLN A 249 -9.07 -22.65 -2.96
CA GLN A 249 -10.12 -22.54 -4.01
C GLN A 249 -11.25 -23.54 -3.72
N ASN A 250 -10.90 -24.78 -3.38
CA ASN A 250 -11.85 -25.90 -3.27
C ASN A 250 -12.55 -25.92 -1.91
N ASN A 251 -11.97 -25.35 -0.85
CA ASN A 251 -12.44 -25.70 0.52
C ASN A 251 -12.69 -24.49 1.43
N TYR A 252 -12.17 -23.30 1.14
CA TYR A 252 -12.10 -22.23 2.16
C TYR A 252 -13.51 -21.88 2.67
N LYS A 253 -14.51 -21.84 1.78
CA LYS A 253 -15.86 -21.39 2.15
C LYS A 253 -16.47 -22.42 3.09
N LYS A 254 -16.33 -23.69 2.73
CA LYS A 254 -16.89 -24.83 3.50
C LYS A 254 -16.20 -24.84 4.86
N ILE A 255 -14.90 -24.53 4.92
CA ILE A 255 -14.16 -24.59 6.21
C ILE A 255 -14.74 -23.49 7.10
N ILE A 256 -14.92 -22.30 6.54
CA ILE A 256 -15.42 -21.14 7.33
C ILE A 256 -16.81 -21.50 7.88
N ASN A 257 -17.72 -21.99 7.05
CA ASN A 257 -19.11 -22.30 7.49
C ASN A 257 -19.10 -23.47 8.48
N ARG A 258 -18.52 -24.61 8.15
CA ARG A 258 -18.61 -25.81 9.02
C ARG A 258 -17.90 -25.55 10.35
N HIS A 259 -16.79 -24.79 10.35
CA HIS A 259 -16.05 -24.54 11.61
C HIS A 259 -16.91 -23.65 12.52
N SER A 260 -17.65 -22.75 11.92
CA SER A 260 -18.58 -21.86 12.65
C SER A 260 -19.77 -22.67 13.20
N GLU A 261 -20.27 -23.64 12.44
CA GLU A 261 -21.38 -24.52 12.88
C GLU A 261 -20.93 -25.42 14.03
N ILE A 262 -19.70 -25.95 13.95
CA ILE A 262 -19.15 -26.87 14.98
C ILE A 262 -19.05 -26.04 16.26
N TYR A 263 -18.56 -24.82 16.16
CA TYR A 263 -18.48 -23.90 17.32
C TYR A 263 -19.88 -23.66 17.91
N GLU A 264 -20.87 -23.41 17.04
CA GLU A 264 -22.29 -23.16 17.46
C GLU A 264 -22.76 -24.32 18.33
N ILE A 265 -22.50 -25.55 17.92
CA ILE A 265 -22.96 -26.75 18.67
C ILE A 265 -22.33 -26.77 20.07
N TYR A 266 -21.01 -26.59 20.19
CA TYR A 266 -20.38 -26.58 21.55
C TYR A 266 -20.96 -25.43 22.39
N LYS A 267 -21.13 -24.25 21.80
CA LYS A 267 -21.61 -23.05 22.53
C LYS A 267 -23.01 -23.32 23.10
N ASN A 268 -23.88 -24.04 22.38
CA ASN A 268 -25.29 -24.32 22.83
C ASN A 268 -25.38 -25.63 23.62
N ASN A 269 -24.31 -26.40 23.73
CA ASN A 269 -24.32 -27.68 24.47
C ASN A 269 -23.05 -27.82 25.30
N LEU A 270 -22.65 -26.75 26.00
CA LEU A 270 -21.39 -26.71 26.79
C LEU A 270 -21.39 -27.85 27.79
N PRO A 271 -20.32 -28.66 27.84
CA PRO A 271 -20.20 -29.71 28.84
C PRO A 271 -20.01 -29.13 30.24
N LYS A 272 -20.31 -29.95 31.24
CA LYS A 272 -20.38 -29.55 32.66
C LYS A 272 -18.99 -29.14 33.14
N ARG A 273 -18.88 -27.96 33.77
CA ARG A 273 -17.64 -27.43 34.39
C ARG A 273 -16.58 -27.10 33.33
N PHE A 274 -16.99 -26.94 32.07
CA PHE A 274 -16.15 -26.48 30.94
C PHE A 274 -16.69 -25.13 30.41
N LYS A 275 -15.77 -24.23 30.10
CA LYS A 275 -16.05 -22.91 29.49
C LYS A 275 -15.32 -22.83 28.15
N LEU A 276 -15.88 -22.12 27.20
CA LEU A 276 -15.19 -21.83 25.92
C LEU A 276 -13.94 -21.01 26.24
N PHE A 277 -12.87 -21.24 25.49
CA PHE A 277 -11.66 -20.39 25.56
C PHE A 277 -12.09 -18.94 25.34
N PRO A 278 -11.55 -18.00 26.13
CA PRO A 278 -11.93 -16.59 26.01
C PRO A 278 -11.80 -16.09 24.57
N ASN A 279 -12.87 -15.49 24.05
CA ASN A 279 -12.97 -15.00 22.65
C ASN A 279 -13.70 -13.66 22.66
N HIS A 280 -13.39 -12.75 21.74
CA HIS A 280 -14.01 -11.39 21.72
C HIS A 280 -14.56 -11.07 20.32
N SER A 281 -14.85 -12.07 19.49
CA SER A 281 -15.51 -11.86 18.18
C SER A 281 -17.03 -11.85 18.45
N LYS A 282 -17.80 -11.00 17.76
CA LYS A 282 -19.28 -11.02 17.88
C LYS A 282 -19.82 -12.27 17.17
N LYS A 283 -19.28 -12.67 16.03
CA LYS A 283 -19.70 -13.94 15.36
C LYS A 283 -18.78 -15.09 15.79
N ASN A 284 -19.24 -16.33 15.64
CA ASN A 284 -18.44 -17.51 16.05
C ASN A 284 -17.09 -17.42 15.39
N PRO A 285 -15.99 -17.69 16.13
CA PRO A 285 -14.67 -17.70 15.53
C PRO A 285 -14.52 -18.94 14.64
N VAL A 286 -13.59 -18.91 13.71
CA VAL A 286 -13.22 -20.07 12.87
C VAL A 286 -11.98 -20.71 13.49
N CYS A 287 -12.16 -21.84 14.16
CA CYS A 287 -11.16 -22.41 15.11
C CYS A 287 -10.33 -23.51 14.45
N SER A 288 -9.06 -23.62 14.86
CA SER A 288 -8.11 -24.69 14.46
C SER A 288 -8.35 -25.93 15.34
N SER A 289 -8.90 -25.72 16.53
CA SER A 289 -9.51 -26.75 17.41
C SER A 289 -10.47 -26.05 18.37
N ILE A 290 -11.41 -26.78 18.94
CA ILE A 290 -12.35 -26.24 19.96
C ILE A 290 -11.64 -26.41 21.30
N CYS A 291 -11.18 -25.29 21.86
CA CYS A 291 -10.44 -25.19 23.13
C CYS A 291 -11.44 -24.89 24.26
N LEU A 292 -11.53 -25.80 25.22
CA LEU A 292 -12.39 -25.65 26.42
C LEU A 292 -11.46 -25.54 27.61
N LEU A 293 -11.87 -24.78 28.62
CA LEU A 293 -11.18 -24.75 29.92
C LEU A 293 -12.02 -25.50 30.96
N PHE A 294 -11.47 -26.58 31.52
CA PHE A 294 -12.05 -27.26 32.71
C PHE A 294 -11.86 -26.35 33.92
N ASP A 295 -12.65 -26.56 34.98
CA ASP A 295 -12.64 -25.69 36.19
C ASP A 295 -11.44 -26.05 37.07
N LYS A 296 -10.72 -27.16 36.79
CA LYS A 296 -9.49 -27.45 37.53
C LYS A 296 -8.49 -28.23 36.66
N PRO A 297 -7.22 -28.30 37.11
CA PRO A 297 -6.17 -28.99 36.37
C PRO A 297 -6.58 -30.44 36.13
N PHE A 298 -6.18 -31.02 35.01
CA PHE A 298 -6.43 -32.45 34.72
C PHE A 298 -5.42 -32.90 33.69
N ARG A 299 -5.22 -34.22 33.59
CA ARG A 299 -4.32 -34.85 32.60
C ARG A 299 -5.11 -35.26 31.36
N LEU A 300 -4.50 -35.05 30.18
CA LEU A 300 -4.97 -35.55 28.87
C LEU A 300 -5.23 -37.05 28.90
N ASP A 301 -4.40 -37.83 29.59
CA ASP A 301 -4.58 -39.32 29.63
C ASP A 301 -5.93 -39.69 30.27
N LYS A 302 -6.66 -38.74 30.86
CA LYS A 302 -8.02 -39.02 31.41
C LYS A 302 -9.09 -38.91 30.33
N ILE A 303 -8.76 -38.29 29.20
CA ILE A 303 -9.73 -38.02 28.09
C ILE A 303 -9.62 -39.16 27.08
N PRO A 304 -10.67 -39.99 26.93
CA PRO A 304 -10.60 -41.18 26.10
C PRO A 304 -10.89 -40.97 24.61
N PHE A 305 -10.41 -39.88 24.03
CA PHE A 305 -10.54 -39.60 22.58
C PHE A 305 -9.43 -38.60 22.18
N LEU A 306 -9.16 -38.52 20.88
CA LEU A 306 -8.10 -37.64 20.33
C LEU A 306 -8.36 -36.22 20.83
N SER A 307 -7.39 -35.70 21.56
CA SER A 307 -7.43 -34.38 22.22
C SER A 307 -5.98 -33.93 22.48
N ARG A 308 -5.75 -32.64 22.64
CA ARG A 308 -4.41 -32.09 22.89
C ARG A 308 -4.51 -30.95 23.91
N LYS A 309 -3.37 -30.56 24.46
CA LYS A 309 -3.22 -29.32 25.23
C LYS A 309 -2.28 -28.43 24.43
N TYR A 310 -2.72 -27.22 24.10
CA TYR A 310 -1.84 -26.13 23.57
C TYR A 310 -2.03 -24.96 24.54
N TYR A 311 -1.04 -24.08 24.72
CA TYR A 311 0.37 -24.23 24.38
C TYR A 311 1.18 -24.47 25.65
N LYS A 312 2.12 -25.42 25.65
CA LYS A 312 3.06 -25.59 26.79
C LYS A 312 3.77 -24.25 26.95
N PRO A 313 3.70 -23.59 28.13
CA PRO A 313 4.25 -22.23 28.25
C PRO A 313 5.74 -22.20 27.91
N LEU A 314 6.15 -21.19 27.15
CA LEU A 314 7.56 -21.00 26.75
C LEU A 314 8.36 -20.74 28.02
N ASP A 315 7.76 -20.02 28.95
CA ASP A 315 8.31 -19.74 30.28
C ASP A 315 7.36 -20.41 31.27
N LEU A 316 7.81 -21.52 31.87
CA LEU A 316 6.99 -22.41 32.74
C LEU A 316 6.64 -21.70 34.07
N SER A 317 7.34 -20.61 34.42
CA SER A 317 7.11 -19.80 35.63
C SER A 317 5.91 -18.83 35.48
N SER A 318 5.30 -18.68 34.30
CA SER A 318 4.19 -17.73 34.04
C SER A 318 2.88 -18.34 34.54
N PRO A 319 2.28 -17.85 35.65
CA PRO A 319 1.20 -18.59 36.31
C PRO A 319 -0.14 -18.73 35.56
N VAL A 320 -0.63 -17.70 34.88
CA VAL A 320 -1.91 -17.77 34.13
C VAL A 320 -1.70 -18.73 32.94
N SER A 321 -0.59 -18.59 32.22
CA SER A 321 -0.23 -19.46 31.07
C SER A 321 -0.28 -20.92 31.53
N LEU A 322 0.28 -21.20 32.70
CA LEU A 322 0.44 -22.58 33.21
C LEU A 322 -0.93 -23.10 33.66
N ASP A 323 -1.65 -22.28 34.40
CA ASP A 323 -3.05 -22.58 34.80
C ASP A 323 -3.87 -22.90 33.55
N PHE A 324 -3.79 -22.08 32.50
CA PHE A 324 -4.51 -22.35 31.22
C PHE A 324 -4.09 -23.71 30.67
N TYR A 325 -2.80 -24.00 30.63
CA TYR A 325 -2.29 -25.26 30.04
C TYR A 325 -2.81 -26.45 30.86
N GLN A 326 -2.94 -26.30 32.17
CA GLN A 326 -3.38 -27.43 33.02
C GLN A 326 -4.88 -27.67 32.84
N ARG A 327 -5.65 -26.66 32.44
CA ARG A 327 -7.13 -26.70 32.47
C ARG A 327 -7.66 -26.86 31.05
N ILE A 328 -6.80 -26.73 30.05
CA ILE A 328 -7.28 -26.61 28.64
C ILE A 328 -7.49 -28.04 28.10
N LEU A 329 -8.45 -28.15 27.21
CA LEU A 329 -8.65 -29.34 26.35
C LEU A 329 -8.92 -28.83 24.94
N CYS A 330 -8.08 -29.21 23.99
CA CYS A 330 -8.20 -28.83 22.56
C CYS A 330 -8.72 -30.06 21.82
N ILE A 331 -9.96 -29.95 21.33
CA ILE A 331 -10.78 -31.01 20.66
C ILE A 331 -10.67 -30.81 19.16
N PRO A 332 -10.53 -31.88 18.35
CA PRO A 332 -10.49 -31.74 16.89
C PRO A 332 -11.65 -30.89 16.39
N CYS A 333 -11.30 -30.03 15.45
CA CYS A 333 -12.27 -29.18 14.74
C CYS A 333 -11.89 -29.18 13.26
N ASN A 334 -12.62 -29.92 12.43
CA ASN A 334 -12.35 -29.98 10.98
C ASN A 334 -13.62 -30.39 10.23
N ILE A 335 -13.58 -30.31 8.90
CA ILE A 335 -14.79 -30.51 8.03
C ILE A 335 -15.11 -32.00 7.85
N ASP A 336 -14.31 -32.93 8.39
CA ASP A 336 -14.68 -34.37 8.42
C ASP A 336 -15.53 -34.69 9.68
N LEU A 337 -15.54 -33.86 10.72
CA LEU A 337 -16.29 -34.13 11.98
C LEU A 337 -17.79 -34.20 11.71
N THR A 338 -18.50 -35.21 12.20
CA THR A 338 -19.99 -35.28 12.10
C THR A 338 -20.61 -34.68 13.37
N ASP A 339 -21.84 -34.22 13.27
CA ASP A 339 -22.59 -33.72 14.45
C ASP A 339 -22.66 -34.84 15.48
N ARG A 340 -22.93 -36.06 15.01
CA ARG A 340 -22.95 -37.27 15.85
C ARG A 340 -21.69 -37.30 16.72
N GLN A 341 -20.52 -37.07 16.12
CA GLN A 341 -19.21 -37.18 16.84
C GLN A 341 -19.13 -36.07 17.88
N ILE A 342 -19.58 -34.87 17.54
CA ILE A 342 -19.54 -33.69 18.46
C ILE A 342 -20.40 -33.98 19.71
N TYR A 343 -21.63 -34.43 19.52
CA TYR A 343 -22.56 -34.74 20.65
C TYR A 343 -22.00 -35.93 21.45
N GLU A 344 -21.36 -36.91 20.79
CA GLU A 344 -20.66 -38.00 21.53
C GLU A 344 -19.53 -37.42 22.39
N ILE A 345 -18.65 -36.58 21.85
CA ILE A 345 -17.55 -35.91 22.58
C ILE A 345 -18.14 -35.18 23.81
N ILE A 346 -19.21 -34.41 23.60
CA ILE A 346 -19.86 -33.60 24.67
C ILE A 346 -20.38 -34.54 25.76
N GLY A 347 -20.95 -35.68 25.38
CA GLY A 347 -21.45 -36.69 26.34
C GLY A 347 -20.31 -37.27 27.14
N VAL A 348 -19.18 -37.53 26.49
CA VAL A 348 -17.97 -38.06 27.15
C VAL A 348 -17.44 -37.01 28.13
N LEU A 349 -17.48 -35.73 27.78
CA LEU A 349 -16.92 -34.65 28.64
C LEU A 349 -17.86 -34.41 29.85
N ASN A 350 -19.18 -34.59 29.71
CA ASN A 350 -20.13 -34.58 30.85
C ASN A 350 -19.75 -35.68 31.84
N GLU A 351 -19.48 -36.87 31.33
CA GLU A 351 -19.15 -38.08 32.12
C GLU A 351 -17.82 -37.84 32.83
N PHE A 352 -16.83 -37.30 32.10
CA PHE A 352 -15.54 -36.85 32.64
C PHE A 352 -15.78 -35.90 33.82
N ALA A 353 -16.65 -34.90 33.64
CA ALA A 353 -16.95 -33.92 34.72
C ALA A 353 -17.53 -34.65 35.93
N ASP A 354 -18.51 -35.54 35.74
CA ASP A 354 -19.18 -36.25 36.85
C ASP A 354 -18.16 -37.00 37.70
N LYS A 355 -17.09 -37.51 37.10
CA LYS A 355 -16.12 -38.42 37.77
C LYS A 355 -14.88 -37.66 38.22
N ASN A 356 -14.73 -36.39 37.90
CA ASN A 356 -13.51 -35.61 38.25
C ASN A 356 -13.96 -34.32 38.93
N GLY B 6 21.94 -18.77 -32.38
CA GLY B 6 22.43 -20.01 -31.71
C GLY B 6 22.48 -19.87 -30.19
N LEU B 7 23.21 -18.84 -29.72
CA LEU B 7 23.44 -18.57 -28.28
C LEU B 7 22.24 -17.83 -27.67
N GLU B 8 21.37 -17.26 -28.50
CA GLU B 8 20.12 -16.59 -28.06
C GLU B 8 19.29 -17.53 -27.16
N LYS B 9 19.41 -18.86 -27.31
CA LYS B 9 18.54 -19.85 -26.64
C LYS B 9 19.17 -20.38 -25.33
N LEU B 10 20.40 -19.99 -25.00
CA LEU B 10 21.05 -20.29 -23.69
C LEU B 10 20.08 -20.00 -22.54
N THR B 11 20.04 -20.90 -21.54
CA THR B 11 19.40 -20.69 -20.22
C THR B 11 20.41 -21.01 -19.12
N TRP B 12 20.18 -20.48 -17.92
CA TRP B 12 21.08 -20.73 -16.78
C TRP B 12 20.92 -22.20 -16.32
N VAL B 13 19.68 -22.62 -16.28
CA VAL B 13 19.24 -23.92 -15.71
C VAL B 13 18.65 -24.71 -16.87
N SER B 14 18.82 -26.02 -16.88
CA SER B 14 18.09 -26.90 -17.84
CA SER B 14 18.08 -26.94 -17.80
C SER B 14 16.58 -26.72 -17.59
N GLU B 15 15.78 -26.90 -18.64
CA GLU B 15 14.31 -26.92 -18.52
C GLU B 15 13.94 -28.11 -17.62
N LYS B 16 13.26 -27.85 -16.52
CA LYS B 16 12.92 -28.86 -15.46
C LYS B 16 11.39 -28.92 -15.36
N LYS B 17 10.82 -30.11 -15.54
CA LYS B 17 9.36 -30.35 -15.49
C LYS B 17 9.12 -31.57 -14.63
N PRO B 18 8.04 -31.58 -13.83
CA PRO B 18 7.72 -32.73 -13.01
C PRO B 18 7.47 -33.97 -13.89
N ASP B 19 8.01 -35.10 -13.45
CA ASP B 19 7.53 -36.44 -13.85
C ASP B 19 6.27 -36.68 -13.02
N TRP B 20 5.10 -36.25 -13.50
CA TRP B 20 3.85 -36.15 -12.71
C TRP B 20 3.47 -37.53 -12.18
N SER B 21 3.61 -38.58 -13.00
CA SER B 21 3.28 -39.96 -12.59
C SER B 21 4.19 -40.37 -11.43
N ASN B 22 5.49 -40.09 -11.53
CA ASN B 22 6.45 -40.43 -10.44
C ASN B 22 6.10 -39.58 -9.21
N VAL B 23 5.82 -38.30 -9.37
CA VAL B 23 5.59 -37.40 -8.18
C VAL B 23 4.30 -37.83 -7.48
N GLN B 24 3.25 -38.07 -8.26
CA GLN B 24 1.92 -38.49 -7.73
C GLN B 24 2.05 -39.87 -7.03
N LYS B 25 2.81 -40.80 -7.58
CA LYS B 25 3.09 -42.12 -6.95
C LYS B 25 3.72 -41.89 -5.56
N LEU B 26 4.72 -41.01 -5.46
CA LEU B 26 5.43 -40.72 -4.20
C LEU B 26 4.45 -40.11 -3.20
N ILE B 27 3.71 -39.09 -3.61
CA ILE B 27 2.81 -38.33 -2.72
C ILE B 27 1.57 -39.18 -2.37
N ALA B 28 1.25 -40.24 -3.12
CA ALA B 28 0.17 -41.19 -2.75
C ALA B 28 0.43 -41.73 -1.32
N ALA B 29 1.69 -41.85 -0.89
CA ALA B 29 2.08 -42.19 0.50
C ALA B 29 1.54 -41.13 1.45
N CYS B 30 1.68 -39.84 1.14
CA CYS B 30 1.14 -38.74 1.97
C CYS B 30 -0.39 -38.79 1.99
N GLU B 31 -1.03 -39.08 0.85
CA GLU B 31 -2.50 -39.04 0.76
C GLU B 31 -3.12 -40.12 1.65
N ALA B 32 -2.49 -41.28 1.75
CA ALA B 32 -2.98 -42.49 2.46
C ALA B 32 -3.04 -42.25 3.97
N THR B 33 -2.13 -41.43 4.50
CA THR B 33 -1.97 -41.18 5.96
C THR B 33 -2.29 -39.73 6.30
N ASN B 34 -2.54 -38.88 5.30
CA ASN B 34 -2.69 -37.41 5.47
C ASN B 34 -1.43 -36.79 6.11
N GLN B 35 -0.25 -37.39 5.97
CA GLN B 35 1.05 -36.87 6.50
C GLN B 35 1.83 -36.26 5.33
N TYR B 36 1.85 -34.92 5.26
CA TYR B 36 2.50 -34.14 4.18
C TYR B 36 3.69 -33.33 4.74
N THR B 37 3.84 -33.29 6.06
CA THR B 37 4.99 -32.58 6.67
C THR B 37 5.23 -33.17 8.06
N ASN B 38 6.11 -32.53 8.85
CA ASN B 38 6.50 -32.97 10.21
C ASN B 38 7.08 -34.38 10.06
N ILE B 39 7.89 -34.59 9.02
CA ILE B 39 8.58 -35.84 8.64
C ILE B 39 7.50 -36.89 8.26
N GLY B 40 6.92 -36.68 7.10
CA GLY B 40 6.01 -37.65 6.47
C GLY B 40 6.83 -38.76 5.81
N PRO B 41 6.17 -39.58 4.96
CA PRO B 41 6.79 -40.81 4.45
C PRO B 41 7.81 -40.62 3.33
N ILE B 42 7.99 -39.40 2.81
CA ILE B 42 8.92 -39.16 1.65
C ILE B 42 10.29 -38.78 2.20
N ILE B 43 10.32 -38.17 3.39
CA ILE B 43 11.61 -37.58 3.88
C ILE B 43 12.67 -38.68 3.88
N SER B 44 12.42 -39.85 4.49
CA SER B 44 13.45 -40.92 4.59
C SER B 44 13.84 -41.44 3.20
N GLN B 45 12.91 -41.49 2.25
CA GLN B 45 13.17 -41.94 0.85
C GLN B 45 14.19 -40.97 0.23
N LEU B 46 14.01 -39.67 0.40
CA LEU B 46 14.94 -38.67 -0.21
C LEU B 46 16.28 -38.73 0.54
N GLU B 47 16.28 -38.82 1.87
CA GLU B 47 17.57 -38.87 2.62
C GLU B 47 18.36 -40.12 2.19
N SER B 48 17.67 -41.26 2.03
CA SER B 48 18.27 -42.54 1.60
C SER B 48 18.84 -42.36 0.21
N PHE B 49 18.04 -41.80 -0.70
CA PHE B 49 18.44 -41.61 -2.10
C PHE B 49 19.69 -40.73 -2.15
N ILE B 50 19.79 -39.69 -1.33
CA ILE B 50 20.97 -38.78 -1.37
C ILE B 50 22.20 -39.56 -0.89
N ARG B 51 22.04 -40.35 0.17
CA ARG B 51 23.16 -41.11 0.77
C ARG B 51 23.68 -42.06 -0.31
N ASP B 52 22.80 -42.84 -0.93
CA ASP B 52 23.15 -44.00 -1.80
C ASP B 52 23.60 -43.47 -3.16
N SER B 53 23.06 -42.35 -3.63
CA SER B 53 23.39 -41.77 -4.93
C SER B 53 24.66 -40.87 -4.86
N PHE B 54 24.75 -39.99 -3.85
CA PHE B 54 25.87 -39.01 -3.74
C PHE B 54 27.03 -39.66 -3.00
N LEU B 55 26.79 -40.82 -2.37
CA LEU B 55 27.82 -41.66 -1.70
C LEU B 55 28.30 -40.91 -0.46
N ILE B 56 27.38 -40.72 0.48
CA ILE B 56 27.66 -40.13 1.82
C ILE B 56 28.00 -41.30 2.76
N GLU B 57 29.11 -41.20 3.50
CA GLU B 57 29.56 -42.21 4.50
C GLU B 57 28.55 -42.36 5.63
N GLU B 58 28.59 -43.52 6.27
CA GLU B 58 27.67 -43.90 7.36
C GLU B 58 27.97 -43.08 8.62
N SER B 59 29.15 -42.47 8.74
CA SER B 59 29.54 -41.56 9.87
C SER B 59 28.72 -40.25 9.84
N LYS B 60 28.08 -39.96 8.73
CA LYS B 60 27.30 -38.73 8.48
C LYS B 60 25.81 -39.05 8.45
N ALA B 61 25.05 -38.24 9.16
CA ALA B 61 23.60 -38.08 9.00
C ALA B 61 23.35 -37.32 7.70
N VAL B 62 22.26 -37.67 7.02
CA VAL B 62 21.73 -36.95 5.84
C VAL B 62 20.39 -36.37 6.26
N ILE B 63 20.29 -35.05 6.34
CA ILE B 63 19.13 -34.33 6.93
C ILE B 63 18.63 -33.26 5.95
N VAL B 64 17.47 -33.51 5.32
CA VAL B 64 16.84 -32.54 4.38
C VAL B 64 16.17 -31.42 5.15
N THR B 65 16.20 -30.22 4.56
CA THR B 65 15.63 -28.95 5.10
C THR B 65 14.89 -28.20 3.97
N SER B 66 14.20 -27.13 4.34
CA SER B 66 13.38 -26.30 3.42
C SER B 66 14.25 -25.71 2.29
N ASN B 67 15.51 -25.38 2.57
CA ASN B 67 16.40 -24.76 1.55
C ASN B 67 17.86 -24.86 1.98
N GLY B 68 18.79 -24.46 1.09
CA GLY B 68 20.22 -24.55 1.42
C GLY B 68 20.54 -23.64 2.60
N THR B 69 19.91 -22.47 2.63
CA THR B 69 20.08 -21.49 3.73
C THR B 69 19.67 -22.16 5.04
N SER B 70 18.46 -22.75 5.11
CA SER B 70 17.94 -23.41 6.35
C SER B 70 18.80 -24.61 6.72
N ALA B 71 19.40 -25.32 5.77
CA ALA B 71 20.35 -26.43 6.05
C ALA B 71 21.53 -25.85 6.86
N LEU B 72 22.14 -24.78 6.36
CA LEU B 72 23.27 -24.14 7.05
C LEU B 72 22.79 -23.61 8.41
N HIS B 73 21.60 -23.00 8.48
CA HIS B 73 21.13 -22.37 9.75
C HIS B 73 20.78 -23.46 10.76
N ALA B 74 20.11 -24.53 10.31
CA ALA B 74 19.67 -25.65 11.18
C ALA B 74 20.91 -26.38 11.70
N LEU B 75 21.94 -26.50 10.87
CA LEU B 75 23.23 -27.14 11.23
C LEU B 75 23.85 -26.35 12.41
N VAL B 76 23.96 -25.04 12.28
CA VAL B 76 24.56 -24.16 13.32
C VAL B 76 23.68 -24.10 14.57
N GLY B 77 22.37 -23.95 14.45
CA GLY B 77 21.47 -23.87 15.61
C GLY B 77 21.48 -25.16 16.41
N GLY B 78 21.58 -26.29 15.71
CA GLY B 78 21.72 -27.60 16.38
C GLY B 78 23.05 -27.72 17.10
N ILE B 79 24.15 -27.36 16.45
CA ILE B 79 25.48 -27.39 17.13
C ILE B 79 25.46 -26.35 18.29
N ASN B 80 24.90 -25.14 18.10
CA ASN B 80 24.79 -24.14 19.20
C ASN B 80 24.07 -24.76 20.41
N ARG B 81 22.95 -25.42 20.17
CA ARG B 81 22.22 -26.11 21.28
C ARG B 81 23.11 -27.16 21.95
N GLN B 82 23.83 -27.98 21.18
CA GLN B 82 24.63 -29.07 21.76
C GLN B 82 25.76 -28.52 22.65
N LEU B 83 26.46 -27.48 22.23
CA LEU B 83 27.63 -26.92 22.94
C LEU B 83 27.14 -25.93 24.00
N GLY B 84 25.87 -25.51 23.93
CA GLY B 84 25.23 -24.64 24.94
C GLY B 84 25.55 -23.16 24.81
N ARG B 85 25.89 -22.67 23.61
CA ARG B 85 26.11 -21.21 23.42
C ARG B 85 26.01 -20.89 21.94
N GLU B 86 25.95 -19.63 21.60
CA GLU B 86 25.85 -19.16 20.20
C GLU B 86 27.25 -19.09 19.61
N LEU B 87 27.61 -20.11 18.83
CA LEU B 87 28.99 -20.27 18.35
C LEU B 87 29.31 -19.15 17.36
N LYS B 88 30.58 -18.75 17.37
CA LYS B 88 31.16 -17.68 16.52
C LYS B 88 31.85 -18.35 15.34
N PHE B 89 31.32 -18.13 14.13
CA PHE B 89 31.88 -18.68 12.88
C PHE B 89 32.53 -17.57 12.05
N VAL B 90 33.60 -17.94 11.34
CA VAL B 90 34.18 -17.08 10.27
C VAL B 90 33.69 -17.63 8.95
N THR B 91 33.30 -16.74 8.04
CA THR B 91 32.99 -17.08 6.64
C THR B 91 33.82 -16.17 5.73
N GLN B 92 33.86 -16.55 4.44
CA GLN B 92 34.68 -15.89 3.39
C GLN B 92 33.81 -14.81 2.78
N SER B 93 34.41 -13.72 2.32
CA SER B 93 33.67 -12.58 1.72
C SER B 93 33.08 -13.04 0.38
N PHE B 94 33.81 -13.91 -0.33
CA PHE B 94 33.44 -14.42 -1.67
C PHE B 94 32.52 -15.64 -1.47
N THR B 95 31.26 -15.35 -1.17
CA THR B 95 30.18 -16.35 -1.02
C THR B 95 28.81 -15.68 -0.97
N PHE B 96 27.79 -16.51 -0.80
CA PHE B 96 26.37 -16.11 -0.82
C PHE B 96 26.00 -15.58 0.57
N PRO B 97 25.00 -14.67 0.70
CA PRO B 97 24.60 -14.14 2.00
C PRO B 97 24.27 -15.13 3.14
N SER B 98 23.84 -16.35 2.84
CA SER B 98 23.37 -17.37 3.82
C SER B 98 24.31 -17.45 5.03
N SER B 99 25.64 -17.40 4.85
CA SER B 99 26.60 -17.63 5.95
C SER B 99 26.83 -16.35 6.80
N ASN B 100 26.08 -15.26 6.59
CA ASN B 100 26.07 -14.06 7.48
C ASN B 100 24.60 -13.68 7.78
N GLN B 101 23.77 -14.69 8.05
CA GLN B 101 22.30 -14.52 8.26
C GLN B 101 21.83 -15.55 9.29
N GLY B 102 20.63 -15.37 9.85
CA GLY B 102 20.08 -16.22 10.93
C GLY B 102 21.05 -16.33 12.10
N PRO B 103 21.38 -17.56 12.55
CA PRO B 103 22.30 -17.73 13.67
C PRO B 103 23.74 -17.33 13.30
N LEU B 104 23.98 -17.07 12.01
CA LEU B 104 25.29 -16.58 11.52
C LEU B 104 25.23 -15.08 11.20
N LYS B 105 24.18 -14.38 11.61
CA LYS B 105 24.00 -12.95 11.23
C LYS B 105 25.18 -12.12 11.75
N ASP B 106 25.88 -12.56 12.79
CA ASP B 106 27.08 -11.88 13.31
C ASP B 106 28.36 -12.70 13.03
N SER B 107 28.38 -13.56 12.02
CA SER B 107 29.61 -14.26 11.57
C SER B 107 30.67 -13.21 11.17
N ILE B 108 31.93 -13.54 11.39
CA ILE B 108 33.10 -12.71 10.99
C ILE B 108 33.36 -13.02 9.52
N ILE B 109 33.55 -11.99 8.71
CA ILE B 109 33.86 -12.10 7.25
C ILE B 109 35.36 -11.84 7.09
N VAL B 110 36.10 -12.82 6.55
CA VAL B 110 37.52 -12.64 6.12
C VAL B 110 37.61 -12.94 4.63
N ASP B 111 38.69 -12.46 4.01
CA ASP B 111 38.95 -12.62 2.56
C ASP B 111 39.18 -14.11 2.26
N ILE B 112 39.06 -14.45 0.98
CA ILE B 112 39.60 -15.69 0.38
C ILE B 112 41.09 -15.48 0.07
N ASP B 113 41.81 -16.60 -0.09
CA ASP B 113 43.13 -16.64 -0.79
C ASP B 113 42.84 -16.88 -2.27
N GLU B 114 43.88 -16.98 -3.07
CA GLU B 114 43.75 -17.00 -4.54
C GLU B 114 43.23 -18.37 -5.02
N ASP B 115 43.10 -19.36 -4.11
CA ASP B 115 42.52 -20.70 -4.41
C ASP B 115 40.99 -20.75 -4.21
N GLY B 116 40.33 -19.62 -3.92
CA GLY B 116 38.85 -19.50 -3.90
C GLY B 116 38.24 -19.77 -2.53
N GLY B 117 39.01 -20.18 -1.55
CA GLY B 117 38.51 -20.46 -0.19
C GLY B 117 38.99 -19.47 0.86
N LEU B 118 38.30 -19.45 2.00
CA LEU B 118 38.59 -18.66 3.23
C LEU B 118 40.10 -18.63 3.48
N ASP B 119 40.69 -17.43 3.57
CA ASP B 119 42.13 -17.21 3.84
C ASP B 119 42.41 -17.56 5.30
N LEU B 120 42.96 -18.74 5.53
CA LEU B 120 43.38 -19.26 6.84
C LEU B 120 44.43 -18.35 7.50
N ASN B 121 45.22 -17.61 6.71
CA ASN B 121 46.25 -16.67 7.23
C ASN B 121 45.54 -15.47 7.87
N ALA B 122 44.27 -15.21 7.52
CA ALA B 122 43.52 -14.02 7.96
C ALA B 122 42.83 -14.22 9.32
N VAL B 123 42.86 -15.42 9.92
CA VAL B 123 42.11 -15.69 11.19
C VAL B 123 43.11 -15.80 12.33
N LYS B 124 44.40 -15.65 12.01
CA LYS B 124 45.52 -15.65 12.97
C LYS B 124 45.06 -15.12 14.35
N ASN B 125 44.44 -13.94 14.40
CA ASN B 125 44.28 -13.15 15.65
C ASN B 125 42.82 -12.98 16.06
N ILE B 126 41.92 -13.78 15.48
CA ILE B 126 40.44 -13.74 15.71
C ILE B 126 40.06 -14.77 16.78
N GLU B 127 39.09 -14.44 17.64
CA GLU B 127 38.37 -15.39 18.54
C GLU B 127 37.20 -15.99 17.74
N TYR B 128 37.17 -17.31 17.61
CA TYR B 128 36.14 -18.02 16.80
C TYR B 128 36.10 -19.49 17.22
N ASP B 129 34.97 -20.12 16.89
CA ASP B 129 34.67 -21.52 17.23
C ASP B 129 34.76 -22.35 15.96
N GLY B 130 34.56 -21.76 14.78
CA GLY B 130 34.60 -22.56 13.56
C GLY B 130 34.65 -21.73 12.32
N ILE B 131 34.81 -22.38 11.18
CA ILE B 131 34.90 -21.69 9.88
C ILE B 131 33.93 -22.35 8.93
N ILE B 132 33.45 -21.54 8.01
CA ILE B 132 32.59 -21.95 6.87
C ILE B 132 33.38 -21.62 5.61
N VAL B 133 33.69 -22.64 4.82
CA VAL B 133 34.46 -22.52 3.55
C VAL B 133 33.55 -22.86 2.38
N THR B 134 33.51 -22.00 1.36
CA THR B 134 32.60 -22.17 0.19
C THR B 134 33.37 -22.87 -0.96
N ASN B 135 32.91 -24.06 -1.31
CA ASN B 135 33.36 -24.80 -2.51
C ASN B 135 32.56 -24.22 -3.68
N ILE B 136 33.19 -23.34 -4.49
CA ILE B 136 32.48 -22.39 -5.38
C ILE B 136 31.97 -23.09 -6.65
N HIS B 137 30.65 -23.08 -6.86
CA HIS B 137 29.96 -23.51 -8.09
C HIS B 137 30.42 -24.92 -8.54
N GLY B 138 30.71 -25.81 -7.59
CA GLY B 138 31.09 -27.22 -7.85
C GLY B 138 32.60 -27.42 -7.78
N ASN B 139 33.37 -26.34 -7.87
CA ASN B 139 34.83 -26.37 -7.68
C ASN B 139 35.09 -26.63 -6.20
N VAL B 140 36.21 -27.26 -5.85
CA VAL B 140 36.53 -27.51 -4.41
C VAL B 140 37.90 -26.90 -4.10
N VAL B 141 38.03 -26.46 -2.86
CA VAL B 141 39.29 -25.91 -2.29
C VAL B 141 40.22 -27.08 -2.09
N ASP B 142 41.41 -26.79 -1.61
CA ASP B 142 42.31 -27.81 -1.03
C ASP B 142 41.69 -28.23 0.30
N ILE B 143 40.72 -29.15 0.26
CA ILE B 143 39.90 -29.56 1.45
C ILE B 143 40.82 -29.98 2.61
N ASN B 144 41.88 -30.77 2.38
CA ASN B 144 42.77 -31.25 3.48
C ASN B 144 43.54 -30.09 4.15
N LYS B 145 43.86 -29.02 3.45
CA LYS B 145 44.47 -27.81 4.07
C LYS B 145 43.57 -27.39 5.24
N TYR B 146 42.25 -27.30 4.97
CA TYR B 146 41.23 -26.79 5.94
C TYR B 146 41.01 -27.84 7.04
N VAL B 147 40.98 -29.12 6.70
CA VAL B 147 40.74 -30.22 7.69
C VAL B 147 41.90 -30.21 8.69
N ASP B 148 43.14 -30.22 8.19
CA ASP B 148 44.36 -30.18 9.02
C ASP B 148 44.31 -28.92 9.92
N PHE B 149 44.02 -27.76 9.35
CA PHE B 149 44.00 -26.50 10.13
C PHE B 149 42.99 -26.63 11.27
N CYS B 150 41.77 -27.10 11.01
CA CYS B 150 40.70 -27.13 12.03
C CYS B 150 41.00 -28.21 13.08
N MET B 151 41.66 -29.30 12.68
CA MET B 151 42.15 -30.35 13.61
C MET B 151 43.19 -29.74 14.55
N ASN B 152 44.22 -29.09 14.01
CA ASN B 152 45.34 -28.50 14.79
C ASN B 152 44.81 -27.42 15.75
N HIS B 153 43.87 -26.58 15.31
CA HIS B 153 43.36 -25.42 16.11
C HIS B 153 42.07 -25.76 16.85
N ASN B 154 41.54 -26.98 16.68
CA ASN B 154 40.36 -27.52 17.41
C ASN B 154 39.16 -26.65 17.10
N LYS B 155 38.92 -26.46 15.81
CA LYS B 155 37.85 -25.59 15.28
C LYS B 155 36.86 -26.51 14.56
N LEU B 156 35.58 -26.10 14.53
CA LEU B 156 34.56 -26.72 13.66
C LEU B 156 34.80 -26.26 12.24
N LEU B 157 34.59 -27.18 11.29
CA LEU B 157 34.73 -26.93 9.84
C LEU B 157 33.41 -27.32 9.16
N ILE B 158 32.78 -26.36 8.53
CA ILE B 158 31.57 -26.54 7.70
C ILE B 158 31.97 -26.18 6.29
N PHE B 159 31.67 -27.06 5.31
CA PHE B 159 31.80 -26.70 3.88
C PHE B 159 30.42 -26.27 3.36
N ASP B 160 30.34 -25.06 2.84
CA ASP B 160 29.14 -24.61 2.10
C ASP B 160 29.25 -25.22 0.70
N ASN B 161 28.64 -26.41 0.49
CA ASN B 161 28.55 -27.09 -0.83
C ASN B 161 27.18 -26.84 -1.48
N ALA B 162 26.57 -25.68 -1.26
CA ALA B 162 25.25 -25.35 -1.85
C ALA B 162 25.24 -25.77 -3.33
N ALA B 163 26.28 -25.40 -4.07
CA ALA B 163 26.37 -25.61 -5.52
C ALA B 163 27.28 -26.80 -5.86
N THR B 164 27.63 -27.64 -4.89
CA THR B 164 28.73 -28.63 -4.96
C THR B 164 28.26 -29.99 -4.39
N GLY B 165 27.30 -30.63 -5.06
CA GLY B 165 26.72 -31.90 -4.59
C GLY B 165 27.48 -33.14 -5.04
N TYR B 166 28.32 -33.05 -6.08
CA TYR B 166 28.99 -34.27 -6.60
C TYR B 166 30.38 -33.93 -7.16
N THR B 167 31.20 -33.24 -6.38
CA THR B 167 32.64 -33.08 -6.70
C THR B 167 33.44 -33.93 -5.71
N PHE B 168 34.24 -34.84 -6.25
CA PHE B 168 34.98 -35.85 -5.44
C PHE B 168 36.37 -35.31 -5.16
N TYR B 169 36.82 -35.57 -3.95
CA TYR B 169 38.14 -35.20 -3.43
C TYR B 169 38.77 -36.44 -2.79
N LEU B 170 39.94 -36.86 -3.27
CA LEU B 170 40.63 -38.11 -2.83
C LEU B 170 39.62 -39.27 -2.72
N GLY B 171 38.83 -39.49 -3.75
CA GLY B 171 38.00 -40.70 -3.94
C GLY B 171 36.69 -40.68 -3.17
N LYS B 172 36.28 -39.54 -2.59
CA LYS B 172 35.05 -39.43 -1.77
C LYS B 172 34.35 -38.11 -2.10
N ASN B 173 33.02 -38.11 -2.09
CA ASN B 173 32.21 -36.89 -2.29
C ASN B 173 32.74 -35.84 -1.29
N SER B 174 32.95 -34.60 -1.75
CA SER B 174 33.52 -33.49 -0.92
C SER B 174 32.60 -33.21 0.27
N CYS B 175 31.30 -33.48 0.13
CA CYS B 175 30.28 -33.34 1.21
C CYS B 175 30.69 -34.12 2.47
N ASN B 176 31.57 -35.12 2.35
CA ASN B 176 31.99 -36.06 3.43
C ASN B 176 33.06 -35.43 4.33
N TYR B 177 33.61 -34.28 3.97
CA TYR B 177 34.77 -33.67 4.68
C TYR B 177 34.27 -32.57 5.62
N GLY B 178 35.10 -32.24 6.62
CA GLY B 178 34.77 -31.36 7.76
C GLY B 178 33.81 -32.07 8.71
N HIS B 179 33.27 -31.34 9.69
CA HIS B 179 32.23 -31.84 10.61
C HIS B 179 30.89 -31.91 9.87
N ALA B 180 30.73 -31.11 8.82
CA ALA B 180 29.45 -31.04 8.08
C ALA B 180 29.63 -30.31 6.76
N SER B 181 28.70 -30.57 5.82
CA SER B 181 28.48 -29.73 4.63
C SER B 181 26.98 -29.55 4.45
N ILE B 182 26.62 -28.60 3.62
CA ILE B 182 25.23 -28.39 3.17
C ILE B 182 25.26 -28.32 1.64
N ILE B 183 24.17 -28.78 1.04
CA ILE B 183 23.90 -28.68 -0.43
C ILE B 183 22.51 -28.05 -0.60
N SER B 184 22.29 -27.33 -1.68
CA SER B 184 21.03 -26.67 -2.06
C SER B 184 20.39 -27.49 -3.19
N PHE B 185 19.08 -27.69 -3.11
CA PHE B 185 18.23 -28.18 -4.22
C PHE B 185 17.34 -27.04 -4.70
N HIS B 186 17.79 -25.79 -4.52
CA HIS B 186 17.19 -24.62 -5.19
C HIS B 186 17.12 -24.94 -6.69
N HIS B 187 16.11 -24.41 -7.39
CA HIS B 187 15.88 -24.66 -8.84
C HIS B 187 17.13 -24.32 -9.65
N THR B 188 17.93 -23.33 -9.24
CA THR B 188 19.14 -22.86 -9.98
C THR B 188 20.33 -23.81 -9.82
N ALA B 189 20.25 -24.77 -8.90
CA ALA B 189 21.33 -25.76 -8.69
C ALA B 189 21.12 -26.92 -9.66
N PRO B 190 22.20 -27.55 -10.14
CA PRO B 190 22.10 -28.67 -11.06
C PRO B 190 21.12 -29.74 -10.52
N PHE B 191 21.19 -30.10 -9.24
CA PHE B 191 20.37 -31.21 -8.66
C PHE B 191 19.04 -30.71 -8.11
N GLY B 192 18.73 -29.42 -8.25
CA GLY B 192 17.62 -28.77 -7.51
C GLY B 192 16.31 -28.82 -8.27
N PHE B 193 15.21 -28.65 -7.55
CA PHE B 193 13.85 -28.54 -8.14
C PHE B 193 12.99 -27.80 -7.13
N GLY B 194 12.64 -26.57 -7.45
CA GLY B 194 11.94 -25.67 -6.52
C GLY B 194 12.86 -25.14 -5.46
N GLU B 195 12.62 -25.56 -4.21
CA GLU B 195 13.41 -25.15 -3.03
C GLU B 195 13.75 -26.40 -2.27
N GLY B 196 14.94 -26.46 -1.70
CA GLY B 196 15.25 -27.49 -0.68
C GLY B 196 16.69 -27.47 -0.33
N GLY B 197 17.04 -28.14 0.76
CA GLY B 197 18.44 -28.22 1.21
C GLY B 197 18.70 -29.56 1.84
N CYS B 198 19.97 -29.82 2.14
CA CYS B 198 20.37 -31.05 2.85
C CYS B 198 21.61 -30.75 3.70
N ILE B 199 21.63 -31.30 4.90
CA ILE B 199 22.79 -31.25 5.81
C ILE B 199 23.44 -32.63 5.74
N ILE B 200 24.76 -32.67 5.53
CA ILE B 200 25.64 -33.84 5.71
C ILE B 200 26.47 -33.55 6.96
N VAL B 201 26.26 -34.30 8.03
CA VAL B 201 26.87 -33.92 9.34
C VAL B 201 27.25 -35.16 10.16
N ASP B 202 28.36 -35.06 10.90
CA ASP B 202 28.77 -36.10 11.87
C ASP B 202 27.57 -36.44 12.76
N ARG B 203 27.35 -37.73 13.00
CA ARG B 203 26.25 -38.28 13.82
C ARG B 203 26.22 -37.63 15.22
N LEU B 204 27.38 -37.22 15.75
CA LEU B 204 27.50 -36.55 17.07
C LEU B 204 26.37 -35.52 17.26
N TYR B 205 26.02 -34.80 16.19
CA TYR B 205 25.14 -33.61 16.20
C TYR B 205 23.78 -33.94 15.59
N GLU B 206 23.60 -35.18 15.09
CA GLU B 206 22.39 -35.55 14.30
C GLU B 206 21.12 -35.21 15.09
N ASN B 207 20.99 -35.69 16.33
CA ASN B 207 19.68 -35.60 17.03
C ASN B 207 19.33 -34.12 17.22
N ASN B 208 20.29 -33.29 17.69
CA ASN B 208 19.98 -31.87 18.00
C ASN B 208 19.59 -31.12 16.73
N ILE B 209 20.21 -31.44 15.61
CA ILE B 209 19.88 -30.79 14.31
C ILE B 209 18.50 -31.26 13.85
N ARG B 210 18.20 -32.57 13.95
CA ARG B 210 16.88 -33.12 13.50
C ARG B 210 15.76 -32.48 14.32
N ILE B 211 15.90 -32.44 15.65
CA ILE B 211 14.79 -31.89 16.51
C ILE B 211 14.79 -30.37 16.34
N GLY B 212 15.94 -29.80 15.95
CA GLY B 212 16.10 -28.36 15.66
C GLY B 212 15.30 -27.96 14.42
N LEU B 213 14.89 -28.90 13.57
CA LEU B 213 14.04 -28.55 12.39
C LEU B 213 12.59 -28.32 12.87
N ASN B 214 12.27 -28.83 14.05
CA ASN B 214 10.93 -28.89 14.65
C ASN B 214 10.94 -28.05 15.94
N PHE B 215 11.52 -26.85 15.89
CA PHE B 215 11.49 -25.89 17.01
C PHE B 215 12.30 -26.38 18.23
N GLY B 216 13.08 -27.45 18.07
CA GLY B 216 13.86 -28.05 19.15
C GLY B 216 13.08 -29.14 19.86
N LEU B 217 11.80 -29.32 19.50
CA LEU B 217 10.86 -30.26 20.16
C LEU B 217 11.18 -31.68 19.73
N ASP B 218 11.18 -32.61 20.69
CA ASP B 218 11.41 -34.06 20.47
C ASP B 218 10.21 -34.79 21.08
N ASN B 219 9.30 -35.26 20.24
CA ASN B 219 8.05 -35.99 20.65
C ASN B 219 8.40 -37.24 21.46
N SER B 220 9.55 -37.85 21.19
CA SER B 220 10.05 -39.06 21.90
C SER B 220 10.37 -38.75 23.39
N LEU B 221 10.44 -37.49 23.79
CA LEU B 221 10.68 -37.12 25.21
C LEU B 221 9.35 -36.94 25.96
N GLY B 222 8.22 -37.05 25.26
CA GLY B 222 6.89 -36.79 25.83
C GLY B 222 6.87 -35.43 26.52
N GLU B 223 6.63 -35.40 27.83
CA GLU B 223 6.40 -34.16 28.59
C GLU B 223 7.72 -33.43 28.84
N LYS B 224 8.85 -34.09 28.60
CA LYS B 224 10.20 -33.48 28.72
C LYS B 224 10.59 -32.79 27.39
N SER B 225 9.81 -32.94 26.32
CA SER B 225 10.01 -32.19 25.04
C SER B 225 10.16 -30.71 25.35
N GLN B 226 11.19 -30.07 24.80
CA GLN B 226 11.59 -28.67 25.15
C GLN B 226 12.08 -27.93 23.90
N TYR B 227 11.40 -26.85 23.54
CA TYR B 227 11.82 -25.94 22.45
C TYR B 227 13.18 -25.32 22.79
N SER B 228 13.92 -24.83 21.80
CA SER B 228 15.19 -24.09 21.96
C SER B 228 15.03 -22.79 21.19
N ASN B 229 15.53 -21.70 21.76
CA ASN B 229 15.57 -20.42 21.02
C ASN B 229 16.64 -20.48 19.93
N GLN B 230 17.37 -21.60 19.78
CA GLN B 230 18.38 -21.80 18.70
C GLN B 230 17.74 -22.51 17.51
N ALA B 231 16.48 -22.95 17.63
CA ALA B 231 15.79 -23.75 16.61
C ALA B 231 14.76 -22.88 15.86
N SER B 232 14.10 -23.48 14.87
CA SER B 232 13.04 -22.84 14.05
C SER B 232 12.23 -23.92 13.36
N ASN B 233 11.40 -23.52 12.39
CA ASN B 233 10.80 -24.41 11.36
C ASN B 233 11.77 -24.45 10.18
N TYR B 234 12.62 -25.48 10.13
CA TYR B 234 13.66 -25.64 9.10
C TYR B 234 13.39 -26.90 8.27
N ARG B 235 12.32 -27.64 8.55
CA ARG B 235 12.10 -28.97 7.94
C ARG B 235 11.78 -28.86 6.45
N MET B 236 12.06 -29.92 5.69
CA MET B 236 11.58 -30.04 4.30
C MET B 236 10.15 -30.60 4.33
N CYS B 237 9.24 -29.97 3.58
CA CYS B 237 7.88 -30.49 3.32
C CYS B 237 7.98 -31.73 2.42
N ASP B 238 7.23 -32.80 2.74
CA ASP B 238 7.27 -34.05 1.92
C ASP B 238 6.86 -33.72 0.46
N LEU B 239 6.00 -32.73 0.24
CA LEU B 239 5.64 -32.36 -1.17
C LEU B 239 6.93 -32.02 -1.93
N ASN B 240 7.77 -31.19 -1.35
CA ASN B 240 9.03 -30.73 -1.98
C ASN B 240 9.98 -31.92 -2.09
N ALA B 241 10.02 -32.81 -1.10
CA ALA B 241 10.90 -33.98 -1.14
C ALA B 241 10.53 -34.83 -2.34
N ALA B 242 9.23 -34.88 -2.68
CA ALA B 242 8.76 -35.79 -3.76
C ALA B 242 9.22 -35.23 -5.10
N PHE B 243 9.06 -33.92 -5.31
CA PHE B 243 9.52 -33.24 -6.55
C PHE B 243 11.04 -33.35 -6.73
N ILE B 244 11.80 -33.16 -5.64
CA ILE B 244 13.28 -33.25 -5.65
C ILE B 244 13.68 -34.71 -5.89
N LEU B 245 13.11 -35.65 -5.13
CA LEU B 245 13.49 -37.07 -5.26
C LEU B 245 13.25 -37.51 -6.71
N SER B 246 12.08 -37.18 -7.26
CA SER B 246 11.67 -37.57 -8.64
C SER B 246 12.68 -37.01 -9.65
N TYR B 247 13.08 -35.76 -9.49
CA TYR B 247 14.02 -35.07 -10.40
C TYR B 247 15.37 -35.78 -10.38
N LEU B 248 15.85 -36.15 -9.19
CA LEU B 248 17.16 -36.82 -8.99
C LEU B 248 17.08 -38.22 -9.60
N GLN B 249 16.00 -38.94 -9.32
CA GLN B 249 15.80 -40.32 -9.84
C GLN B 249 16.00 -40.28 -11.35
N ASN B 250 15.43 -39.32 -12.06
CA ASN B 250 15.38 -39.29 -13.54
C ASN B 250 16.67 -38.71 -14.12
N ASN B 251 17.41 -37.88 -13.36
CA ASN B 251 18.40 -36.94 -13.96
C ASN B 251 19.78 -36.97 -13.32
N TYR B 252 19.98 -37.44 -12.09
CA TYR B 252 21.23 -37.12 -11.36
C TYR B 252 22.42 -37.72 -12.13
N LYS B 253 22.32 -38.93 -12.72
CA LYS B 253 23.49 -39.55 -13.40
C LYS B 253 23.85 -38.76 -14.65
N LYS B 254 22.86 -38.41 -15.47
CA LYS B 254 23.03 -37.62 -16.70
C LYS B 254 23.65 -36.26 -16.35
N ILE B 255 23.20 -35.62 -15.26
CA ILE B 255 23.77 -34.32 -14.82
C ILE B 255 25.27 -34.51 -14.50
N ILE B 256 25.63 -35.51 -13.72
CA ILE B 256 27.08 -35.72 -13.39
C ILE B 256 27.89 -35.89 -14.69
N ASN B 257 27.46 -36.77 -15.60
CA ASN B 257 28.31 -37.15 -16.77
C ASN B 257 28.40 -35.96 -17.73
N ARG B 258 27.25 -35.32 -17.99
CA ARG B 258 27.13 -34.24 -19.00
C ARG B 258 27.85 -32.98 -18.49
N HIS B 259 27.71 -32.66 -17.20
CA HIS B 259 28.43 -31.51 -16.60
C HIS B 259 29.93 -31.79 -16.66
N SER B 260 30.35 -33.04 -16.46
CA SER B 260 31.78 -33.41 -16.54
C SER B 260 32.23 -33.24 -18.00
N GLU B 261 31.35 -33.53 -18.97
CA GLU B 261 31.70 -33.43 -20.41
C GLU B 261 31.87 -31.95 -20.77
N ILE B 262 31.06 -31.07 -20.18
CA ILE B 262 31.05 -29.63 -20.52
C ILE B 262 32.36 -29.05 -20.00
N TYR B 263 32.73 -29.43 -18.79
CA TYR B 263 33.97 -28.96 -18.12
C TYR B 263 35.17 -29.37 -18.98
N GLU B 264 35.14 -30.60 -19.51
CA GLU B 264 36.26 -31.16 -20.32
C GLU B 264 36.51 -30.24 -21.53
N ILE B 265 35.46 -29.77 -22.19
CA ILE B 265 35.59 -28.96 -23.42
C ILE B 265 36.26 -27.63 -23.09
N TYR B 266 35.86 -26.96 -22.00
CA TYR B 266 36.47 -25.69 -21.54
C TYR B 266 37.94 -25.94 -21.15
N LYS B 267 38.21 -27.05 -20.47
CA LYS B 267 39.56 -27.38 -19.97
C LYS B 267 40.53 -27.50 -21.16
N ASN B 268 40.08 -28.05 -22.29
CA ASN B 268 40.94 -28.33 -23.48
C ASN B 268 40.80 -27.25 -24.55
N ASN B 269 39.92 -26.26 -24.39
CA ASN B 269 39.70 -25.18 -25.40
C ASN B 269 39.56 -23.80 -24.73
N LEU B 270 40.36 -23.52 -23.70
CA LEU B 270 40.29 -22.21 -22.97
C LEU B 270 40.42 -21.05 -23.95
N PRO B 271 39.47 -20.10 -23.99
CA PRO B 271 39.73 -18.82 -24.65
C PRO B 271 41.03 -18.19 -24.09
N LYS B 272 41.73 -17.42 -24.93
CA LYS B 272 42.99 -16.68 -24.55
C LYS B 272 42.65 -15.72 -23.40
N ARG B 273 43.53 -15.73 -22.38
CA ARG B 273 43.60 -14.75 -21.24
C ARG B 273 42.51 -15.03 -20.21
N PHE B 274 41.84 -16.18 -20.29
CA PHE B 274 40.94 -16.71 -19.23
C PHE B 274 41.62 -17.91 -18.57
N LYS B 275 41.30 -18.16 -17.31
CA LYS B 275 41.68 -19.40 -16.60
C LYS B 275 40.44 -20.04 -16.00
N LEU B 276 40.51 -21.34 -15.71
CA LEU B 276 39.42 -22.05 -15.00
C LEU B 276 39.46 -21.55 -13.55
N PHE B 277 38.30 -21.31 -12.94
CA PHE B 277 38.24 -21.02 -11.48
C PHE B 277 39.09 -22.06 -10.76
N PRO B 278 39.84 -21.73 -9.70
CA PRO B 278 40.62 -22.72 -8.98
C PRO B 278 39.81 -23.91 -8.42
N ASN B 279 40.37 -25.10 -8.56
CA ASN B 279 39.68 -26.39 -8.26
C ASN B 279 40.77 -27.40 -7.89
N HIS B 280 40.51 -28.26 -6.89
CA HIS B 280 41.51 -29.23 -6.36
C HIS B 280 41.01 -30.68 -6.45
N SER B 281 40.07 -31.01 -7.34
CA SER B 281 39.61 -32.41 -7.57
C SER B 281 40.42 -33.01 -8.73
N LYS B 282 40.75 -34.31 -8.67
CA LYS B 282 41.53 -35.02 -9.73
C LYS B 282 40.65 -35.21 -10.96
N LYS B 283 39.41 -35.62 -10.79
CA LYS B 283 38.44 -35.69 -11.91
C LYS B 283 37.74 -34.33 -12.02
N ASN B 284 37.19 -34.03 -13.21
CA ASN B 284 36.41 -32.80 -13.45
C ASN B 284 35.39 -32.63 -12.33
N PRO B 285 35.20 -31.39 -11.84
CA PRO B 285 34.14 -31.13 -10.87
C PRO B 285 32.80 -31.12 -11.60
N VAL B 286 31.71 -31.26 -10.85
CA VAL B 286 30.34 -31.13 -11.41
C VAL B 286 29.86 -29.74 -11.01
N CYS B 287 29.74 -28.82 -11.96
CA CYS B 287 29.63 -27.36 -11.73
C CYS B 287 28.19 -26.88 -11.93
N SER B 288 27.82 -25.83 -11.18
CA SER B 288 26.53 -25.11 -11.28
C SER B 288 26.65 -24.06 -12.39
N SER B 289 27.88 -23.67 -12.69
CA SER B 289 28.25 -22.85 -13.87
C SER B 289 29.73 -23.04 -14.19
N ILE B 290 30.12 -22.76 -15.44
CA ILE B 290 31.57 -22.70 -15.82
C ILE B 290 32.04 -21.28 -15.50
N CYS B 291 32.81 -21.17 -14.42
CA CYS B 291 33.45 -19.93 -13.93
C CYS B 291 34.87 -19.84 -14.47
N LEU B 292 35.10 -18.84 -15.32
CA LEU B 292 36.45 -18.45 -15.80
C LEU B 292 36.83 -17.10 -15.18
N LEU B 293 38.11 -16.96 -14.87
CA LEU B 293 38.76 -15.68 -14.50
C LEU B 293 39.47 -15.11 -15.74
N PHE B 294 38.97 -14.00 -16.29
CA PHE B 294 39.68 -13.10 -17.23
C PHE B 294 40.87 -12.48 -16.50
N ASP B 295 41.92 -12.06 -17.23
CA ASP B 295 43.20 -11.61 -16.60
C ASP B 295 43.05 -10.17 -16.08
N LYS B 296 42.01 -9.45 -16.51
CA LYS B 296 41.74 -8.04 -16.07
C LYS B 296 40.25 -7.84 -15.75
N PRO B 297 39.93 -6.87 -14.85
CA PRO B 297 38.55 -6.46 -14.60
C PRO B 297 37.73 -6.22 -15.88
N PHE B 298 36.42 -6.50 -15.89
CA PHE B 298 35.56 -6.26 -17.07
C PHE B 298 34.09 -6.26 -16.64
N ARG B 299 33.22 -5.68 -17.45
CA ARG B 299 31.79 -5.53 -17.13
C ARG B 299 30.99 -6.58 -17.92
N LEU B 300 29.98 -7.18 -17.29
CA LEU B 300 29.17 -8.27 -17.91
C LEU B 300 28.57 -7.81 -19.23
N ASP B 301 28.19 -6.53 -19.37
CA ASP B 301 27.52 -6.01 -20.59
C ASP B 301 28.48 -6.02 -21.79
N LYS B 302 29.77 -6.36 -21.59
CA LYS B 302 30.69 -6.64 -22.73
C LYS B 302 30.42 -8.03 -23.32
N ILE B 303 29.75 -8.93 -22.60
CA ILE B 303 29.55 -10.34 -23.03
C ILE B 303 28.19 -10.45 -23.72
N PRO B 304 28.15 -10.70 -25.05
CA PRO B 304 26.89 -10.75 -25.76
C PRO B 304 26.17 -12.11 -25.68
N PHE B 305 26.21 -12.77 -24.53
CA PHE B 305 25.44 -14.02 -24.27
C PHE B 305 25.20 -14.14 -22.76
N LEU B 306 24.18 -14.90 -22.38
CA LEU B 306 23.78 -15.11 -20.96
C LEU B 306 25.00 -15.52 -20.14
N SER B 307 25.28 -14.76 -19.08
CA SER B 307 26.49 -14.88 -18.22
C SER B 307 26.22 -14.12 -16.94
N ARG B 308 26.95 -14.43 -15.88
CA ARG B 308 26.73 -13.80 -14.55
C ARG B 308 28.07 -13.65 -13.86
N LYS B 309 28.11 -12.78 -12.85
CA LYS B 309 29.19 -12.74 -11.85
C LYS B 309 28.60 -13.25 -10.54
N TYR B 310 29.32 -14.16 -9.88
CA TYR B 310 29.16 -14.53 -8.46
C TYR B 310 30.55 -14.59 -7.86
N TYR B 311 30.72 -14.29 -6.57
CA TYR B 311 29.71 -13.69 -5.71
C TYR B 311 30.09 -12.23 -5.44
N LYS B 312 29.13 -11.30 -5.43
CA LYS B 312 29.39 -9.94 -4.90
C LYS B 312 29.95 -10.11 -3.50
N PRO B 313 31.14 -9.58 -3.18
CA PRO B 313 31.69 -9.76 -1.84
C PRO B 313 30.69 -9.31 -0.76
N LEU B 314 30.59 -10.07 0.33
CA LEU B 314 29.71 -9.73 1.49
C LEU B 314 30.29 -8.48 2.16
N ASP B 315 31.62 -8.42 2.21
CA ASP B 315 32.44 -7.29 2.72
C ASP B 315 33.21 -6.73 1.51
N LEU B 316 32.79 -5.58 0.99
CA LEU B 316 33.32 -5.01 -0.27
C LEU B 316 34.76 -4.52 -0.10
N SER B 317 35.29 -4.56 1.14
CA SER B 317 36.70 -4.27 1.52
C SER B 317 37.56 -5.56 1.56
N SER B 318 37.13 -6.63 0.93
CA SER B 318 37.90 -7.90 0.80
C SER B 318 38.56 -7.89 -0.58
N PRO B 319 39.88 -7.61 -0.67
CA PRO B 319 40.50 -7.30 -1.96
C PRO B 319 40.55 -8.50 -2.91
N VAL B 320 40.95 -9.67 -2.41
CA VAL B 320 41.00 -10.89 -3.26
C VAL B 320 39.58 -11.21 -3.72
N SER B 321 38.60 -11.12 -2.82
CA SER B 321 37.19 -11.39 -3.17
C SER B 321 36.73 -10.41 -4.26
N LEU B 322 37.04 -9.12 -4.14
CA LEU B 322 36.60 -8.08 -5.13
C LEU B 322 37.25 -8.34 -6.50
N ASP B 323 38.53 -8.69 -6.50
CA ASP B 323 39.29 -8.98 -7.75
C ASP B 323 38.58 -10.10 -8.52
N PHE B 324 38.33 -11.23 -7.84
CA PHE B 324 37.63 -12.41 -8.42
C PHE B 324 36.31 -11.97 -9.04
N TYR B 325 35.50 -11.24 -8.26
CA TYR B 325 34.20 -10.73 -8.70
C TYR B 325 34.34 -9.93 -10.00
N GLN B 326 35.36 -9.08 -10.08
CA GLN B 326 35.57 -8.13 -11.21
C GLN B 326 36.09 -8.90 -12.43
N ARG B 327 36.83 -9.99 -12.20
CA ARG B 327 37.52 -10.79 -13.25
C ARG B 327 36.69 -12.02 -13.67
N ILE B 328 35.68 -12.42 -12.87
CA ILE B 328 34.97 -13.72 -13.08
C ILE B 328 33.96 -13.61 -14.22
N LEU B 329 33.76 -14.70 -14.95
CA LEU B 329 32.64 -14.87 -15.90
C LEU B 329 32.04 -16.26 -15.69
N CYS B 330 30.82 -16.32 -15.18
CA CYS B 330 30.08 -17.57 -14.89
C CYS B 330 29.14 -17.85 -16.06
N ILE B 331 29.47 -18.89 -16.83
CA ILE B 331 28.79 -19.30 -18.10
C ILE B 331 27.79 -20.40 -17.75
N PRO B 332 26.60 -20.44 -18.38
CA PRO B 332 25.64 -21.50 -18.10
C PRO B 332 26.26 -22.89 -18.24
N CYS B 333 25.93 -23.80 -17.31
CA CYS B 333 26.32 -25.22 -17.35
C CYS B 333 25.11 -26.08 -16.96
N ASN B 334 24.49 -26.74 -17.95
CA ASN B 334 23.29 -27.57 -17.74
C ASN B 334 23.16 -28.58 -18.89
N ILE B 335 22.28 -29.56 -18.74
CA ILE B 335 22.15 -30.70 -19.70
C ILE B 335 21.40 -30.26 -20.96
N ASP B 336 20.97 -29.01 -21.11
CA ASP B 336 20.27 -28.59 -22.36
C ASP B 336 21.27 -28.05 -23.38
N LEU B 337 22.48 -27.71 -22.92
CA LEU B 337 23.53 -27.03 -23.72
C LEU B 337 24.15 -28.01 -24.71
N THR B 338 24.22 -27.64 -26.00
CA THR B 338 24.93 -28.45 -27.04
C THR B 338 26.42 -28.10 -27.02
N ASP B 339 27.27 -29.03 -27.43
CA ASP B 339 28.70 -28.75 -27.71
C ASP B 339 28.82 -27.62 -28.73
N ARG B 340 27.99 -27.62 -29.78
CA ARG B 340 27.96 -26.56 -30.82
C ARG B 340 27.88 -25.20 -30.09
N GLN B 341 26.97 -25.06 -29.13
CA GLN B 341 26.76 -23.83 -28.32
C GLN B 341 28.05 -23.53 -27.54
N ILE B 342 28.67 -24.55 -26.94
CA ILE B 342 29.89 -24.32 -26.12
C ILE B 342 30.97 -23.72 -27.03
N TYR B 343 31.20 -24.30 -28.22
CA TYR B 343 32.25 -23.84 -29.19
C TYR B 343 31.88 -22.43 -29.66
N GLU B 344 30.61 -22.16 -29.99
CA GLU B 344 30.14 -20.79 -30.36
C GLU B 344 30.45 -19.83 -29.20
N ILE B 345 30.25 -20.24 -27.93
CA ILE B 345 30.61 -19.45 -26.71
C ILE B 345 32.12 -19.17 -26.68
N ILE B 346 32.97 -20.19 -26.87
CA ILE B 346 34.46 -20.07 -26.70
C ILE B 346 34.99 -19.10 -27.76
N GLY B 347 34.37 -19.09 -28.94
CA GLY B 347 34.71 -18.18 -30.05
C GLY B 347 34.34 -16.74 -29.73
N VAL B 348 33.20 -16.52 -29.05
CA VAL B 348 32.76 -15.14 -28.65
C VAL B 348 33.77 -14.63 -27.62
N LEU B 349 34.21 -15.51 -26.72
CA LEU B 349 35.15 -15.12 -25.63
C LEU B 349 36.53 -14.79 -26.21
N ASN B 350 36.98 -15.54 -27.21
CA ASN B 350 38.28 -15.30 -27.88
C ASN B 350 38.28 -13.91 -28.52
N GLU B 351 37.21 -13.60 -29.26
CA GLU B 351 36.89 -12.26 -29.81
C GLU B 351 37.02 -11.19 -28.71
N PHE B 352 36.21 -11.29 -27.65
CA PHE B 352 36.22 -10.38 -26.48
C PHE B 352 37.66 -10.16 -26.02
N ALA B 353 38.46 -11.23 -25.86
CA ALA B 353 39.83 -11.19 -25.31
C ALA B 353 40.77 -10.33 -26.18
N ASP B 354 40.63 -10.42 -27.51
CA ASP B 354 41.45 -9.62 -28.45
C ASP B 354 41.08 -8.13 -28.35
N LYS B 355 39.80 -7.80 -28.09
CA LYS B 355 39.30 -6.39 -28.14
C LYS B 355 39.26 -5.76 -26.73
N ASN B 356 39.72 -6.46 -25.69
CA ASN B 356 39.65 -5.99 -24.27
C ASN B 356 40.92 -6.46 -23.55
N GLY C 6 -41.99 -0.27 6.41
CA GLY C 6 -42.17 0.78 5.33
C GLY C 6 -41.05 1.82 5.34
N LEU C 7 -40.40 2.01 6.50
CA LEU C 7 -39.37 3.08 6.67
C LEU C 7 -37.97 2.53 6.34
N GLU C 8 -37.86 1.23 6.11
CA GLU C 8 -36.59 0.56 5.74
C GLU C 8 -36.16 1.03 4.33
N LYS C 9 -37.08 1.56 3.52
CA LYS C 9 -36.79 2.07 2.14
C LYS C 9 -36.41 3.57 2.15
N LEU C 10 -36.44 4.28 3.30
CA LEU C 10 -36.10 5.73 3.35
C LEU C 10 -34.69 5.93 2.78
N THR C 11 -34.49 6.94 1.94
CA THR C 11 -33.15 7.45 1.52
C THR C 11 -33.07 8.95 1.80
N TRP C 12 -31.89 9.47 2.07
CA TRP C 12 -31.66 10.88 2.48
C TRP C 12 -31.98 11.79 1.29
N VAL C 13 -31.54 11.32 0.13
CA VAL C 13 -31.51 11.99 -1.18
C VAL C 13 -32.42 11.17 -2.11
N SER C 14 -33.19 11.79 -2.99
CA SER C 14 -33.92 11.05 -4.04
C SER C 14 -32.91 10.34 -4.94
N GLU C 15 -33.37 9.30 -5.62
CA GLU C 15 -32.57 8.61 -6.65
C GLU C 15 -32.31 9.66 -7.73
N LYS C 16 -31.05 9.94 -8.03
CA LYS C 16 -30.67 10.92 -9.05
C LYS C 16 -29.85 10.15 -10.08
N LYS C 17 -30.25 10.28 -11.32
CA LYS C 17 -29.65 9.55 -12.46
C LYS C 17 -29.51 10.54 -13.59
N PRO C 18 -28.37 10.52 -14.32
CA PRO C 18 -28.18 11.41 -15.44
C PRO C 18 -29.25 11.14 -16.51
N ASP C 19 -29.88 12.18 -17.00
CA ASP C 19 -30.51 12.19 -18.33
C ASP C 19 -29.38 12.18 -19.37
N TRP C 20 -28.94 11.00 -19.81
CA TRP C 20 -27.69 10.83 -20.60
C TRP C 20 -27.79 11.50 -21.97
N SER C 21 -28.94 11.39 -22.65
N SER C 21 -28.95 11.40 -22.63
CA SER C 21 -29.21 12.10 -23.92
CA SER C 21 -29.23 12.08 -23.92
C SER C 21 -28.97 13.61 -23.72
C SER C 21 -29.04 13.60 -23.76
N ASN C 22 -29.57 14.19 -22.69
CA ASN C 22 -29.47 15.65 -22.44
C ASN C 22 -28.03 16.00 -22.03
N VAL C 23 -27.39 15.16 -21.21
CA VAL C 23 -25.98 15.40 -20.75
C VAL C 23 -25.04 15.29 -21.96
N GLN C 24 -25.23 14.30 -22.83
CA GLN C 24 -24.40 14.16 -24.06
C GLN C 24 -24.63 15.35 -24.99
N LYS C 25 -25.88 15.80 -25.13
CA LYS C 25 -26.21 16.97 -25.99
C LYS C 25 -25.54 18.23 -25.43
N LEU C 26 -25.59 18.45 -24.11
CA LEU C 26 -24.92 19.63 -23.48
C LEU C 26 -23.41 19.55 -23.72
N ILE C 27 -22.80 18.41 -23.44
CA ILE C 27 -21.32 18.27 -23.47
C ILE C 27 -20.82 18.21 -24.91
N ALA C 28 -21.70 17.96 -25.89
CA ALA C 28 -21.37 18.14 -27.33
C ALA C 28 -20.66 19.48 -27.59
N ALA C 29 -21.10 20.56 -26.96
CA ALA C 29 -20.47 21.89 -27.07
C ALA C 29 -18.97 21.82 -26.67
N CYS C 30 -18.64 21.08 -25.61
CA CYS C 30 -17.25 20.89 -25.11
C CYS C 30 -16.48 20.06 -26.15
N GLU C 31 -17.13 19.05 -26.74
CA GLU C 31 -16.47 18.09 -27.65
C GLU C 31 -16.07 18.81 -28.95
N ALA C 32 -16.84 19.79 -29.40
CA ALA C 32 -16.62 20.50 -30.69
C ALA C 32 -15.41 21.45 -30.60
N THR C 33 -15.18 22.10 -29.45
CA THR C 33 -14.06 23.08 -29.24
C THR C 33 -12.95 22.53 -28.33
N ASN C 34 -13.11 21.33 -27.76
CA ASN C 34 -12.16 20.73 -26.79
C ASN C 34 -12.04 21.58 -25.51
N GLN C 35 -13.03 22.40 -25.16
CA GLN C 35 -12.95 23.23 -23.91
C GLN C 35 -13.88 22.62 -22.86
N TYR C 36 -13.32 21.92 -21.89
CA TYR C 36 -14.07 21.26 -20.79
C TYR C 36 -13.92 21.96 -19.43
N THR C 37 -13.09 22.98 -19.34
CA THR C 37 -12.95 23.78 -18.09
C THR C 37 -12.36 25.13 -18.48
N ASN C 38 -11.94 25.91 -17.48
CA ASN C 38 -11.42 27.29 -17.66
C ASN C 38 -12.54 28.08 -18.35
N ILE C 39 -13.76 27.91 -17.87
CA ILE C 39 -15.00 28.59 -18.36
C ILE C 39 -15.19 28.22 -19.83
N GLY C 40 -15.62 26.98 -20.07
CA GLY C 40 -16.08 26.52 -21.39
C GLY C 40 -17.54 26.89 -21.63
N PRO C 41 -18.21 26.25 -22.64
CA PRO C 41 -19.51 26.72 -23.11
C PRO C 41 -20.71 26.36 -22.22
N ILE C 42 -20.51 25.55 -21.18
CA ILE C 42 -21.62 25.11 -20.27
C ILE C 42 -21.77 26.13 -19.11
N ILE C 43 -20.71 26.85 -18.75
CA ILE C 43 -20.75 27.67 -17.51
C ILE C 43 -21.87 28.73 -17.63
N SER C 44 -21.87 29.56 -18.67
CA SER C 44 -22.87 30.64 -18.86
C SER C 44 -24.28 30.04 -18.84
N GLN C 45 -24.50 28.86 -19.43
CA GLN C 45 -25.84 28.21 -19.49
C GLN C 45 -26.30 27.88 -18.07
N LEU C 46 -25.43 27.27 -17.23
CA LEU C 46 -25.81 26.95 -15.83
C LEU C 46 -26.07 28.25 -15.06
N GLU C 47 -25.21 29.26 -15.23
CA GLU C 47 -25.30 30.53 -14.46
C GLU C 47 -26.61 31.25 -14.87
N SER C 48 -26.96 31.26 -16.15
CA SER C 48 -28.24 31.85 -16.66
C SER C 48 -29.42 31.12 -16.03
N PHE C 49 -29.35 29.79 -16.04
CA PHE C 49 -30.44 28.94 -15.52
C PHE C 49 -30.66 29.26 -14.05
N ILE C 50 -29.59 29.30 -13.25
CA ILE C 50 -29.71 29.60 -11.79
C ILE C 50 -30.38 30.97 -11.62
N ARG C 51 -29.95 31.97 -12.38
CA ARG C 51 -30.50 33.35 -12.27
C ARG C 51 -32.00 33.31 -12.59
N ASP C 52 -32.36 32.72 -13.73
CA ASP C 52 -33.75 32.73 -14.25
C ASP C 52 -34.64 31.85 -13.39
N SER C 53 -34.14 30.69 -12.96
CA SER C 53 -34.97 29.64 -12.30
C SER C 53 -35.09 29.93 -10.81
N PHE C 54 -34.04 30.41 -10.14
CA PHE C 54 -34.04 30.71 -8.68
C PHE C 54 -34.39 32.19 -8.43
N LEU C 55 -34.53 33.01 -9.48
CA LEU C 55 -34.98 34.43 -9.40
C LEU C 55 -33.96 35.26 -8.62
N ILE C 56 -32.74 35.29 -9.14
CA ILE C 56 -31.67 36.15 -8.61
C ILE C 56 -31.83 37.50 -9.28
N GLU C 57 -31.69 38.59 -8.50
CA GLU C 57 -31.83 39.98 -8.99
C GLU C 57 -30.62 40.39 -9.85
N GLU C 58 -30.84 41.36 -10.76
CA GLU C 58 -29.82 41.86 -11.73
C GLU C 58 -28.63 42.48 -11.00
N SER C 59 -28.81 42.96 -9.78
CA SER C 59 -27.74 43.58 -8.98
C SER C 59 -26.73 42.53 -8.48
N LYS C 60 -27.02 41.25 -8.69
CA LYS C 60 -26.17 40.14 -8.19
C LYS C 60 -25.58 39.40 -9.40
N ALA C 61 -24.28 39.14 -9.32
CA ALA C 61 -23.60 38.16 -10.16
C ALA C 61 -23.97 36.75 -9.66
N VAL C 62 -24.04 35.82 -10.60
CA VAL C 62 -24.17 34.36 -10.34
C VAL C 62 -22.90 33.66 -10.81
N ILE C 63 -22.13 33.12 -9.88
CA ILE C 63 -20.78 32.56 -10.16
C ILE C 63 -20.71 31.11 -9.66
N VAL C 64 -20.66 30.15 -10.58
CA VAL C 64 -20.55 28.72 -10.17
C VAL C 64 -19.09 28.39 -9.84
N THR C 65 -18.93 27.42 -8.96
CA THR C 65 -17.66 26.99 -8.34
C THR C 65 -17.69 25.49 -8.20
N SER C 66 -16.54 24.90 -7.83
CA SER C 66 -16.34 23.43 -7.75
C SER C 66 -17.29 22.84 -6.72
N ASN C 67 -17.63 23.57 -5.66
CA ASN C 67 -18.45 23.04 -4.56
C ASN C 67 -18.92 24.20 -3.67
N GLY C 68 -19.84 23.91 -2.73
CA GLY C 68 -20.39 24.94 -1.81
C GLY C 68 -19.29 25.59 -1.00
N THR C 69 -18.32 24.79 -0.55
CA THR C 69 -17.18 25.25 0.25
C THR C 69 -16.33 26.23 -0.57
N SER C 70 -15.99 25.90 -1.82
CA SER C 70 -15.17 26.77 -2.71
C SER C 70 -16.00 27.99 -3.11
N ALA C 71 -17.33 27.88 -3.09
CA ALA C 71 -18.21 29.05 -3.29
C ALA C 71 -17.89 30.06 -2.16
N LEU C 72 -17.95 29.65 -0.91
CA LEU C 72 -17.67 30.53 0.26
C LEU C 72 -16.21 31.00 0.23
N HIS C 73 -15.28 30.12 -0.08
CA HIS C 73 -13.84 30.46 0.00
C HIS C 73 -13.47 31.44 -1.12
N ALA C 74 -13.97 31.22 -2.32
CA ALA C 74 -13.70 32.10 -3.50
C ALA C 74 -14.36 33.47 -3.26
N LEU C 75 -15.53 33.49 -2.63
CA LEU C 75 -16.22 34.75 -2.26
C LEU C 75 -15.32 35.57 -1.33
N VAL C 76 -14.83 34.97 -0.24
CA VAL C 76 -13.94 35.61 0.77
C VAL C 76 -12.59 35.98 0.14
N GLY C 77 -11.96 35.07 -0.61
CA GLY C 77 -10.68 35.35 -1.30
C GLY C 77 -10.77 36.52 -2.28
N GLY C 78 -11.88 36.59 -3.01
CA GLY C 78 -12.16 37.69 -3.96
C GLY C 78 -12.26 39.03 -3.25
N ILE C 79 -13.02 39.09 -2.17
CA ILE C 79 -13.23 40.39 -1.47
C ILE C 79 -11.92 40.73 -0.75
N ASN C 80 -11.27 39.74 -0.14
CA ASN C 80 -9.93 39.92 0.43
C ASN C 80 -9.05 40.67 -0.58
N ARG C 81 -9.02 40.19 -1.82
CA ARG C 81 -8.11 40.77 -2.85
C ARG C 81 -8.58 42.18 -3.20
N GLN C 82 -9.89 42.36 -3.35
CA GLN C 82 -10.46 43.67 -3.70
C GLN C 82 -10.11 44.71 -2.63
N LEU C 83 -10.15 44.37 -1.33
CA LEU C 83 -9.91 45.35 -0.25
C LEU C 83 -8.46 45.28 0.27
N GLY C 84 -7.57 44.54 -0.39
CA GLY C 84 -6.13 44.50 -0.09
C GLY C 84 -5.80 44.01 1.31
N ARG C 85 -6.68 43.26 1.99
CA ARG C 85 -6.26 42.54 3.22
C ARG C 85 -7.15 41.33 3.48
N GLU C 86 -6.69 40.50 4.41
CA GLU C 86 -7.35 39.24 4.82
C GLU C 86 -8.39 39.63 5.88
N LEU C 87 -9.66 39.60 5.48
CA LEU C 87 -10.79 40.06 6.32
C LEU C 87 -11.10 39.02 7.38
N LYS C 88 -11.55 39.53 8.53
CA LYS C 88 -11.89 38.79 9.74
C LYS C 88 -13.40 38.57 9.69
N PHE C 89 -13.86 37.32 9.58
CA PHE C 89 -15.30 36.98 9.58
C PHE C 89 -15.65 36.29 10.90
N VAL C 90 -16.87 36.57 11.37
CA VAL C 90 -17.53 35.83 12.46
C VAL C 90 -18.50 34.87 11.79
N THR C 91 -18.51 33.62 12.21
CA THR C 91 -19.50 32.58 11.80
C THR C 91 -20.20 32.05 13.06
N GLN C 92 -21.34 31.39 12.89
CA GLN C 92 -22.08 30.77 14.00
C GLN C 92 -21.52 29.36 14.22
N SER C 93 -21.57 28.88 15.46
CA SER C 93 -21.08 27.55 15.88
C SER C 93 -21.97 26.44 15.31
N PHE C 94 -23.26 26.76 15.11
CA PHE C 94 -24.31 25.84 14.57
C PHE C 94 -24.28 25.94 13.04
N THR C 95 -23.24 25.33 12.45
CA THR C 95 -23.03 25.31 11.00
C THR C 95 -22.01 24.24 10.62
N PHE C 96 -21.82 24.09 9.32
CA PHE C 96 -20.89 23.15 8.66
C PHE C 96 -19.46 23.72 8.73
N PRO C 97 -18.41 22.86 8.78
CA PRO C 97 -17.01 23.33 8.86
C PRO C 97 -16.52 24.36 7.83
N SER C 98 -17.18 24.53 6.68
CA SER C 98 -16.70 25.35 5.54
C SER C 98 -16.33 26.77 6.01
N SER C 99 -17.14 27.38 6.90
CA SER C 99 -16.95 28.77 7.40
C SER C 99 -15.88 28.86 8.52
N ASN C 100 -15.14 27.78 8.80
CA ASN C 100 -13.93 27.86 9.65
C ASN C 100 -12.75 27.18 8.94
N GLN C 101 -12.64 27.32 7.62
CA GLN C 101 -11.65 26.61 6.76
C GLN C 101 -11.17 27.56 5.66
N GLY C 102 -10.08 27.24 4.98
CA GLY C 102 -9.54 28.04 3.88
C GLY C 102 -9.26 29.47 4.32
N PRO C 103 -9.68 30.51 3.58
CA PRO C 103 -9.44 31.89 4.01
C PRO C 103 -10.26 32.24 5.27
N LEU C 104 -11.07 31.29 5.80
CA LEU C 104 -11.87 31.43 7.04
C LEU C 104 -11.37 30.47 8.13
N LYS C 105 -10.15 29.93 8.02
CA LYS C 105 -9.63 28.96 9.00
C LYS C 105 -9.44 29.62 10.37
N ASP C 106 -9.31 30.95 10.44
CA ASP C 106 -9.16 31.70 11.71
C ASP C 106 -10.38 32.62 11.92
N SER C 107 -11.51 32.30 11.28
CA SER C 107 -12.83 32.92 11.54
C SER C 107 -13.09 32.86 13.04
N ILE C 108 -13.84 33.83 13.56
CA ILE C 108 -14.29 33.84 14.99
C ILE C 108 -15.62 33.09 15.04
N ILE C 109 -15.73 32.12 15.95
CA ILE C 109 -16.96 31.32 16.13
C ILE C 109 -17.71 31.87 17.34
N VAL C 110 -18.94 32.33 17.14
CA VAL C 110 -19.90 32.67 18.23
C VAL C 110 -21.16 31.79 18.16
N ASP C 111 -21.91 31.75 19.27
CA ASP C 111 -23.17 30.96 19.40
C ASP C 111 -24.24 31.52 18.48
N ILE C 112 -25.27 30.71 18.23
CA ILE C 112 -26.57 31.17 17.64
C ILE C 112 -27.44 31.71 18.78
N ASP C 113 -28.48 32.45 18.44
CA ASP C 113 -29.63 32.71 19.33
C ASP C 113 -30.69 31.63 19.04
N GLU C 114 -31.83 31.70 19.72
CA GLU C 114 -32.86 30.62 19.70
C GLU C 114 -33.64 30.69 18.39
N ASP C 115 -33.37 31.68 17.55
CA ASP C 115 -34.01 31.80 16.23
C ASP C 115 -33.18 31.12 15.12
N GLY C 116 -32.01 30.57 15.45
CA GLY C 116 -31.31 29.63 14.55
C GLY C 116 -30.09 30.20 13.85
N GLY C 117 -29.86 31.50 13.96
CA GLY C 117 -28.72 32.19 13.34
C GLY C 117 -27.77 32.79 14.36
N LEU C 118 -26.61 33.25 13.86
CA LEU C 118 -25.54 33.95 14.60
C LEU C 118 -26.11 34.96 15.62
N ASP C 119 -25.66 34.89 16.87
CA ASP C 119 -26.17 35.76 17.97
C ASP C 119 -25.44 37.11 17.92
N LEU C 120 -26.13 38.13 17.45
CA LEU C 120 -25.59 39.50 17.23
C LEU C 120 -25.14 40.16 18.53
N ASN C 121 -25.66 39.75 19.69
CA ASN C 121 -25.23 40.25 21.01
C ASN C 121 -23.82 39.73 21.31
N ALA C 122 -23.28 38.76 20.56
CA ALA C 122 -21.89 38.27 20.76
C ALA C 122 -20.88 39.01 19.87
N VAL C 123 -21.30 39.95 19.02
CA VAL C 123 -20.38 40.80 18.19
C VAL C 123 -20.46 42.24 18.73
N ILE C 126 -16.12 43.75 19.45
CA ILE C 126 -15.07 42.78 18.99
C ILE C 126 -14.55 43.23 17.61
N GLU C 127 -13.30 42.91 17.25
CA GLU C 127 -12.70 43.30 15.94
C GLU C 127 -13.03 42.21 14.88
N TYR C 128 -13.87 42.58 13.90
CA TYR C 128 -14.30 41.75 12.74
C TYR C 128 -14.69 42.66 11.58
N ASP C 129 -14.68 42.16 10.34
CA ASP C 129 -15.04 42.96 9.13
C ASP C 129 -16.40 42.49 8.59
N GLY C 130 -16.86 41.31 8.99
CA GLY C 130 -18.03 40.69 8.34
C GLY C 130 -18.55 39.52 9.15
N ILE C 131 -19.79 39.11 8.87
CA ILE C 131 -20.41 37.95 9.56
C ILE C 131 -20.92 36.97 8.50
N ILE C 132 -20.90 35.69 8.86
CA ILE C 132 -21.52 34.61 8.04
C ILE C 132 -22.64 34.01 8.89
N VAL C 133 -23.85 34.03 8.35
CA VAL C 133 -25.10 33.54 8.99
C VAL C 133 -25.60 32.37 8.16
N THR C 134 -25.81 31.23 8.78
CA THR C 134 -26.29 30.03 8.08
C THR C 134 -27.81 29.96 8.22
N ASN C 135 -28.50 29.96 7.07
CA ASN C 135 -29.94 29.65 6.89
C ASN C 135 -30.05 28.12 6.84
N ILE C 136 -30.50 27.51 7.93
CA ILE C 136 -30.33 26.06 8.25
C ILE C 136 -31.30 25.19 7.45
N HIS C 137 -30.76 24.30 6.62
CA HIS C 137 -31.48 23.21 5.90
C HIS C 137 -32.73 23.75 5.18
N GLY C 138 -32.65 24.97 4.63
CA GLY C 138 -33.72 25.64 3.86
C GLY C 138 -34.57 26.59 4.70
N ASN C 139 -34.48 26.49 6.02
CA ASN C 139 -35.07 27.49 6.96
C ASN C 139 -34.28 28.79 6.82
N VAL C 140 -34.92 29.92 7.08
CA VAL C 140 -34.26 31.25 7.07
C VAL C 140 -34.46 31.94 8.42
N VAL C 141 -33.44 32.66 8.80
CA VAL C 141 -33.41 33.55 9.99
C VAL C 141 -34.26 34.79 9.70
N ASP C 142 -34.41 35.65 10.71
CA ASP C 142 -34.99 37.00 10.49
C ASP C 142 -33.93 37.81 9.74
N ILE C 143 -33.92 37.69 8.42
CA ILE C 143 -32.82 38.20 7.56
C ILE C 143 -32.62 39.70 7.79
N ASN C 144 -33.70 40.47 8.02
CA ASN C 144 -33.62 41.96 8.04
C ASN C 144 -32.85 42.41 9.29
N LYS C 145 -32.92 41.66 10.40
CA LYS C 145 -32.16 42.04 11.61
C LYS C 145 -30.66 41.96 11.30
N TYR C 146 -30.24 41.09 10.39
CA TYR C 146 -28.80 40.97 10.03
C TYR C 146 -28.43 42.08 9.05
N VAL C 147 -29.26 42.33 8.02
CA VAL C 147 -29.06 43.41 7.00
C VAL C 147 -28.91 44.76 7.74
N ASP C 148 -29.83 45.05 8.67
CA ASP C 148 -29.87 46.31 9.46
C ASP C 148 -28.62 46.37 10.33
N PHE C 149 -28.31 45.33 11.11
CA PHE C 149 -27.13 45.30 12.00
C PHE C 149 -25.83 45.55 11.21
N CYS C 150 -25.66 44.90 10.06
CA CYS C 150 -24.42 45.00 9.25
C CYS C 150 -24.36 46.40 8.60
N MET C 151 -25.47 46.96 8.16
CA MET C 151 -25.48 48.37 7.69
C MET C 151 -25.10 49.30 8.85
N ASN C 152 -25.64 49.12 10.06
CA ASN C 152 -25.41 50.06 11.19
C ASN C 152 -23.97 49.99 11.71
N HIS C 153 -23.28 48.86 11.58
CA HIS C 153 -21.88 48.70 12.06
C HIS C 153 -20.90 48.72 10.88
N ASN C 154 -21.37 48.99 9.67
CA ASN C 154 -20.52 48.98 8.45
C ASN C 154 -19.75 47.65 8.32
N LYS C 155 -20.46 46.52 8.18
CA LYS C 155 -19.85 45.15 8.14
C LYS C 155 -20.36 44.40 6.92
N LEU C 156 -19.55 43.46 6.41
CA LEU C 156 -19.97 42.59 5.29
C LEU C 156 -20.95 41.56 5.85
N LEU C 157 -21.99 41.22 5.08
CA LEU C 157 -23.02 40.21 5.44
C LEU C 157 -23.04 39.13 4.37
N ILE C 158 -22.71 37.89 4.75
CA ILE C 158 -22.75 36.69 3.85
C ILE C 158 -23.73 35.69 4.44
N PHE C 159 -24.64 35.19 3.62
CA PHE C 159 -25.53 34.07 4.01
C PHE C 159 -24.95 32.78 3.46
N ASP C 160 -24.66 31.83 4.35
CA ASP C 160 -24.44 30.42 3.97
C ASP C 160 -25.82 29.81 3.64
N ASN C 161 -26.20 29.81 2.36
CA ASN C 161 -27.43 29.18 1.81
C ASN C 161 -27.07 27.83 1.14
N ALA C 162 -26.01 27.14 1.59
CA ALA C 162 -25.61 25.84 1.02
C ALA C 162 -26.86 24.99 0.81
N ALA C 163 -27.70 24.91 1.84
CA ALA C 163 -28.89 24.03 1.89
C ALA C 163 -30.19 24.80 1.59
N THR C 164 -30.10 26.02 1.04
CA THR C 164 -31.24 26.97 1.04
C THR C 164 -31.31 27.69 -0.32
N GLY C 165 -31.61 26.96 -1.39
CA GLY C 165 -31.59 27.53 -2.75
C GLY C 165 -32.89 28.27 -3.11
N TYR C 166 -34.00 27.99 -2.44
CA TYR C 166 -35.35 28.44 -2.89
C TYR C 166 -36.28 28.59 -1.70
N THR C 167 -35.86 29.37 -0.72
CA THR C 167 -36.71 29.88 0.37
C THR C 167 -36.82 31.39 0.18
N PHE C 168 -38.04 31.94 0.22
CA PHE C 168 -38.27 33.37 -0.10
C PHE C 168 -38.53 34.14 1.19
N TYR C 169 -37.99 35.35 1.28
CA TYR C 169 -38.12 36.25 2.44
C TYR C 169 -38.54 37.62 1.88
N LEU C 170 -39.72 38.10 2.30
CA LEU C 170 -40.30 39.37 1.83
C LEU C 170 -40.26 39.44 0.30
N GLY C 171 -40.74 38.40 -0.38
CA GLY C 171 -41.08 38.40 -1.81
C GLY C 171 -39.89 38.10 -2.73
N LYS C 172 -38.71 37.79 -2.21
CA LYS C 172 -37.56 37.44 -3.08
C LYS C 172 -36.68 36.34 -2.46
N ASN C 173 -35.97 35.62 -3.32
CA ASN C 173 -35.09 34.49 -2.94
C ASN C 173 -34.16 35.02 -1.87
N SER C 174 -34.08 34.32 -0.72
CA SER C 174 -33.22 34.71 0.43
C SER C 174 -31.77 34.87 -0.02
N CYS C 175 -31.39 34.24 -1.13
CA CYS C 175 -30.04 34.35 -1.74
C CYS C 175 -29.72 35.80 -2.15
N ASN C 176 -30.76 36.61 -2.36
CA ASN C 176 -30.60 38.00 -2.85
C ASN C 176 -30.27 38.93 -1.69
N TYR C 177 -30.22 38.45 -0.45
CA TYR C 177 -29.97 39.35 0.69
C TYR C 177 -28.50 39.26 1.12
N GLY C 178 -28.07 40.28 1.87
CA GLY C 178 -26.66 40.51 2.25
C GLY C 178 -25.87 40.97 1.06
N HIS C 179 -24.55 41.17 1.24
CA HIS C 179 -23.62 41.42 0.11
C HIS C 179 -23.56 40.15 -0.74
N ALA C 180 -23.74 38.97 -0.15
CA ALA C 180 -23.59 37.70 -0.90
C ALA C 180 -24.26 36.53 -0.19
N SER C 181 -24.53 35.48 -0.95
CA SER C 181 -24.86 34.14 -0.41
C SER C 181 -24.13 33.08 -1.23
N ILE C 182 -24.05 31.87 -0.69
CA ILE C 182 -23.57 30.70 -1.47
C ILE C 182 -24.61 29.60 -1.37
N ILE C 183 -24.66 28.77 -2.39
CA ILE C 183 -25.55 27.58 -2.50
CA ILE C 183 -25.53 27.56 -2.41
C ILE C 183 -24.64 26.37 -2.80
N SER C 184 -25.01 25.19 -2.33
CA SER C 184 -24.30 23.93 -2.66
C SER C 184 -25.12 23.13 -3.69
N PHE C 185 -24.44 22.55 -4.68
CA PHE C 185 -25.03 21.57 -5.62
C PHE C 185 -24.45 20.19 -5.32
N HIS C 186 -24.02 20.00 -4.07
CA HIS C 186 -23.55 18.69 -3.57
C HIS C 186 -24.68 17.70 -3.71
N HIS C 187 -24.35 16.43 -3.94
CA HIS C 187 -25.36 15.38 -4.24
C HIS C 187 -26.42 15.37 -3.13
N THR C 188 -26.04 15.72 -1.91
CA THR C 188 -26.93 15.63 -0.72
C THR C 188 -27.93 16.78 -0.69
N ALA C 189 -27.76 17.82 -1.50
CA ALA C 189 -28.64 18.99 -1.52
C ALA C 189 -29.79 18.71 -2.48
N PRO C 190 -31.00 19.26 -2.24
CA PRO C 190 -32.12 18.99 -3.11
C PRO C 190 -31.81 19.25 -4.59
N PHE C 191 -31.09 20.34 -4.86
CA PHE C 191 -30.80 20.84 -6.22
C PHE C 191 -29.48 20.27 -6.75
N GLY C 192 -28.81 19.43 -5.96
CA GLY C 192 -27.41 19.07 -6.23
C GLY C 192 -27.28 17.83 -7.10
N PHE C 193 -26.16 17.66 -7.76
CA PHE C 193 -25.80 16.43 -8.52
C PHE C 193 -24.29 16.30 -8.57
N GLY C 194 -23.75 15.38 -7.77
CA GLY C 194 -22.32 15.18 -7.53
C GLY C 194 -21.75 16.30 -6.66
N GLU C 195 -20.93 17.19 -7.23
CA GLU C 195 -20.30 18.32 -6.49
C GLU C 195 -20.58 19.59 -7.27
N GLY C 196 -20.81 20.70 -6.55
CA GLY C 196 -20.92 22.02 -7.19
C GLY C 196 -21.28 23.07 -6.17
N GLY C 197 -21.04 24.32 -6.53
CA GLY C 197 -21.36 25.51 -5.72
C GLY C 197 -21.73 26.69 -6.59
N CYS C 198 -22.36 27.71 -6.00
CA CYS C 198 -22.66 28.95 -6.71
C CYS C 198 -22.59 30.09 -5.73
N ILE C 199 -22.10 31.25 -6.17
CA ILE C 199 -22.02 32.51 -5.40
C ILE C 199 -23.05 33.47 -6.00
N ILE C 200 -23.88 34.05 -5.15
CA ILE C 200 -24.77 35.19 -5.45
C ILE C 200 -24.16 36.39 -4.74
N VAL C 201 -23.67 37.39 -5.49
CA VAL C 201 -22.86 38.49 -4.90
C VAL C 201 -23.09 39.81 -5.64
N ASP C 202 -23.02 40.91 -4.88
CA ASP C 202 -23.03 42.28 -5.43
C ASP C 202 -21.98 42.39 -6.54
N ARG C 203 -22.39 42.96 -7.67
CA ARG C 203 -21.56 43.24 -8.86
C ARG C 203 -20.20 43.85 -8.48
N LEU C 204 -20.15 44.74 -7.48
CA LEU C 204 -18.90 45.42 -7.02
C LEU C 204 -17.73 44.43 -6.96
N TYR C 205 -18.00 43.16 -6.59
CA TYR C 205 -16.95 42.17 -6.21
C TYR C 205 -16.85 41.08 -7.28
N GLU C 206 -17.71 41.12 -8.31
CA GLU C 206 -17.84 40.02 -9.30
C GLU C 206 -16.51 39.72 -10.01
N ASN C 207 -15.84 40.74 -10.51
CA ASN C 207 -14.62 40.53 -11.34
C ASN C 207 -13.51 39.91 -10.47
N ASN C 208 -13.23 40.43 -9.29
CA ASN C 208 -12.15 39.87 -8.42
C ASN C 208 -12.50 38.42 -8.05
N ILE C 209 -13.78 38.12 -7.79
CA ILE C 209 -14.22 36.75 -7.41
C ILE C 209 -14.03 35.82 -8.62
N ARG C 210 -14.44 36.22 -9.83
CA ARG C 210 -14.36 35.35 -11.03
C ARG C 210 -12.89 35.03 -11.33
N ILE C 211 -12.04 36.04 -11.36
CA ILE C 211 -10.61 35.82 -11.72
C ILE C 211 -9.97 35.08 -10.55
N GLY C 212 -10.51 35.25 -9.34
CA GLY C 212 -10.13 34.46 -8.14
C GLY C 212 -10.34 32.95 -8.27
N LEU C 213 -11.23 32.50 -9.17
CA LEU C 213 -11.48 31.06 -9.46
C LEU C 213 -10.32 30.47 -10.29
N ASN C 214 -9.60 31.36 -10.98
CA ASN C 214 -8.48 31.08 -11.91
C ASN C 214 -7.17 31.65 -11.33
N PHE C 215 -6.91 31.40 -10.04
CA PHE C 215 -5.65 31.75 -9.34
C PHE C 215 -5.48 33.27 -9.26
N GLY C 216 -6.50 34.04 -9.63
CA GLY C 216 -6.45 35.52 -9.68
C GLY C 216 -6.03 36.04 -11.04
N LEU C 217 -5.65 35.14 -11.96
CA LEU C 217 -5.15 35.46 -13.31
C LEU C 217 -6.30 35.96 -14.17
N ASP C 218 -6.06 36.99 -14.95
CA ASP C 218 -7.05 37.52 -15.92
C ASP C 218 -6.40 37.54 -17.30
N ASN C 219 -6.81 36.66 -18.22
CA ASN C 219 -6.19 36.54 -19.57
C ASN C 219 -6.32 37.85 -20.36
N SER C 220 -7.35 38.67 -20.08
CA SER C 220 -7.64 39.93 -20.81
C SER C 220 -6.68 41.06 -20.39
N LEU C 221 -5.83 40.89 -19.36
CA LEU C 221 -4.81 41.93 -19.02
C LEU C 221 -3.45 41.58 -19.63
N GLY C 222 -3.37 40.51 -20.42
CA GLY C 222 -2.13 40.02 -21.04
C GLY C 222 -1.02 39.89 -20.00
N GLU C 223 0.10 40.59 -20.22
CA GLU C 223 1.31 40.59 -19.36
C GLU C 223 1.00 41.15 -17.96
N LYS C 224 -0.05 41.96 -17.81
CA LYS C 224 -0.42 42.61 -16.52
C LYS C 224 -1.23 41.64 -15.65
N SER C 225 -1.61 40.47 -16.19
CA SER C 225 -2.31 39.37 -15.45
C SER C 225 -1.45 39.02 -14.25
N GLN C 226 -2.04 38.95 -13.06
CA GLN C 226 -1.26 38.76 -11.82
C GLN C 226 -1.98 37.77 -10.88
N TYR C 227 -1.31 36.69 -10.48
CA TYR C 227 -1.85 35.76 -9.46
C TYR C 227 -2.02 36.51 -8.14
N SER C 228 -2.90 35.99 -7.27
CA SER C 228 -3.15 36.45 -5.89
C SER C 228 -2.90 35.27 -4.97
N ASN C 229 -2.22 35.51 -3.85
CA ASN C 229 -2.09 34.48 -2.81
C ASN C 229 -3.44 34.29 -2.11
N GLN C 230 -4.45 35.09 -2.42
CA GLN C 230 -5.81 34.97 -1.79
C GLN C 230 -6.71 34.07 -2.66
N ALA C 231 -6.23 33.66 -3.83
CA ALA C 231 -7.02 32.88 -4.81
C ALA C 231 -6.57 31.40 -4.79
N SER C 232 -7.14 30.60 -5.71
CA SER C 232 -6.88 29.16 -5.84
C SER C 232 -7.48 28.68 -7.16
N ASN C 233 -7.56 27.38 -7.33
CA ASN C 233 -8.41 26.76 -8.38
C ASN C 233 -9.79 26.52 -7.78
N TYR C 234 -10.77 27.38 -8.05
CA TYR C 234 -12.12 27.32 -7.42
C TYR C 234 -13.25 27.15 -8.45
N ARG C 235 -12.88 27.06 -9.71
CA ARG C 235 -13.85 27.10 -10.83
C ARG C 235 -14.69 25.82 -10.85
N MET C 236 -15.88 25.89 -11.45
CA MET C 236 -16.65 24.68 -11.82
C MET C 236 -16.17 24.18 -13.19
N CYS C 237 -15.97 22.87 -13.31
CA CYS C 237 -15.65 22.15 -14.56
C CYS C 237 -16.94 22.06 -15.41
N ASP C 238 -16.85 22.26 -16.71
CA ASP C 238 -18.06 22.24 -17.59
C ASP C 238 -18.72 20.85 -17.57
N LEU C 239 -17.98 19.78 -17.32
CA LEU C 239 -18.58 18.43 -17.18
C LEU C 239 -19.62 18.47 -16.04
N ASN C 240 -19.24 18.98 -14.87
CA ASN C 240 -20.13 19.03 -13.67
C ASN C 240 -21.27 20.01 -13.93
N ALA C 241 -20.99 21.12 -14.61
CA ALA C 241 -22.01 22.14 -14.93
C ALA C 241 -23.11 21.49 -15.77
N ALA C 242 -22.76 20.60 -16.71
CA ALA C 242 -23.70 19.84 -17.56
C ALA C 242 -24.59 18.91 -16.71
N PHE C 243 -23.99 18.08 -15.83
CA PHE C 243 -24.75 17.13 -15.01
C PHE C 243 -25.74 17.89 -14.13
N ILE C 244 -25.31 19.01 -13.54
CA ILE C 244 -26.11 19.84 -12.62
C ILE C 244 -27.20 20.54 -13.44
N LEU C 245 -26.81 21.14 -14.57
CA LEU C 245 -27.79 21.88 -15.40
C LEU C 245 -28.90 20.91 -15.79
N SER C 246 -28.53 19.72 -16.26
CA SER C 246 -29.50 18.72 -16.78
C SER C 246 -30.44 18.31 -15.64
N TYR C 247 -29.90 18.03 -14.45
CA TYR C 247 -30.72 17.63 -13.27
C TYR C 247 -31.72 18.74 -12.93
N LEU C 248 -31.28 19.99 -12.89
CA LEU C 248 -32.14 21.17 -12.60
C LEU C 248 -33.20 21.37 -13.68
N GLN C 249 -32.81 21.32 -14.96
CA GLN C 249 -33.78 21.39 -16.09
C GLN C 249 -34.93 20.41 -15.83
N ASN C 250 -34.62 19.18 -15.45
CA ASN C 250 -35.61 18.08 -15.43
C ASN C 250 -36.38 18.04 -14.10
N ASN C 251 -35.90 18.71 -13.05
CA ASN C 251 -36.40 18.38 -11.70
C ASN C 251 -36.68 19.61 -10.84
N TYR C 252 -36.20 20.81 -11.16
CA TYR C 252 -36.18 21.88 -10.12
C TYR C 252 -37.61 22.24 -9.69
N LYS C 253 -38.58 22.25 -10.61
CA LYS C 253 -39.97 22.68 -10.26
C LYS C 253 -40.62 21.62 -9.37
N LYS C 254 -40.51 20.35 -9.75
CA LYS C 254 -41.04 19.23 -8.93
C LYS C 254 -40.39 19.26 -7.54
N ILE C 255 -39.10 19.59 -7.43
CA ILE C 255 -38.40 19.62 -6.12
C ILE C 255 -39.02 20.71 -5.24
N ILE C 256 -39.17 21.91 -5.78
CA ILE C 256 -39.74 23.06 -5.03
C ILE C 256 -41.15 22.71 -4.54
N ASN C 257 -41.99 22.17 -5.42
CA ASN C 257 -43.43 21.94 -5.12
C ASN C 257 -43.57 20.83 -4.07
N ARG C 258 -42.86 19.71 -4.26
CA ARG C 258 -43.01 18.50 -3.39
C ARG C 258 -42.36 18.77 -2.02
N HIS C 259 -41.17 19.36 -1.98
CA HIS C 259 -40.53 19.77 -0.70
C HIS C 259 -41.47 20.69 0.09
N SER C 260 -42.12 21.63 -0.59
CA SER C 260 -43.11 22.54 0.02
C SER C 260 -44.30 21.72 0.55
N GLU C 261 -44.85 20.81 -0.27
CA GLU C 261 -45.97 19.92 0.15
C GLU C 261 -45.57 19.08 1.36
N ILE C 262 -44.33 18.58 1.41
CA ILE C 262 -43.84 17.71 2.52
C ILE C 262 -43.82 18.54 3.79
N TYR C 263 -43.32 19.77 3.70
CA TYR C 263 -43.26 20.66 4.87
C TYR C 263 -44.69 20.86 5.41
N GLU C 264 -45.66 21.03 4.51
CA GLU C 264 -47.09 21.29 4.84
C GLU C 264 -47.60 20.15 5.73
N ILE C 265 -47.31 18.91 5.38
CA ILE C 265 -47.86 17.74 6.11
C ILE C 265 -47.31 17.76 7.55
N TYR C 266 -46.01 17.99 7.71
CA TYR C 266 -45.37 18.01 9.04
C TYR C 266 -45.93 19.20 9.81
N LYS C 267 -46.11 20.32 9.12
CA LYS C 267 -46.58 21.56 9.79
C LYS C 267 -47.95 21.29 10.42
N ASN C 268 -48.79 20.54 9.72
CA ASN C 268 -50.21 20.34 10.07
C ASN C 268 -50.35 19.04 10.85
N ASN C 269 -49.29 18.26 11.02
CA ASN C 269 -49.37 16.99 11.78
C ASN C 269 -48.12 16.81 12.64
N LEU C 270 -47.65 17.89 13.27
CA LEU C 270 -46.40 17.87 14.07
C LEU C 270 -46.51 16.83 15.17
N PRO C 271 -45.58 15.86 15.28
CA PRO C 271 -45.61 14.92 16.39
C PRO C 271 -45.51 15.66 17.74
N LYS C 272 -46.16 15.10 18.77
CA LYS C 272 -46.18 15.58 20.18
C LYS C 272 -44.79 16.06 20.60
N ARG C 273 -44.69 17.22 21.23
CA ARG C 273 -43.49 17.69 21.95
C ARG C 273 -42.34 18.04 20.98
N PHE C 274 -42.58 18.07 19.67
CA PHE C 274 -41.62 18.53 18.65
C PHE C 274 -42.00 19.94 18.18
N LYS C 275 -41.03 20.73 17.77
CA LYS C 275 -41.27 22.04 17.12
C LYS C 275 -40.57 22.02 15.77
N LEU C 276 -41.15 22.70 14.78
CA LEU C 276 -40.44 23.00 13.52
C LEU C 276 -39.23 23.85 13.85
N PHE C 277 -38.11 23.60 13.18
CA PHE C 277 -36.93 24.48 13.29
C PHE C 277 -37.36 25.91 13.02
N PRO C 278 -36.86 26.88 13.82
CA PRO C 278 -37.20 28.29 13.65
C PRO C 278 -36.98 28.71 12.20
N ASN C 279 -37.99 29.38 11.63
CA ASN C 279 -38.03 29.80 10.22
C ASN C 279 -38.81 31.11 10.12
N HIS C 280 -38.46 31.99 9.19
CA HIS C 280 -39.03 33.36 9.07
C HIS C 280 -39.53 33.62 7.66
N SER C 281 -39.84 32.59 6.86
CA SER C 281 -40.47 32.75 5.52
C SER C 281 -41.99 32.71 5.70
N LYS C 282 -42.76 33.44 4.89
CA LYS C 282 -44.26 33.41 4.95
C LYS C 282 -44.74 32.13 4.28
N LYS C 283 -44.20 31.80 3.11
CA LYS C 283 -44.52 30.51 2.44
C LYS C 283 -43.56 29.41 2.92
N ASN C 284 -44.00 28.15 2.85
CA ASN C 284 -43.22 26.98 3.35
C ASN C 284 -41.81 27.07 2.77
N PRO C 285 -40.76 26.82 3.58
CA PRO C 285 -39.39 26.81 3.05
C PRO C 285 -39.17 25.56 2.19
N VAL C 286 -38.18 25.59 1.30
CA VAL C 286 -37.78 24.38 0.51
C VAL C 286 -36.56 23.74 1.20
N CYS C 287 -36.78 22.64 1.91
CA CYS C 287 -35.84 22.10 2.91
C CYS C 287 -34.98 20.97 2.31
N SER C 288 -33.76 20.85 2.83
CA SER C 288 -32.78 19.78 2.51
C SER C 288 -33.07 18.57 3.39
N SER C 289 -33.75 18.82 4.50
CA SER C 289 -34.32 17.83 5.42
C SER C 289 -35.38 18.56 6.27
N ILE C 290 -36.29 17.80 6.88
CA ILE C 290 -37.24 18.36 7.89
C ILE C 290 -36.55 18.28 9.25
N CYS C 291 -36.15 19.44 9.76
CA CYS C 291 -35.52 19.61 11.08
C CYS C 291 -36.61 19.95 12.10
N LEU C 292 -36.75 19.09 13.12
CA LEU C 292 -37.65 19.28 14.29
C LEU C 292 -36.76 19.41 15.53
N LEU C 293 -37.20 20.16 16.55
CA LEU C 293 -36.58 20.16 17.91
C LEU C 293 -37.55 19.46 18.85
N PHE C 294 -37.08 18.41 19.50
CA PHE C 294 -37.76 17.74 20.63
C PHE C 294 -37.63 18.68 21.84
N ASP C 295 -38.40 18.44 22.88
CA ASP C 295 -38.41 19.34 24.06
C ASP C 295 -37.31 18.94 25.05
N LYS C 296 -36.56 17.87 24.82
CA LYS C 296 -35.36 17.60 25.66
C LYS C 296 -34.31 16.87 24.84
N PRO C 297 -33.06 16.81 25.35
CA PRO C 297 -31.97 16.10 24.67
C PRO C 297 -32.34 14.64 24.50
N PHE C 298 -31.91 14.04 23.40
CA PHE C 298 -32.11 12.61 23.10
C PHE C 298 -30.97 12.14 22.18
N ARG C 299 -30.73 10.84 22.17
CA ARG C 299 -29.66 10.21 21.37
C ARG C 299 -30.27 9.74 20.04
N LEU C 300 -29.54 9.97 18.96
CA LEU C 300 -29.98 9.71 17.58
C LEU C 300 -30.29 8.21 17.43
N ASP C 301 -29.51 7.36 18.11
CA ASP C 301 -29.63 5.88 18.01
C ASP C 301 -30.98 5.40 18.57
N LYS C 302 -31.77 6.27 19.21
CA LYS C 302 -33.12 5.92 19.71
C LYS C 302 -34.18 6.14 18.63
N ILE C 303 -33.85 6.74 17.49
CA ILE C 303 -34.80 6.99 16.37
C ILE C 303 -34.71 5.81 15.40
N PRO C 304 -35.76 4.98 15.24
CA PRO C 304 -35.62 3.74 14.49
C PRO C 304 -35.80 3.88 12.97
N PHE C 305 -35.40 5.00 12.40
CA PHE C 305 -35.40 5.13 10.92
C PHE C 305 -34.30 6.12 10.53
N LEU C 306 -33.96 6.13 9.26
CA LEU C 306 -32.89 6.99 8.73
C LEU C 306 -33.19 8.43 9.14
N SER C 307 -32.24 9.02 9.87
CA SER C 307 -32.35 10.39 10.43
C SER C 307 -30.94 10.84 10.77
N ARG C 308 -30.73 12.14 10.96
CA ARG C 308 -29.41 12.72 11.24
C ARG C 308 -29.59 13.86 12.24
N LYS C 309 -28.52 14.21 12.92
CA LYS C 309 -28.40 15.51 13.63
C LYS C 309 -27.38 16.32 12.85
N TYR C 310 -27.80 17.49 12.37
CA TYR C 310 -26.90 18.61 11.97
C TYR C 310 -27.20 19.79 12.86
N TYR C 311 -26.24 20.67 13.15
CA TYR C 311 -24.81 20.55 12.88
C TYR C 311 -24.10 20.35 14.22
N LYS C 312 -23.18 19.40 14.32
CA LYS C 312 -22.28 19.28 15.49
C LYS C 312 -21.61 20.65 15.65
N PRO C 313 -21.74 21.34 16.80
CA PRO C 313 -21.20 22.70 16.93
C PRO C 313 -19.69 22.74 16.63
N LEU C 314 -19.25 23.74 15.86
CA LEU C 314 -17.79 23.92 15.56
C LEU C 314 -17.02 24.15 16.86
N ASP C 315 -17.60 24.96 17.75
CA ASP C 315 -17.14 25.21 19.14
C ASP C 315 -18.18 24.56 20.06
N LEU C 316 -17.82 23.44 20.69
CA LEU C 316 -18.75 22.62 21.51
C LEU C 316 -19.22 23.42 22.74
N SER C 317 -18.47 24.47 23.12
CA SER C 317 -18.75 25.42 24.24
C SER C 317 -19.89 26.42 23.92
N SER C 318 -20.42 26.53 22.69
CA SER C 318 -21.53 27.47 22.37
C SER C 318 -22.84 26.85 22.87
N PRO C 319 -23.48 27.36 23.96
CA PRO C 319 -24.50 26.58 24.69
C PRO C 319 -25.81 26.38 23.91
N VAL C 320 -26.27 27.40 23.18
CA VAL C 320 -27.51 27.25 22.39
C VAL C 320 -27.24 26.23 21.26
N SER C 321 -26.11 26.37 20.55
CA SER C 321 -25.71 25.50 19.43
C SER C 321 -25.77 24.06 19.89
N LEU C 322 -25.25 23.80 21.08
CA LEU C 322 -25.16 22.44 21.69
C LEU C 322 -26.57 21.97 22.07
N ASP C 323 -27.40 22.86 22.60
CA ASP C 323 -28.79 22.51 22.99
C ASP C 323 -29.54 22.06 21.74
N PHE C 324 -29.52 22.88 20.68
CA PHE C 324 -30.13 22.61 19.36
C PHE C 324 -29.68 21.23 18.83
N TYR C 325 -28.37 20.98 18.88
CA TYR C 325 -27.77 19.74 18.35
C TYR C 325 -28.32 18.57 19.16
N GLN C 326 -28.41 18.73 20.47
CA GLN C 326 -28.85 17.62 21.34
C GLN C 326 -30.34 17.35 21.13
N ARG C 327 -31.11 18.37 20.73
CA ARG C 327 -32.59 18.28 20.62
C ARG C 327 -33.03 18.13 19.17
N ILE C 328 -32.15 18.35 18.19
CA ILE C 328 -32.62 18.38 16.77
C ILE C 328 -32.80 16.95 16.25
N LEU C 329 -33.76 16.79 15.35
CA LEU C 329 -33.87 15.61 14.48
C LEU C 329 -34.09 16.09 13.05
N CYS C 330 -33.18 15.71 12.17
CA CYS C 330 -33.29 15.99 10.73
C CYS C 330 -33.77 14.72 10.00
N ILE C 331 -34.93 14.83 9.38
CA ILE C 331 -35.67 13.72 8.70
C ILE C 331 -35.51 13.88 7.21
N PRO C 332 -35.36 12.78 6.44
CA PRO C 332 -35.31 12.86 4.98
C PRO C 332 -36.45 13.71 4.40
N CYS C 333 -36.07 14.59 3.49
CA CYS C 333 -37.00 15.37 2.65
C CYS C 333 -36.53 15.26 1.20
N ASN C 334 -37.16 14.40 0.37
CA ASN C 334 -36.84 14.35 -1.08
C ASN C 334 -38.06 13.88 -1.88
N ILE C 335 -37.97 13.91 -3.20
CA ILE C 335 -39.15 13.69 -4.10
C ILE C 335 -39.46 12.20 -4.21
N ASP C 336 -38.72 11.29 -3.56
CA ASP C 336 -39.04 9.84 -3.59
C ASP C 336 -39.95 9.51 -2.40
N LEU C 337 -39.97 10.35 -1.37
CA LEU C 337 -40.73 10.12 -0.12
C LEU C 337 -42.23 10.08 -0.41
N THR C 338 -42.95 9.06 0.04
CA THR C 338 -44.43 8.97 -0.15
C THR C 338 -45.12 9.59 1.07
N ASP C 339 -46.38 10.03 0.89
CA ASP C 339 -47.24 10.53 1.98
C ASP C 339 -47.32 9.43 3.05
N ARG C 340 -47.41 8.18 2.62
CA ARG C 340 -47.51 7.00 3.51
C ARG C 340 -46.29 6.97 4.44
N GLN C 341 -45.06 7.14 3.90
CA GLN C 341 -43.82 7.14 4.69
C GLN C 341 -43.82 8.32 5.67
N ILE C 342 -44.29 9.49 5.24
CA ILE C 342 -44.34 10.72 6.09
C ILE C 342 -45.28 10.50 7.28
N TYR C 343 -46.45 9.89 7.09
CA TYR C 343 -47.40 9.68 8.21
C TYR C 343 -46.85 8.56 9.11
N GLU C 344 -46.16 7.57 8.52
CA GLU C 344 -45.52 6.51 9.32
C GLU C 344 -44.38 7.09 10.18
N ILE C 345 -43.57 8.01 9.64
CA ILE C 345 -42.51 8.76 10.40
C ILE C 345 -43.15 9.50 11.58
N ILE C 346 -44.22 10.22 11.33
CA ILE C 346 -44.89 11.02 12.39
C ILE C 346 -45.44 10.08 13.47
N GLY C 347 -46.03 8.97 13.07
CA GLY C 347 -46.47 7.90 13.99
C GLY C 347 -45.34 7.41 14.89
N VAL C 348 -44.18 7.14 14.32
CA VAL C 348 -43.01 6.60 15.08
C VAL C 348 -42.53 7.68 16.06
N LEU C 349 -42.57 8.95 15.65
CA LEU C 349 -42.06 10.05 16.50
C LEU C 349 -43.05 10.36 17.65
N ASN C 350 -44.36 10.16 17.43
CA ASN C 350 -45.38 10.13 18.52
C ASN C 350 -45.06 9.00 19.51
N GLU C 351 -44.77 7.78 19.02
CA GLU C 351 -44.41 6.62 19.88
C GLU C 351 -43.12 6.94 20.63
N PHE C 352 -42.21 7.64 19.97
CA PHE C 352 -40.90 8.06 20.53
C PHE C 352 -41.16 9.02 21.70
N ALA C 353 -42.01 10.02 21.51
CA ALA C 353 -42.36 11.04 22.52
C ALA C 353 -42.84 10.35 23.78
N ASP C 354 -43.68 9.32 23.64
CA ASP C 354 -44.35 8.63 24.77
C ASP C 354 -43.33 7.81 25.56
N LYS C 355 -42.16 7.52 24.99
CA LYS C 355 -41.09 6.75 25.69
C LYS C 355 -39.95 7.68 26.10
N ASN C 356 -40.09 8.99 25.89
CA ASN C 356 -39.06 9.97 26.30
C ASN C 356 -39.78 11.12 27.02
N LYS D 9 -4.38 21.43 -37.65
CA LYS D 9 -3.53 22.60 -37.19
C LYS D 9 -3.11 22.39 -35.72
N LEU D 10 -2.16 23.22 -35.26
CA LEU D 10 -1.50 23.14 -33.94
C LEU D 10 -2.52 23.45 -32.85
N THR D 11 -2.61 22.57 -31.85
CA THR D 11 -3.35 22.82 -30.59
C THR D 11 -2.42 22.50 -29.41
N TRP D 12 -2.70 23.10 -28.26
CA TRP D 12 -1.93 22.90 -27.03
C TRP D 12 -2.18 21.46 -26.54
N VAL D 13 -3.44 21.06 -26.52
CA VAL D 13 -3.94 19.76 -26.04
C VAL D 13 -4.38 18.92 -27.25
N SER D 14 -4.25 17.60 -27.23
CA SER D 14 -4.96 16.73 -28.21
C SER D 14 -6.46 16.90 -28.02
N GLU D 15 -7.20 16.72 -29.10
CA GLU D 15 -8.68 16.67 -29.10
C GLU D 15 -9.10 15.49 -28.23
N LYS D 16 -9.89 15.76 -27.19
CA LYS D 16 -10.29 14.76 -26.18
C LYS D 16 -11.81 14.69 -26.18
N LYS D 17 -12.36 13.49 -26.26
CA LYS D 17 -13.83 13.27 -26.30
C LYS D 17 -14.14 12.10 -25.37
N PRO D 18 -15.26 12.15 -24.61
CA PRO D 18 -15.62 11.01 -23.76
C PRO D 18 -15.86 9.78 -24.64
N ASP D 19 -15.33 8.65 -24.20
CA ASP D 19 -15.78 7.29 -24.58
C ASP D 19 -17.09 7.02 -23.83
N TRP D 20 -18.23 7.46 -24.37
CA TRP D 20 -19.53 7.47 -23.66
C TRP D 20 -19.92 6.07 -23.21
N SER D 21 -19.63 5.07 -24.04
CA SER D 21 -19.86 3.65 -23.69
C SER D 21 -19.18 3.38 -22.34
N ASN D 22 -17.90 3.71 -22.24
CA ASN D 22 -17.07 3.39 -21.05
C ASN D 22 -17.52 4.24 -19.86
N VAL D 23 -17.66 5.55 -20.04
CA VAL D 23 -18.00 6.52 -18.97
C VAL D 23 -19.38 6.16 -18.39
N GLN D 24 -20.38 5.90 -19.25
CA GLN D 24 -21.74 5.47 -18.80
C GLN D 24 -21.62 4.15 -18.03
N LYS D 25 -20.89 3.18 -18.56
CA LYS D 25 -20.69 1.88 -17.85
C LYS D 25 -20.12 2.17 -16.46
N LEU D 26 -19.11 3.05 -16.37
CA LEU D 26 -18.43 3.31 -15.07
C LEU D 26 -19.43 4.01 -14.13
N ILE D 27 -20.14 5.04 -14.59
CA ILE D 27 -21.05 5.87 -13.75
C ILE D 27 -22.32 5.07 -13.39
N ALA D 28 -22.65 4.02 -14.14
CA ALA D 28 -23.71 3.06 -13.79
C ALA D 28 -23.55 2.58 -12.34
N ALA D 29 -22.33 2.37 -11.86
CA ALA D 29 -22.12 1.94 -10.45
C ALA D 29 -22.56 3.08 -9.51
N CYS D 30 -22.38 4.33 -9.91
CA CYS D 30 -22.89 5.51 -9.17
C CYS D 30 -24.43 5.51 -9.20
N GLU D 31 -25.02 5.26 -10.36
CA GLU D 31 -26.49 5.29 -10.57
C GLU D 31 -27.14 4.20 -9.72
N ALA D 32 -26.46 3.05 -9.60
CA ALA D 32 -26.94 1.87 -8.85
C ALA D 32 -27.07 2.19 -7.37
N THR D 33 -26.20 3.04 -6.82
CA THR D 33 -26.13 3.25 -5.34
C THR D 33 -26.57 4.68 -5.02
N ASN D 34 -26.67 5.54 -6.04
CA ASN D 34 -26.88 7.01 -5.89
C ASN D 34 -25.69 7.64 -5.14
N GLN D 35 -24.49 7.03 -5.20
CA GLN D 35 -23.24 7.56 -4.59
C GLN D 35 -22.35 8.11 -5.72
N TYR D 36 -22.33 9.42 -5.87
CA TYR D 36 -21.66 10.16 -6.97
C TYR D 36 -20.48 10.95 -6.41
N THR D 37 -20.38 11.04 -5.08
CA THR D 37 -19.31 11.77 -4.37
C THR D 37 -19.19 11.22 -2.94
N ASN D 38 -18.37 11.88 -2.11
CA ASN D 38 -17.99 11.48 -0.73
C ASN D 38 -17.41 10.05 -0.78
N ILE D 39 -16.63 9.78 -1.82
CA ILE D 39 -15.91 8.50 -2.12
C ILE D 39 -16.96 7.44 -2.49
N GLY D 40 -17.45 7.55 -3.72
CA GLY D 40 -18.33 6.57 -4.37
C GLY D 40 -17.50 5.43 -4.93
N PRO D 41 -18.09 4.58 -5.80
CA PRO D 41 -17.41 3.38 -6.27
C PRO D 41 -16.33 3.55 -7.37
N ILE D 42 -16.17 4.76 -7.94
CA ILE D 42 -15.17 5.01 -9.04
C ILE D 42 -13.81 5.37 -8.40
N ILE D 43 -13.81 5.98 -7.20
CA ILE D 43 -12.57 6.56 -6.61
C ILE D 43 -11.48 5.47 -6.49
N SER D 44 -11.77 4.33 -5.87
CA SER D 44 -10.78 3.24 -5.71
C SER D 44 -10.35 2.74 -7.09
N GLN D 45 -11.24 2.70 -8.06
CA GLN D 45 -10.91 2.18 -9.42
C GLN D 45 -9.86 3.10 -10.08
N LEU D 46 -10.03 4.42 -9.98
CA LEU D 46 -9.05 5.41 -10.55
C LEU D 46 -7.74 5.35 -9.76
N GLU D 47 -7.80 5.33 -8.43
CA GLU D 47 -6.58 5.28 -7.61
C GLU D 47 -5.78 4.01 -7.96
N SER D 48 -6.42 2.85 -8.09
CA SER D 48 -5.73 1.59 -8.47
C SER D 48 -5.11 1.74 -9.85
N PHE D 49 -5.87 2.28 -10.80
CA PHE D 49 -5.40 2.39 -12.20
C PHE D 49 -4.18 3.31 -12.29
N ILE D 50 -4.19 4.45 -11.57
CA ILE D 50 -3.01 5.34 -11.43
C ILE D 50 -1.83 4.54 -10.84
N ARG D 51 -2.06 3.83 -9.72
CA ARG D 51 -1.01 3.02 -9.07
C ARG D 51 -0.41 2.03 -10.08
N ASP D 52 -1.24 1.26 -10.80
CA ASP D 52 -0.78 0.11 -11.63
C ASP D 52 -0.22 0.63 -12.96
N SER D 53 -0.72 1.76 -13.48
CA SER D 53 -0.31 2.30 -14.81
C SER D 53 0.92 3.21 -14.70
N PHE D 54 1.00 4.06 -13.68
CA PHE D 54 2.11 5.01 -13.50
C PHE D 54 3.19 4.35 -12.65
N LEU D 55 2.93 3.16 -12.09
CA LEU D 55 3.89 2.35 -11.28
C LEU D 55 4.26 3.13 -10.02
N ILE D 56 3.25 3.44 -9.21
CA ILE D 56 3.47 4.04 -7.87
C ILE D 56 3.80 2.89 -6.92
N GLU D 57 4.80 3.08 -6.10
CA GLU D 57 5.27 2.09 -5.09
C GLU D 57 4.23 1.99 -3.97
N GLU D 58 4.21 0.82 -3.31
CA GLU D 58 3.19 0.47 -2.30
C GLU D 58 3.43 1.30 -1.05
N SER D 59 4.63 1.83 -0.84
CA SER D 59 4.97 2.71 0.32
C SER D 59 4.19 4.04 0.23
N LYS D 60 3.50 4.27 -0.88
CA LYS D 60 2.82 5.55 -1.18
C LYS D 60 1.33 5.28 -1.31
N ALA D 61 0.53 6.10 -0.63
CA ALA D 61 -0.91 6.22 -0.89
C ALA D 61 -1.10 6.96 -2.22
N VAL D 62 -2.13 6.59 -2.94
CA VAL D 62 -2.61 7.28 -4.16
C VAL D 62 -3.98 7.86 -3.86
N ILE D 63 -4.07 9.18 -3.76
CA ILE D 63 -5.26 9.89 -3.24
C ILE D 63 -5.75 10.90 -4.28
N VAL D 64 -6.90 10.64 -4.90
CA VAL D 64 -7.39 11.57 -5.96
C VAL D 64 -8.13 12.72 -5.26
N THR D 65 -8.08 13.89 -5.90
CA THR D 65 -8.64 15.17 -5.41
C THR D 65 -9.25 15.94 -6.60
N SER D 66 -9.91 17.06 -6.29
CA SER D 66 -10.72 17.87 -7.22
C SER D 66 -9.84 18.47 -8.32
N ASN D 67 -8.57 18.80 -8.02
CA ASN D 67 -7.67 19.40 -9.03
C ASN D 67 -6.23 19.27 -8.54
N GLY D 68 -5.26 19.61 -9.38
CA GLY D 68 -3.85 19.58 -8.96
C GLY D 68 -3.62 20.51 -7.79
N THR D 69 -4.27 21.66 -7.80
CA THR D 69 -4.13 22.67 -6.72
C THR D 69 -4.63 22.04 -5.42
N SER D 70 -5.80 21.39 -5.44
CA SER D 70 -6.39 20.77 -4.22
C SER D 70 -5.55 19.57 -3.79
N ALA D 71 -4.88 18.85 -4.70
CA ALA D 71 -3.93 17.78 -4.34
C ALA D 71 -2.82 18.38 -3.45
N LEU D 72 -2.21 19.48 -3.90
CA LEU D 72 -1.13 20.17 -3.13
C LEU D 72 -1.71 20.67 -1.80
N HIS D 73 -2.87 21.30 -1.81
CA HIS D 73 -3.46 21.97 -0.61
C HIS D 73 -3.89 20.89 0.39
N ALA D 74 -4.57 19.84 -0.08
CA ALA D 74 -4.97 18.66 0.73
C ALA D 74 -3.73 17.99 1.33
N LEU D 75 -2.66 17.83 0.55
CA LEU D 75 -1.41 17.20 1.01
C LEU D 75 -0.91 18.02 2.21
N VAL D 76 -0.83 19.35 2.07
CA VAL D 76 -0.27 20.20 3.15
C VAL D 76 -1.22 20.27 4.36
N GLY D 77 -2.52 20.49 4.13
CA GLY D 77 -3.53 20.53 5.20
C GLY D 77 -3.55 19.25 6.01
N GLY D 78 -3.41 18.12 5.34
CA GLY D 78 -3.38 16.79 6.00
C GLY D 78 -2.16 16.72 6.89
N ILE D 79 -0.98 17.10 6.37
CA ILE D 79 0.26 16.98 7.17
C ILE D 79 0.21 18.01 8.33
N ASN D 80 -0.34 19.21 8.10
CA ASN D 80 -0.53 20.24 9.17
C ASN D 80 -1.35 19.62 10.30
N ARG D 81 -2.45 18.94 9.96
CA ARG D 81 -3.31 18.37 11.03
C ARG D 81 -2.53 17.31 11.81
N GLN D 82 -1.85 16.40 11.10
CA GLN D 82 -1.05 15.30 11.70
C GLN D 82 0.00 15.88 12.65
N LEU D 83 0.76 16.90 12.24
CA LEU D 83 1.88 17.42 13.07
C LEU D 83 1.41 18.49 14.07
N GLY D 84 0.14 18.92 13.99
CA GLY D 84 -0.48 19.85 14.95
C GLY D 84 0.05 21.27 14.82
N ARG D 85 0.54 21.68 13.65
CA ARG D 85 0.89 23.10 13.37
C ARG D 85 0.79 23.37 11.87
N GLU D 86 0.67 24.65 11.51
CA GLU D 86 0.70 25.13 10.12
C GLU D 86 2.16 25.17 9.69
N LEU D 87 2.58 24.20 8.89
CA LEU D 87 3.98 24.09 8.42
C LEU D 87 4.29 25.21 7.44
N LYS D 88 5.55 25.64 7.46
CA LYS D 88 6.10 26.74 6.65
C LYS D 88 6.88 26.10 5.52
N PHE D 89 6.45 26.30 4.28
CA PHE D 89 7.15 25.69 3.12
C PHE D 89 7.85 26.77 2.32
N VAL D 90 8.92 26.35 1.65
CA VAL D 90 9.60 27.18 0.62
C VAL D 90 9.19 26.59 -0.74
N THR D 91 8.83 27.44 -1.70
CA THR D 91 8.58 27.06 -3.10
C THR D 91 9.52 27.89 -3.98
N GLN D 92 9.62 27.53 -5.25
CA GLN D 92 10.51 28.20 -6.23
C GLN D 92 9.68 29.26 -6.92
N SER D 93 10.32 30.34 -7.40
CA SER D 93 9.63 31.44 -8.09
C SER D 93 9.14 30.93 -9.45
N PHE D 94 9.95 30.10 -10.11
CA PHE D 94 9.63 29.56 -11.44
C PHE D 94 8.64 28.40 -11.29
N THR D 95 7.38 28.71 -10.99
CA THR D 95 6.30 27.70 -10.83
C THR D 95 4.94 28.36 -11.00
N PHE D 96 3.88 27.55 -10.91
CA PHE D 96 2.47 27.96 -11.02
C PHE D 96 2.01 28.47 -9.66
N PRO D 97 1.01 29.38 -9.58
CA PRO D 97 0.57 29.96 -8.29
C PRO D 97 0.14 29.01 -7.17
N SER D 98 -0.12 27.75 -7.47
CA SER D 98 -0.76 26.78 -6.51
C SER D 98 0.05 26.69 -5.22
N SER D 99 1.37 26.75 -5.33
CA SER D 99 2.28 26.54 -4.18
C SER D 99 2.48 27.83 -3.36
N ASN D 100 1.74 28.91 -3.64
CA ASN D 100 1.67 30.15 -2.80
C ASN D 100 0.18 30.48 -2.52
N GLN D 101 -0.67 29.47 -2.29
CA GLN D 101 -2.13 29.68 -2.15
C GLN D 101 -2.66 28.69 -1.13
N GLY D 102 -3.90 28.89 -0.66
CA GLY D 102 -4.51 28.01 0.36
C GLY D 102 -3.61 27.92 1.59
N PRO D 103 -3.28 26.70 2.08
CA PRO D 103 -2.44 26.55 3.25
C PRO D 103 -0.98 26.94 2.98
N LEU D 104 -0.67 27.29 1.72
CA LEU D 104 0.69 27.71 1.28
C LEU D 104 0.63 29.18 0.86
N LYS D 105 -0.44 29.90 1.20
CA LYS D 105 -0.58 31.35 0.87
C LYS D 105 0.58 32.17 1.46
N ASP D 106 1.19 31.71 2.55
CA ASP D 106 2.31 32.45 3.21
C ASP D 106 3.63 31.72 2.98
N SER D 107 3.70 30.86 1.96
CA SER D 107 4.94 30.12 1.62
C SER D 107 6.03 31.13 1.22
N ILE D 108 7.28 30.76 1.53
CA ILE D 108 8.48 31.56 1.18
C ILE D 108 8.86 31.19 -0.26
N ILE D 109 9.10 32.22 -1.07
CA ILE D 109 9.47 32.05 -2.50
C ILE D 109 10.96 32.34 -2.61
N VAL D 110 11.72 31.43 -3.19
CA VAL D 110 13.16 31.62 -3.51
C VAL D 110 13.40 31.28 -4.98
N ASP D 111 14.56 31.67 -5.49
CA ASP D 111 14.92 31.48 -6.91
C ASP D 111 15.09 29.98 -7.19
N ILE D 112 15.00 29.60 -8.46
CA ILE D 112 15.57 28.32 -8.95
C ILE D 112 17.08 28.48 -9.13
N ASP D 113 17.74 27.33 -9.28
CA ASP D 113 19.09 27.23 -9.85
C ASP D 113 18.99 26.94 -11.35
N GLU D 114 20.14 26.85 -12.01
CA GLU D 114 20.26 26.75 -13.48
C GLU D 114 19.73 25.40 -13.96
N ASP D 115 19.38 24.48 -13.05
CA ASP D 115 18.81 23.15 -13.40
C ASP D 115 17.27 23.16 -13.31
N GLY D 116 16.64 24.28 -12.98
CA GLY D 116 15.18 24.49 -13.13
C GLY D 116 14.41 24.25 -11.83
N GLY D 117 15.13 23.88 -10.77
CA GLY D 117 14.55 23.51 -9.48
C GLY D 117 14.95 24.50 -8.41
N LEU D 118 14.14 24.57 -7.35
CA LEU D 118 14.36 25.41 -6.13
C LEU D 118 15.85 25.45 -5.78
N ASP D 119 16.42 26.63 -5.57
CA ASP D 119 17.87 26.77 -5.25
C ASP D 119 18.10 26.44 -3.75
N LEU D 120 18.71 25.30 -3.42
CA LEU D 120 18.90 24.88 -2.02
C LEU D 120 19.81 25.86 -1.27
N ASN D 121 20.71 26.56 -1.97
CA ASN D 121 21.60 27.57 -1.36
C ASN D 121 20.76 28.71 -0.79
N ALA D 122 19.58 28.96 -1.34
CA ALA D 122 18.71 30.11 -0.96
C ALA D 122 18.02 29.89 0.39
N VAL D 123 17.97 28.65 0.91
CA VAL D 123 17.26 28.36 2.19
C VAL D 123 18.26 28.22 3.37
N LYS D 124 19.56 28.48 3.16
CA LYS D 124 20.65 28.32 4.18
C LYS D 124 20.23 28.93 5.53
N ASN D 125 19.83 30.20 5.60
CA ASN D 125 19.52 30.89 6.88
C ASN D 125 18.01 31.16 7.00
N ILE D 126 17.16 30.33 6.40
CA ILE D 126 15.68 30.51 6.44
C ILE D 126 15.09 29.55 7.48
N GLU D 127 14.06 29.99 8.19
CA GLU D 127 13.25 29.09 9.06
C GLU D 127 12.13 28.48 8.21
N TYR D 128 12.14 27.15 8.01
CA TYR D 128 11.13 26.43 7.18
C TYR D 128 11.01 24.98 7.65
N ASP D 129 9.89 24.33 7.32
CA ASP D 129 9.61 22.91 7.66
C ASP D 129 9.81 22.02 6.43
N GLY D 130 9.55 22.55 5.23
CA GLY D 130 9.63 21.76 4.00
C GLY D 130 9.89 22.61 2.78
N ILE D 131 10.12 21.94 1.66
CA ILE D 131 10.33 22.61 0.37
C ILE D 131 9.44 21.93 -0.67
N ILE D 132 9.09 22.71 -1.68
CA ILE D 132 8.26 22.29 -2.83
C ILE D 132 9.06 22.59 -4.08
N VAL D 133 9.40 21.54 -4.82
CA VAL D 133 10.30 21.61 -5.99
C VAL D 133 9.47 21.19 -7.21
N THR D 134 9.44 22.04 -8.24
CA THR D 134 8.62 21.81 -9.43
C THR D 134 9.47 21.09 -10.48
N ASN D 135 9.02 19.90 -10.89
CA ASN D 135 9.56 19.17 -12.06
C ASN D 135 8.85 19.75 -13.29
N ILE D 136 9.51 20.65 -14.01
CA ILE D 136 8.87 21.57 -14.99
C ILE D 136 8.42 20.81 -16.24
N HIS D 137 7.12 20.79 -16.50
CA HIS D 137 6.50 20.38 -17.78
C HIS D 137 6.97 18.98 -18.21
N GLY D 138 7.19 18.08 -17.25
CA GLY D 138 7.51 16.66 -17.48
C GLY D 138 9.00 16.41 -17.33
N ASN D 139 9.79 17.48 -17.32
CA ASN D 139 11.24 17.45 -17.00
C ASN D 139 11.38 17.25 -15.49
N VAL D 140 12.50 16.64 -15.07
CA VAL D 140 12.83 16.40 -13.64
C VAL D 140 14.19 17.02 -13.34
N VAL D 141 14.26 17.55 -12.14
CA VAL D 141 15.49 18.05 -11.48
C VAL D 141 16.37 16.88 -11.11
N ASP D 142 17.55 17.17 -10.57
CA ASP D 142 18.43 16.15 -9.98
C ASP D 142 17.77 15.73 -8.67
N ILE D 143 16.81 14.84 -8.76
CA ILE D 143 15.91 14.54 -7.60
C ILE D 143 16.75 14.20 -6.35
N ASN D 144 17.84 13.45 -6.47
CA ASN D 144 18.58 12.95 -5.28
C ASN D 144 19.27 14.09 -4.54
N LYS D 145 19.60 15.21 -5.16
CA LYS D 145 20.21 16.31 -4.38
C LYS D 145 19.16 16.85 -3.40
N TYR D 146 17.89 16.88 -3.80
CA TYR D 146 16.78 17.37 -2.94
C TYR D 146 16.52 16.34 -1.83
N VAL D 147 16.46 15.06 -2.18
CA VAL D 147 16.24 13.95 -1.22
C VAL D 147 17.35 14.02 -0.15
N ASP D 148 18.62 14.09 -0.57
CA ASP D 148 19.78 14.06 0.35
C ASP D 148 19.70 15.30 1.22
N PHE D 149 19.44 16.46 0.64
CA PHE D 149 19.37 17.75 1.39
C PHE D 149 18.32 17.62 2.49
N CYS D 150 17.10 17.22 2.11
CA CYS D 150 15.94 17.18 3.03
C CYS D 150 16.18 16.12 4.12
N MET D 151 16.82 15.01 3.77
CA MET D 151 17.22 14.00 4.78
C MET D 151 18.19 14.61 5.79
N ASN D 152 19.25 15.31 5.34
CA ASN D 152 20.35 15.78 6.22
C ASN D 152 19.84 16.95 7.07
N HIS D 153 18.91 17.76 6.59
CA HIS D 153 18.39 18.94 7.33
C HIS D 153 17.03 18.59 7.97
N ASN D 154 16.54 17.36 7.81
CA ASN D 154 15.26 16.88 8.41
C ASN D 154 14.12 17.85 8.01
N LYS D 155 13.88 17.97 6.70
CA LYS D 155 12.83 18.81 6.09
C LYS D 155 11.90 17.91 5.27
N LEU D 156 10.63 18.30 5.14
CA LEU D 156 9.68 17.64 4.23
C LEU D 156 10.07 18.05 2.81
N LEU D 157 9.88 17.12 1.90
CA LEU D 157 10.14 17.29 0.46
C LEU D 157 8.87 16.92 -0.30
N ILE D 158 8.30 17.91 -0.98
CA ILE D 158 7.18 17.74 -1.94
C ILE D 158 7.64 18.09 -3.35
N PHE D 159 7.31 17.21 -4.29
CA PHE D 159 7.52 17.49 -5.74
C PHE D 159 6.18 17.90 -6.35
N ASP D 160 6.15 19.11 -6.93
CA ASP D 160 5.00 19.54 -7.74
C ASP D 160 5.21 18.91 -9.13
N ASN D 161 4.60 17.73 -9.32
CA ASN D 161 4.59 16.96 -10.59
C ASN D 161 3.25 17.18 -11.33
N ALA D 162 2.60 18.32 -11.14
CA ALA D 162 1.34 18.65 -11.82
C ALA D 162 1.42 18.21 -13.28
N ALA D 163 2.54 18.52 -13.94
CA ALA D 163 2.77 18.31 -15.39
C ALA D 163 3.65 17.08 -15.65
N THR D 164 3.87 16.22 -14.65
CA THR D 164 4.98 15.25 -14.67
C THR D 164 4.50 13.91 -14.07
N GLY D 165 3.62 13.22 -14.78
CA GLY D 165 3.02 11.94 -14.31
C GLY D 165 3.81 10.71 -14.71
N TYR D 166 4.69 10.77 -15.71
CA TYR D 166 5.43 9.57 -16.19
C TYR D 166 6.83 9.94 -16.71
N THR D 167 7.64 10.59 -15.89
CA THR D 167 9.11 10.72 -16.12
C THR D 167 9.81 9.89 -15.05
N PHE D 168 10.68 8.98 -15.48
CA PHE D 168 11.36 8.01 -14.57
C PHE D 168 12.74 8.56 -14.19
N TYR D 169 13.10 8.40 -12.92
CA TYR D 169 14.41 8.76 -12.35
C TYR D 169 14.95 7.53 -11.62
N LEU D 170 16.13 7.05 -12.04
CA LEU D 170 16.80 5.84 -11.48
C LEU D 170 15.77 4.71 -11.33
N GLY D 171 15.07 4.38 -12.42
CA GLY D 171 14.19 3.21 -12.57
C GLY D 171 12.80 3.37 -11.97
N LYS D 172 12.47 4.54 -11.41
CA LYS D 172 11.18 4.75 -10.69
C LYS D 172 10.48 6.00 -11.22
N ASN D 173 9.15 5.93 -11.29
CA ASN D 173 8.30 7.12 -11.51
C ASN D 173 8.77 8.19 -10.54
N SER D 174 9.11 9.36 -11.05
CA SER D 174 9.59 10.53 -10.25
C SER D 174 8.62 10.79 -9.10
N CYS D 175 7.34 10.47 -9.28
CA CYS D 175 6.26 10.66 -8.26
C CYS D 175 6.59 9.92 -6.97
N ASN D 176 7.50 8.93 -7.02
CA ASN D 176 7.83 8.06 -5.88
C ASN D 176 8.89 8.69 -4.98
N TYR D 177 9.42 9.87 -5.34
CA TYR D 177 10.52 10.54 -4.58
C TYR D 177 9.93 11.67 -3.72
N GLY D 178 10.68 12.03 -2.69
CA GLY D 178 10.22 12.93 -1.61
C GLY D 178 9.23 12.23 -0.67
N HIS D 179 8.67 12.97 0.27
CA HIS D 179 7.58 12.49 1.15
C HIS D 179 6.32 12.35 0.29
N ALA D 180 6.21 13.19 -0.74
CA ALA D 180 5.00 13.21 -1.57
C ALA D 180 5.28 13.92 -2.89
N SER D 181 4.42 13.61 -3.86
CA SER D 181 4.27 14.39 -5.10
C SER D 181 2.78 14.54 -5.42
N ILE D 182 2.48 15.49 -6.29
CA ILE D 182 1.10 15.72 -6.80
C ILE D 182 1.16 15.77 -8.31
N ILE D 183 0.10 15.29 -8.95
CA ILE D 183 -0.11 15.37 -10.43
C ILE D 183 -1.48 15.99 -10.69
N SER D 184 -1.60 16.63 -11.84
CA SER D 184 -2.85 17.27 -12.28
C SER D 184 -3.46 16.43 -13.41
N PHE D 185 -4.79 16.33 -13.43
CA PHE D 185 -5.61 15.79 -14.54
C PHE D 185 -6.43 16.91 -15.14
N HIS D 186 -5.96 18.16 -15.00
CA HIS D 186 -6.49 19.32 -15.75
C HIS D 186 -6.46 18.95 -17.23
N HIS D 187 -7.47 19.38 -17.99
CA HIS D 187 -7.62 19.08 -19.44
C HIS D 187 -6.33 19.43 -20.20
N THR D 188 -5.56 20.44 -19.75
CA THR D 188 -4.33 20.91 -20.44
C THR D 188 -3.14 19.95 -20.20
N ALA D 189 -3.23 19.03 -19.23
CA ALA D 189 -2.19 18.01 -18.90
C ALA D 189 -2.34 16.83 -19.85
N PRO D 190 -1.24 16.19 -20.27
CA PRO D 190 -1.32 15.05 -21.20
C PRO D 190 -2.30 13.96 -20.75
N PHE D 191 -2.31 13.66 -19.45
CA PHE D 191 -3.15 12.58 -18.87
C PHE D 191 -4.50 13.13 -18.37
N GLY D 192 -4.80 14.41 -18.62
CA GLY D 192 -5.92 15.08 -17.95
C GLY D 192 -7.22 14.94 -18.72
N PHE D 193 -8.34 15.19 -18.06
CA PHE D 193 -9.67 15.33 -18.70
C PHE D 193 -10.59 16.09 -17.75
N GLY D 194 -10.91 17.32 -18.12
CA GLY D 194 -11.67 18.28 -17.30
C GLY D 194 -10.82 18.85 -16.20
N GLU D 195 -11.09 18.41 -14.97
CA GLU D 195 -10.39 18.80 -13.73
C GLU D 195 -10.13 17.54 -12.91
N GLY D 196 -8.97 17.51 -12.27
CA GLY D 196 -8.65 16.47 -11.27
C GLY D 196 -7.24 16.59 -10.76
N GLY D 197 -6.98 15.97 -9.63
CA GLY D 197 -5.63 15.89 -9.08
C GLY D 197 -5.38 14.55 -8.48
N CYS D 198 -4.14 14.32 -8.07
CA CYS D 198 -3.77 13.11 -7.34
C CYS D 198 -2.56 13.41 -6.48
N ILE D 199 -2.59 12.86 -5.27
CA ILE D 199 -1.49 12.94 -4.27
C ILE D 199 -0.85 11.56 -4.23
N ILE D 200 0.48 11.55 -4.27
CA ILE D 200 1.31 10.33 -4.08
C ILE D 200 2.08 10.60 -2.80
N VAL D 201 1.80 9.90 -1.71
CA VAL D 201 2.34 10.35 -0.40
C VAL D 201 2.66 9.14 0.48
N ASP D 202 3.71 9.28 1.29
CA ASP D 202 4.05 8.29 2.34
C ASP D 202 2.81 7.91 3.14
N ARG D 203 2.66 6.61 3.42
CA ARG D 203 1.50 6.02 4.10
C ARG D 203 1.28 6.71 5.46
N LEU D 204 2.36 7.12 6.11
CA LEU D 204 2.32 7.76 7.44
C LEU D 204 1.18 8.80 7.46
N TYR D 205 1.02 9.56 6.37
CA TYR D 205 0.11 10.73 6.30
C TYR D 205 -1.22 10.37 5.62
N GLU D 206 -1.41 9.15 5.09
CA GLU D 206 -2.58 8.80 4.23
C GLU D 206 -3.91 9.14 4.91
N ASN D 207 -4.19 8.59 6.09
CA ASN D 207 -5.49 8.73 6.80
C ASN D 207 -5.85 10.22 7.00
N ASN D 208 -4.96 11.04 7.57
CA ASN D 208 -5.21 12.47 7.83
C ASN D 208 -5.46 13.23 6.51
N ILE D 209 -4.75 12.87 5.44
CA ILE D 209 -4.97 13.50 4.11
C ILE D 209 -6.34 13.04 3.57
N ARG D 210 -6.73 11.78 3.73
CA ARG D 210 -8.01 11.29 3.15
C ARG D 210 -9.19 11.97 3.84
N ILE D 211 -9.20 11.97 5.17
CA ILE D 211 -10.33 12.55 5.94
C ILE D 211 -10.26 14.08 5.75
N GLY D 212 -9.06 14.60 5.44
CA GLY D 212 -8.85 16.02 5.14
C GLY D 212 -9.52 16.46 3.84
N LEU D 213 -9.88 15.52 2.97
CA LEU D 213 -10.63 15.87 1.73
C LEU D 213 -12.08 16.14 2.15
N ASN D 214 -12.50 15.58 3.27
CA ASN D 214 -13.89 15.59 3.79
C ASN D 214 -13.90 16.44 5.06
N PHE D 215 -13.33 17.65 5.02
CA PHE D 215 -13.41 18.66 6.10
C PHE D 215 -12.71 18.17 7.36
N GLY D 216 -12.02 17.03 7.26
CA GLY D 216 -11.26 16.43 8.38
C GLY D 216 -12.10 15.41 9.12
N LEU D 217 -13.34 15.19 8.67
CA LEU D 217 -14.33 14.29 9.32
C LEU D 217 -14.09 12.83 8.90
N ASP D 218 -14.36 11.93 9.82
CA ASP D 218 -14.24 10.46 9.61
C ASP D 218 -15.50 9.83 10.20
N ASN D 219 -16.46 9.47 9.34
CA ASN D 219 -17.71 8.76 9.69
C ASN D 219 -17.42 7.52 10.55
N SER D 220 -16.33 6.83 10.26
CA SER D 220 -15.94 5.56 10.95
C SER D 220 -15.55 5.82 12.42
N LEU D 221 -15.34 7.07 12.87
CA LEU D 221 -15.08 7.39 14.30
C LEU D 221 -16.39 7.72 15.05
N GLY D 222 -17.55 7.66 14.38
CA GLY D 222 -18.84 8.01 14.99
C GLY D 222 -18.86 9.43 15.51
N GLU D 223 -19.04 9.60 16.82
CA GLU D 223 -19.22 10.93 17.47
C GLU D 223 -17.86 11.49 17.87
N LYS D 224 -16.78 10.74 17.68
CA LYS D 224 -15.40 11.26 17.87
C LYS D 224 -14.92 11.93 16.57
N SER D 225 -15.66 11.82 15.47
CA SER D 225 -15.43 12.58 14.21
C SER D 225 -15.29 14.07 14.53
N GLN D 226 -14.20 14.68 14.10
CA GLN D 226 -13.81 16.07 14.42
C GLN D 226 -13.31 16.77 13.13
N TYR D 227 -13.93 17.88 12.76
CA TYR D 227 -13.43 18.72 11.63
C TYR D 227 -12.10 19.35 12.05
N SER D 228 -11.31 19.76 11.06
CA SER D 228 -10.05 20.53 11.27
C SER D 228 -10.16 21.80 10.45
N ASN D 229 -9.78 22.93 11.04
CA ASN D 229 -9.67 24.22 10.33
C ASN D 229 -8.56 24.14 9.26
N GLN D 230 -7.73 23.08 9.24
CA GLN D 230 -6.68 22.83 8.19
C GLN D 230 -7.26 22.09 6.97
N ALA D 231 -8.53 21.69 7.03
CA ALA D 231 -9.14 20.83 5.99
C ALA D 231 -10.08 21.65 5.11
N SER D 232 -10.66 20.97 4.12
CA SER D 232 -11.67 21.59 3.24
C SER D 232 -12.45 20.50 2.49
N ASN D 233 -13.21 20.93 1.50
CA ASN D 233 -13.77 20.02 0.47
C ASN D 233 -12.72 19.96 -0.65
N TYR D 234 -11.93 18.90 -0.65
CA TYR D 234 -10.82 18.68 -1.61
C TYR D 234 -11.06 17.39 -2.40
N ARG D 235 -12.14 16.65 -2.15
CA ARG D 235 -12.32 15.31 -2.77
C ARG D 235 -12.55 15.43 -4.28
N MET D 236 -12.21 14.38 -5.03
CA MET D 236 -12.64 14.20 -6.44
C MET D 236 -14.04 13.58 -6.43
N CYS D 237 -14.93 14.18 -7.20
CA CYS D 237 -16.27 13.67 -7.52
C CYS D 237 -16.11 12.43 -8.40
N ASP D 238 -16.89 11.39 -8.11
CA ASP D 238 -16.88 10.11 -8.88
C ASP D 238 -17.19 10.36 -10.36
N LEU D 239 -17.98 11.39 -10.69
CA LEU D 239 -18.29 11.68 -12.12
C LEU D 239 -17.00 12.04 -12.86
N ASN D 240 -16.20 12.92 -12.28
CA ASN D 240 -14.89 13.36 -12.87
C ASN D 240 -13.94 12.16 -12.90
N ALA D 241 -13.95 11.34 -11.87
CA ALA D 241 -13.08 10.16 -11.77
C ALA D 241 -13.41 9.22 -12.94
N ALA D 242 -14.68 9.06 -13.33
CA ALA D 242 -15.11 8.24 -14.49
C ALA D 242 -14.47 8.77 -15.79
N PHE D 243 -14.60 10.07 -16.06
CA PHE D 243 -14.10 10.69 -17.32
C PHE D 243 -12.59 10.53 -17.39
N ILE D 244 -11.89 10.76 -16.27
CA ILE D 244 -10.41 10.70 -16.24
C ILE D 244 -9.99 9.24 -16.43
N LEU D 245 -10.62 8.32 -15.68
CA LEU D 245 -10.24 6.89 -15.70
C LEU D 245 -10.42 6.37 -17.12
N SER D 246 -11.52 6.73 -17.79
CA SER D 246 -11.83 6.28 -19.17
C SER D 246 -10.78 6.82 -20.15
N TYR D 247 -10.46 8.11 -20.02
CA TYR D 247 -9.41 8.73 -20.85
C TYR D 247 -8.07 7.98 -20.66
N LEU D 248 -7.69 7.71 -19.42
CA LEU D 248 -6.38 7.06 -19.11
C LEU D 248 -6.39 5.64 -19.70
N GLN D 249 -7.50 4.92 -19.52
CA GLN D 249 -7.60 3.51 -20.00
C GLN D 249 -7.37 3.51 -21.51
N ASN D 250 -7.95 4.47 -22.24
CA ASN D 250 -7.95 4.46 -23.72
C ASN D 250 -6.64 5.01 -24.29
N ASN D 251 -5.91 5.84 -23.55
CA ASN D 251 -4.89 6.75 -24.15
C ASN D 251 -3.51 6.70 -23.47
N TYR D 252 -3.36 6.26 -22.22
CA TYR D 252 -2.16 6.57 -21.39
C TYR D 252 -0.91 6.02 -22.08
N LYS D 253 -0.95 4.78 -22.57
CA LYS D 253 0.17 4.15 -23.31
C LYS D 253 0.56 4.95 -24.56
N LYS D 254 -0.40 5.35 -25.38
CA LYS D 254 -0.11 6.11 -26.62
C LYS D 254 0.53 7.46 -26.26
N ILE D 255 0.03 8.14 -25.22
CA ILE D 255 0.59 9.44 -24.76
C ILE D 255 2.07 9.25 -24.40
N ILE D 256 2.38 8.25 -23.56
CA ILE D 256 3.75 8.00 -23.04
C ILE D 256 4.69 7.79 -24.22
N ASN D 257 4.32 6.88 -25.12
CA ASN D 257 5.14 6.47 -26.29
C ASN D 257 5.34 7.65 -27.26
N ARG D 258 4.26 8.27 -27.70
CA ARG D 258 4.30 9.38 -28.68
C ARG D 258 4.94 10.63 -28.07
N HIS D 259 4.70 10.97 -26.81
CA HIS D 259 5.37 12.15 -26.18
C HIS D 259 6.89 11.88 -26.16
N SER D 260 7.32 10.65 -25.86
CA SER D 260 8.76 10.28 -25.88
CA SER D 260 8.76 10.26 -25.88
C SER D 260 9.31 10.40 -27.31
N GLU D 261 8.55 9.95 -28.30
CA GLU D 261 8.88 10.06 -29.75
C GLU D 261 9.08 11.53 -30.17
N ILE D 262 8.15 12.39 -29.78
CA ILE D 262 8.18 13.85 -30.11
C ILE D 262 9.46 14.45 -29.49
N TYR D 263 9.72 14.18 -28.21
CA TYR D 263 10.95 14.65 -27.53
C TYR D 263 12.15 14.21 -28.37
N GLU D 264 12.19 12.95 -28.83
CA GLU D 264 13.37 12.35 -29.54
C GLU D 264 13.67 13.21 -30.77
N ILE D 265 12.65 13.58 -31.52
CA ILE D 265 12.78 14.40 -32.77
C ILE D 265 13.44 15.74 -32.44
N TYR D 266 12.93 16.46 -31.45
CA TYR D 266 13.53 17.75 -31.03
C TYR D 266 14.98 17.54 -30.60
N LYS D 267 15.21 16.51 -29.79
CA LYS D 267 16.57 16.27 -29.24
C LYS D 267 17.56 16.11 -30.39
N ASN D 268 17.15 15.42 -31.47
CA ASN D 268 18.05 15.01 -32.58
C ASN D 268 18.02 16.08 -33.68
N ASN D 269 17.13 17.06 -33.61
CA ASN D 269 16.99 18.12 -34.64
C ASN D 269 16.83 19.46 -33.93
N LEU D 270 17.62 19.69 -32.88
CA LEU D 270 17.51 20.91 -32.03
C LEU D 270 17.81 22.12 -32.90
N PRO D 271 16.91 23.11 -32.91
CA PRO D 271 17.20 24.34 -33.62
C PRO D 271 18.44 25.01 -33.02
N LYS D 272 19.20 25.71 -33.86
CA LYS D 272 20.43 26.46 -33.48
C LYS D 272 20.13 27.35 -32.26
N ARG D 273 21.04 27.42 -31.30
CA ARG D 273 21.05 28.41 -30.18
C ARG D 273 19.83 28.20 -29.26
N PHE D 274 19.16 27.05 -29.35
CA PHE D 274 18.19 26.57 -28.33
C PHE D 274 18.81 25.39 -27.58
N LYS D 275 18.46 25.24 -26.30
CA LYS D 275 18.77 24.01 -25.55
C LYS D 275 17.46 23.43 -25.01
N LEU D 276 17.39 22.09 -24.89
CA LEU D 276 16.31 21.41 -24.14
C LEU D 276 16.32 21.96 -22.71
N PHE D 277 15.14 22.20 -22.16
CA PHE D 277 14.98 22.53 -20.72
C PHE D 277 15.77 21.51 -19.90
N PRO D 278 16.51 21.90 -18.85
CA PRO D 278 17.29 20.95 -18.08
C PRO D 278 16.45 19.77 -17.58
N ASN D 279 16.97 18.56 -17.76
CA ASN D 279 16.26 17.31 -17.40
C ASN D 279 17.28 16.27 -16.94
N HIS D 280 16.93 15.43 -15.96
CA HIS D 280 17.91 14.52 -15.32
C HIS D 280 17.40 13.08 -15.34
N SER D 281 16.58 12.72 -16.32
CA SER D 281 16.13 11.33 -16.60
C SER D 281 17.00 10.75 -17.71
N LYS D 282 17.41 9.50 -17.57
CA LYS D 282 18.22 8.78 -18.58
C LYS D 282 17.32 8.48 -19.80
N LYS D 283 16.04 8.19 -19.62
CA LYS D 283 15.09 8.04 -20.77
C LYS D 283 14.34 9.36 -20.99
N ASN D 284 13.85 9.58 -22.21
CA ASN D 284 13.12 10.81 -22.58
C ASN D 284 12.02 11.05 -21.55
N PRO D 285 11.86 12.31 -21.10
CA PRO D 285 10.75 12.68 -20.23
C PRO D 285 9.48 12.68 -21.07
N VAL D 286 8.33 12.59 -20.41
CA VAL D 286 6.97 12.69 -21.00
C VAL D 286 6.44 14.09 -20.67
N CYS D 287 6.52 14.99 -21.65
CA CYS D 287 6.39 16.45 -21.45
C CYS D 287 4.95 16.87 -21.70
N SER D 288 4.52 17.89 -20.96
CA SER D 288 3.21 18.58 -21.16
C SER D 288 3.36 19.59 -22.31
N SER D 289 4.60 20.01 -22.61
CA SER D 289 5.01 20.89 -23.73
C SER D 289 6.52 20.71 -23.91
N ILE D 290 7.05 20.99 -25.10
CA ILE D 290 8.52 20.92 -25.36
C ILE D 290 9.05 22.32 -25.03
N CYS D 291 9.72 22.42 -23.89
CA CYS D 291 10.34 23.66 -23.38
C CYS D 291 11.77 23.74 -23.90
N LEU D 292 12.07 24.79 -24.66
CA LEU D 292 13.45 25.10 -25.13
C LEU D 292 13.89 26.40 -24.45
N LEU D 293 15.18 26.52 -24.14
CA LEU D 293 15.79 27.80 -23.76
C LEU D 293 16.64 28.34 -24.91
N PHE D 294 16.24 29.48 -25.46
CA PHE D 294 17.07 30.29 -26.38
C PHE D 294 18.27 30.84 -25.61
N ASP D 295 19.34 31.22 -26.31
CA ASP D 295 20.55 31.73 -25.60
C ASP D 295 20.33 33.19 -25.20
N LYS D 296 19.28 33.86 -25.66
CA LYS D 296 19.03 35.27 -25.29
C LYS D 296 17.55 35.49 -24.96
N PRO D 297 17.22 36.49 -24.11
CA PRO D 297 15.84 36.92 -23.96
C PRO D 297 15.22 37.25 -25.32
N PHE D 298 13.97 36.87 -25.52
CA PHE D 298 13.18 37.20 -26.72
C PHE D 298 11.72 37.32 -26.32
N ARG D 299 10.98 38.07 -27.12
CA ARG D 299 9.53 38.28 -26.98
C ARG D 299 8.81 37.14 -27.71
N LEU D 300 7.77 36.60 -27.09
CA LEU D 300 6.95 35.49 -27.63
C LEU D 300 6.28 35.88 -28.98
N ASP D 301 5.99 37.16 -29.21
CA ASP D 301 5.36 37.61 -30.48
C ASP D 301 6.31 37.43 -31.68
N LYS D 302 7.58 37.11 -31.48
CA LYS D 302 8.49 36.81 -32.61
C LYS D 302 8.33 35.36 -33.08
N ILE D 303 7.53 34.56 -32.39
CA ILE D 303 7.31 33.13 -32.74
C ILE D 303 5.94 32.99 -33.42
N PRO D 304 5.92 32.77 -34.75
CA PRO D 304 4.66 32.74 -35.51
C PRO D 304 3.97 31.37 -35.57
N PHE D 305 3.74 30.78 -34.41
CA PHE D 305 2.92 29.56 -34.22
C PHE D 305 2.53 29.52 -32.75
N LEU D 306 1.54 28.69 -32.44
CA LEU D 306 1.01 28.53 -31.08
C LEU D 306 2.16 28.11 -30.17
N SER D 307 2.44 28.93 -29.16
CA SER D 307 3.53 28.72 -28.18
C SER D 307 3.26 29.59 -26.96
N ARG D 308 3.93 29.26 -25.86
CA ARG D 308 3.71 29.93 -24.56
C ARG D 308 5.06 30.10 -23.86
N LYS D 309 5.10 31.01 -22.89
CA LYS D 309 6.15 31.05 -21.85
C LYS D 309 5.51 30.64 -20.53
N TYR D 310 6.02 29.57 -19.92
CA TYR D 310 5.78 29.19 -18.50
C TYR D 310 7.12 29.22 -17.79
N TYR D 311 7.17 29.54 -16.49
CA TYR D 311 6.11 30.14 -15.73
C TYR D 311 6.52 31.58 -15.40
N LYS D 312 5.60 32.54 -15.49
CA LYS D 312 5.83 33.93 -15.04
C LYS D 312 6.21 33.85 -13.56
N PRO D 313 7.40 34.35 -13.15
CA PRO D 313 7.87 34.17 -11.78
C PRO D 313 6.84 34.69 -10.76
N LEU D 314 6.58 33.92 -9.72
CA LEU D 314 5.72 34.33 -8.58
C LEU D 314 6.36 35.54 -7.92
N ASP D 315 7.69 35.56 -7.82
CA ASP D 315 8.48 36.72 -7.38
C ASP D 315 9.37 37.17 -8.54
N LEU D 316 9.08 38.35 -9.07
CA LEU D 316 9.66 38.86 -10.35
C LEU D 316 11.08 39.38 -10.09
N SER D 317 11.45 39.55 -8.81
CA SER D 317 12.83 39.88 -8.35
C SER D 317 13.77 38.64 -8.44
N SER D 318 13.26 37.40 -8.52
CA SER D 318 14.11 36.17 -8.64
C SER D 318 14.84 36.14 -9.99
N PRO D 319 16.18 36.32 -10.06
CA PRO D 319 16.83 36.58 -11.35
C PRO D 319 16.99 35.36 -12.30
N VAL D 320 17.15 34.15 -11.75
CA VAL D 320 17.26 32.92 -12.59
C VAL D 320 15.87 32.58 -13.12
N SER D 321 14.83 32.68 -12.28
CA SER D 321 13.42 32.48 -12.70
C SER D 321 13.11 33.44 -13.85
N LEU D 322 13.40 34.72 -13.66
CA LEU D 322 13.12 35.75 -14.69
C LEU D 322 13.91 35.43 -15.97
N ASP D 323 15.20 35.12 -15.85
CA ASP D 323 16.06 34.73 -17.00
C ASP D 323 15.40 33.56 -17.74
N PHE D 324 14.94 32.53 -17.03
CA PHE D 324 14.31 31.34 -17.66
C PHE D 324 13.05 31.75 -18.43
N TYR D 325 12.21 32.60 -17.83
CA TYR D 325 10.93 33.08 -18.42
C TYR D 325 11.21 33.83 -19.73
N GLN D 326 12.21 34.71 -19.70
CA GLN D 326 12.57 35.57 -20.84
C GLN D 326 13.19 34.74 -21.98
N ARG D 327 13.75 33.57 -21.69
CA ARG D 327 14.48 32.77 -22.71
C ARG D 327 13.72 31.50 -23.09
N ILE D 328 12.66 31.14 -22.36
CA ILE D 328 11.94 29.86 -22.60
C ILE D 328 10.94 30.04 -23.75
N LEU D 329 10.74 28.97 -24.50
CA LEU D 329 9.67 28.76 -25.48
C LEU D 329 9.10 27.39 -25.20
N CYS D 330 7.81 27.34 -24.88
CA CYS D 330 7.06 26.08 -24.64
C CYS D 330 6.24 25.81 -25.90
N ILE D 331 6.51 24.67 -26.53
CA ILE D 331 5.88 24.26 -27.80
C ILE D 331 4.84 23.19 -27.49
N PRO D 332 3.72 23.15 -28.23
CA PRO D 332 2.75 22.08 -28.11
C PRO D 332 3.38 20.68 -28.19
N CYS D 333 2.91 19.80 -27.32
CA CYS D 333 3.33 18.37 -27.27
C CYS D 333 2.10 17.52 -26.97
N ASN D 334 1.54 16.84 -27.96
CA ASN D 334 0.31 16.05 -27.79
C ASN D 334 0.25 15.02 -28.91
N ILE D 335 -0.65 14.05 -28.75
CA ILE D 335 -0.77 12.88 -29.67
C ILE D 335 -1.45 13.28 -30.99
N ASP D 336 -1.89 14.52 -31.20
CA ASP D 336 -2.45 14.96 -32.51
C ASP D 336 -1.35 15.53 -33.42
N LEU D 337 -0.21 15.92 -32.87
CA LEU D 337 0.92 16.52 -33.61
C LEU D 337 1.49 15.52 -34.61
N THR D 338 1.66 15.94 -35.86
CA THR D 338 2.28 15.12 -36.93
C THR D 338 3.76 15.43 -36.96
N ASP D 339 4.56 14.54 -37.52
CA ASP D 339 6.01 14.81 -37.69
C ASP D 339 6.19 16.02 -38.61
N ARG D 340 5.29 16.17 -39.59
CA ARG D 340 5.31 17.29 -40.53
C ARG D 340 5.22 18.58 -39.71
N GLN D 341 4.28 18.64 -38.77
CA GLN D 341 4.09 19.88 -37.97
C GLN D 341 5.40 20.15 -37.21
N ILE D 342 6.01 19.11 -36.62
CA ILE D 342 7.23 19.25 -35.76
C ILE D 342 8.38 19.84 -36.60
N TYR D 343 8.68 19.30 -37.79
CA TYR D 343 9.79 19.77 -38.66
C TYR D 343 9.44 21.19 -39.17
N GLU D 344 8.15 21.50 -39.29
CA GLU D 344 7.67 22.85 -39.66
C GLU D 344 8.07 23.87 -38.57
N ILE D 345 7.78 23.50 -37.32
CA ILE D 345 8.16 24.28 -36.11
C ILE D 345 9.69 24.42 -36.07
N ILE D 346 10.44 23.34 -36.27
CA ILE D 346 11.94 23.37 -36.18
C ILE D 346 12.50 24.32 -37.26
N GLY D 347 11.96 24.28 -38.47
CA GLY D 347 12.29 25.22 -39.56
C GLY D 347 12.08 26.67 -39.17
N VAL D 348 10.90 26.99 -38.63
CA VAL D 348 10.55 28.35 -38.08
C VAL D 348 11.52 28.74 -36.95
N LEU D 349 11.92 27.81 -36.08
CA LEU D 349 12.81 28.14 -34.94
C LEU D 349 14.24 28.38 -35.46
N ASN D 350 14.66 27.64 -36.50
CA ASN D 350 16.01 27.80 -37.11
C ASN D 350 16.12 29.21 -37.68
N GLU D 351 15.09 29.63 -38.39
CA GLU D 351 14.95 31.00 -38.94
C GLU D 351 14.91 32.02 -37.80
N PHE D 352 14.09 31.82 -36.75
CA PHE D 352 14.04 32.75 -35.59
C PHE D 352 15.48 32.99 -35.08
N ALA D 353 16.28 31.93 -34.91
CA ALA D 353 17.66 32.00 -34.39
C ALA D 353 18.52 32.86 -35.31
N ASP D 354 18.45 32.67 -36.63
CA ASP D 354 19.26 33.46 -37.62
C ASP D 354 18.91 34.94 -37.52
N LYS D 355 17.66 35.28 -37.21
CA LYS D 355 17.14 36.68 -37.21
C LYS D 355 17.45 37.35 -35.87
N ASN D 356 17.77 36.61 -34.80
CA ASN D 356 17.78 37.16 -33.40
C ASN D 356 19.07 36.80 -32.66
#